data_5K8A
#
_entry.id   5K8A
#
_cell.length_a   149.156
_cell.length_b   149.203
_cell.length_c   195.032
_cell.angle_alpha   90.000
_cell.angle_beta   90.000
_cell.angle_gamma   90.000
#
_symmetry.space_group_name_H-M   'I 2 2 2'
#
loop_
_entity.id
_entity.type
_entity.pdbx_description
1 polymer 'humanized Fab Lite chain'
2 polymer 'Heavy chain'
3 water water
#
loop_
_entity_poly.entity_id
_entity_poly.type
_entity_poly.pdbx_seq_one_letter_code
_entity_poly.pdbx_strand_id
1 'polypeptide(L)'
;DIQMTQSPSTLSASVGDRVTITCSASSRVGYMHWYQQKPGKAPKLLIYDTSKLASGVPSRFSGSGSGTEFTLTISSLQPD
DFATYYCFQGSGYPFTFGGGTKVEIKRTVAAPSVFIFPPSDEQLKSGTASVVCLLNNFYPREAKVQWKVDNALQSGNSQE
SVTEQDSKDSTYSLSSTLTLSKADYEKHKVYACEVTHQGLSSPVTKSFNRGEC
;
L,M,A,E
2 'polypeptide(L)'
;(PCA)VTLRESGPALVKPTQTLTLTCTFSGFSLSTAGMSVGWIRQPPGKALEWLADIWWDDKKHYNPSLKDRLTISKDTS
KNQVVLKVTNMDPADTATYYCARDMIFNFYFDVWGQGTTVTVSSASTKGPSVFPLAPSSKSTSGGTAALGCLVKDYFPEP
VTVSWNSGALTSGVHTFPAVLQSSGLYSLSSVVTVPSSSLGTQTYICNVNHKPSNTKVDKRVEPKSCDKTH
;
H,V,B,F
#
# COMPACT_ATOMS: atom_id res chain seq x y z
N ASP A 1 11.82 17.55 40.66
CA ASP A 1 11.17 18.88 40.63
C ASP A 1 9.78 18.74 41.21
N ILE A 2 9.23 19.84 41.73
CA ILE A 2 7.85 19.80 42.21
C ILE A 2 6.91 19.78 41.03
N GLN A 3 6.19 18.66 40.91
CA GLN A 3 5.23 18.45 39.83
C GLN A 3 3.84 18.27 40.41
N MET A 4 2.83 18.60 39.62
CA MET A 4 1.45 18.55 40.08
C MET A 4 0.59 17.77 39.14
N THR A 5 -0.34 17.03 39.73
CA THR A 5 -1.47 16.41 39.02
C THR A 5 -2.70 17.28 39.26
N GLN A 6 -3.66 17.25 38.33
CA GLN A 6 -4.95 17.92 38.57
C GLN A 6 -6.07 16.95 38.36
N SER A 7 -7.07 16.98 39.25
CA SER A 7 -8.27 16.16 39.10
C SER A 7 -9.58 16.97 39.23
N PRO A 8 -10.62 16.70 38.42
CA PRO A 8 -10.62 15.80 37.26
C PRO A 8 -9.94 16.47 36.05
N SER A 9 -9.90 15.77 34.91
CA SER A 9 -9.29 16.33 33.70
C SER A 9 -10.29 17.20 32.94
N THR A 10 -11.56 16.80 33.02
CA THR A 10 -12.68 17.44 32.36
C THR A 10 -13.82 17.38 33.36
N LEU A 11 -14.58 18.45 33.44
CA LEU A 11 -15.73 18.54 34.32
C LEU A 11 -16.87 19.20 33.55
N SER A 12 -18.04 18.56 33.59
CA SER A 12 -19.29 19.14 33.12
C SER A 12 -20.26 19.38 34.29
N ALA A 13 -20.77 20.60 34.43
CA ALA A 13 -21.73 20.94 35.49
C ALA A 13 -22.72 22.03 35.04
N SER A 14 -23.89 22.08 35.67
CA SER A 14 -24.92 23.09 35.35
C SER A 14 -24.60 24.47 35.90
N VAL A 15 -25.29 25.47 35.36
CA VAL A 15 -25.23 26.82 35.90
C VAL A 15 -25.77 26.78 37.33
N GLY A 16 -25.08 27.42 38.27
CA GLY A 16 -25.47 27.39 39.70
C GLY A 16 -24.80 26.29 40.50
N ASP A 17 -24.37 25.19 39.85
CA ASP A 17 -23.69 24.06 40.54
C ASP A 17 -22.38 24.49 41.21
N ARG A 18 -22.07 23.85 42.34
CA ARG A 18 -20.76 23.99 43.00
C ARG A 18 -19.74 23.12 42.30
N VAL A 19 -18.59 23.71 41.95
CA VAL A 19 -17.56 22.98 41.23
C VAL A 19 -16.27 22.96 42.07
N THR A 20 -15.63 21.79 42.09
CA THR A 20 -14.40 21.59 42.84
C THR A 20 -13.34 20.93 41.96
N ILE A 21 -12.17 21.58 41.92
CA ILE A 21 -11.01 21.13 41.17
C ILE A 21 -9.86 21.01 42.17
N THR A 22 -9.16 19.88 42.13
CA THR A 22 -8.05 19.65 43.02
C THR A 22 -6.70 19.57 42.28
N CYS A 23 -5.66 19.95 42.99
CA CYS A 23 -4.27 19.91 42.53
C CYS A 23 -3.49 19.15 43.61
N SER A 24 -2.71 18.14 43.25
CA SER A 24 -1.83 17.46 44.22
C SER A 24 -0.37 17.52 43.80
N ALA A 25 0.45 18.16 44.62
CA ALA A 25 1.88 18.34 44.34
C ALA A 25 2.74 17.18 44.86
N SER A 26 3.85 16.91 44.19
CA SER A 26 4.79 15.85 44.53
C SER A 26 5.52 16.01 45.87
N SER A 27 5.59 17.24 46.37
CA SER A 27 6.10 17.58 47.70
C SER A 27 5.50 18.91 48.13
N ARG A 28 5.63 19.22 49.42
CA ARG A 28 4.94 20.37 49.97
C ARG A 28 5.43 21.66 49.35
N VAL A 29 4.50 22.53 48.99
CA VAL A 29 4.79 23.92 48.60
C VAL A 29 4.05 24.90 49.50
N GLY A 30 4.64 26.08 49.65
CA GLY A 30 4.17 27.09 50.57
C GLY A 30 2.92 27.79 50.09
N TYR A 31 2.81 27.96 48.77
CA TYR A 31 1.61 28.50 48.11
C TYR A 31 1.29 27.73 46.84
N MET A 32 0.02 27.67 46.48
CA MET A 32 -0.38 27.29 45.12
C MET A 32 -1.11 28.45 44.48
N HIS A 33 -0.98 28.57 43.18
CA HIS A 33 -1.66 29.66 42.45
C HIS A 33 -2.55 29.03 41.38
N TRP A 34 -3.52 29.78 40.86
CA TRP A 34 -4.42 29.25 39.88
C TRP A 34 -4.63 30.22 38.70
N TYR A 35 -4.62 29.64 37.49
CA TYR A 35 -4.90 30.36 36.27
C TYR A 35 -6.13 29.90 35.54
N GLN A 36 -6.83 30.86 34.95
CA GLN A 36 -7.97 30.58 34.09
C GLN A 36 -7.60 30.95 32.63
N GLN A 37 -7.75 29.98 31.76
CA GLN A 37 -7.47 30.17 30.36
C GLN A 37 -8.68 29.86 29.47
N LYS A 38 -9.18 30.92 28.87
CA LYS A 38 -10.17 30.81 27.81
C LYS A 38 -9.49 30.43 26.50
N PRO A 39 -10.17 29.65 25.63
CA PRO A 39 -9.58 29.30 24.33
C PRO A 39 -9.16 30.54 23.52
N GLY A 40 -7.95 30.49 22.94
CA GLY A 40 -7.37 31.60 22.18
C GLY A 40 -6.99 32.83 23.00
N LYS A 41 -6.75 32.64 24.30
CA LYS A 41 -6.35 33.74 25.18
C LYS A 41 -5.18 33.31 26.06
N ALA A 42 -4.39 34.29 26.49
CA ALA A 42 -3.39 34.13 27.53
C ALA A 42 -4.07 33.68 28.83
N PRO A 43 -3.38 32.84 29.62
CA PRO A 43 -3.90 32.57 30.95
C PRO A 43 -3.99 33.83 31.78
N LYS A 44 -5.00 33.85 32.65
CA LYS A 44 -5.23 34.97 33.55
C LYS A 44 -5.12 34.47 34.98
N LEU A 45 -4.36 35.20 35.79
CA LEU A 45 -4.29 34.93 37.23
C LEU A 45 -5.67 34.99 37.86
N LEU A 46 -6.01 33.92 38.54
CA LEU A 46 -7.36 33.78 39.11
C LEU A 46 -7.23 33.80 40.64
N ILE A 47 -6.43 32.89 41.19
CA ILE A 47 -6.13 32.85 42.63
C ILE A 47 -4.61 32.87 42.81
N TYR A 48 -4.13 33.72 43.72
CA TYR A 48 -2.72 33.70 44.09
C TYR A 48 -2.59 33.46 45.59
N ASP A 49 -1.43 32.95 45.98
CA ASP A 49 -1.02 32.68 47.35
C ASP A 49 -2.06 31.82 48.05
N THR A 50 -2.48 30.77 47.34
CA THR A 50 -3.47 29.75 47.76
C THR A 50 -4.91 30.22 47.90
N SER A 51 -5.14 31.32 48.60
CA SER A 51 -6.51 31.73 48.89
C SER A 51 -6.95 33.12 48.38
N LYS A 52 -6.03 33.90 47.82
CA LYS A 52 -6.34 35.30 47.47
C LYS A 52 -6.90 35.50 46.06
N LEU A 53 -7.98 36.28 45.94
CA LEU A 53 -8.59 36.54 44.64
C LEU A 53 -7.78 37.58 43.90
N ALA A 54 -7.44 37.30 42.64
CA ALA A 54 -6.77 38.29 41.79
C ALA A 54 -7.78 39.38 41.38
N SER A 55 -7.25 40.50 40.91
CA SER A 55 -8.04 41.67 40.53
C SER A 55 -9.08 41.35 39.45
N GLY A 56 -10.32 41.77 39.72
CA GLY A 56 -11.44 41.56 38.82
C GLY A 56 -12.14 40.22 38.93
N VAL A 57 -11.56 39.30 39.71
CA VAL A 57 -12.20 37.97 39.86
C VAL A 57 -13.44 38.06 40.77
N PRO A 58 -14.61 37.55 40.32
CA PRO A 58 -15.78 37.55 41.20
C PRO A 58 -15.63 36.62 42.42
N SER A 59 -16.37 36.92 43.49
CA SER A 59 -16.32 36.22 44.80
C SER A 59 -16.69 34.75 44.74
N ARG A 60 -17.49 34.41 43.73
CA ARG A 60 -17.75 33.07 43.23
C ARG A 60 -16.54 32.09 43.35
N PHE A 61 -15.34 32.56 42.97
CA PHE A 61 -14.12 31.72 43.01
C PHE A 61 -13.42 31.79 44.36
N SER A 62 -12.93 30.66 44.85
CA SER A 62 -12.11 30.66 46.09
C SER A 62 -11.10 29.52 46.07
N GLY A 63 -9.99 29.72 46.78
CA GLY A 63 -8.93 28.71 46.82
C GLY A 63 -8.56 28.35 48.25
N SER A 64 -8.11 27.12 48.44
CA SER A 64 -7.82 26.64 49.77
C SER A 64 -6.82 25.48 49.69
N GLY A 65 -6.23 25.14 50.84
CA GLY A 65 -5.42 23.91 50.94
C GLY A 65 -4.07 24.25 51.50
N SER A 66 -3.20 23.24 51.62
CA SER A 66 -1.85 23.40 52.16
C SER A 66 -1.07 22.14 51.89
N GLY A 67 0.25 22.23 52.00
CA GLY A 67 1.13 21.09 51.86
C GLY A 67 1.20 20.64 50.41
N THR A 68 0.48 19.57 50.07
CA THR A 68 0.49 19.04 48.71
C THR A 68 -0.86 19.11 48.04
N GLU A 69 -1.93 19.33 48.82
CA GLU A 69 -3.30 19.27 48.28
C GLU A 69 -3.99 20.62 48.30
N PHE A 70 -4.47 21.04 47.12
CA PHE A 70 -5.10 22.34 46.94
C PHE A 70 -6.39 22.22 46.16
N THR A 71 -7.27 23.18 46.40
CA THR A 71 -8.63 23.12 45.89
C THR A 71 -9.02 24.48 45.31
N LEU A 72 -9.50 24.50 44.07
CA LEU A 72 -10.20 25.65 43.52
C LEU A 72 -11.70 25.37 43.56
N THR A 73 -12.45 26.32 44.11
CA THR A 73 -13.89 26.19 44.27
C THR A 73 -14.60 27.30 43.53
N ILE A 74 -15.61 26.90 42.77
CA ILE A 74 -16.54 27.82 42.17
C ILE A 74 -17.88 27.49 42.83
N SER A 75 -18.36 28.40 43.65
CA SER A 75 -19.56 28.16 44.47
C SER A 75 -20.84 28.06 43.65
N SER A 76 -20.96 28.90 42.61
CA SER A 76 -22.12 28.93 41.74
C SER A 76 -21.71 29.14 40.27
N LEU A 77 -21.54 28.04 39.55
CA LEU A 77 -21.00 28.05 38.18
C LEU A 77 -21.85 28.86 37.20
N GLN A 78 -21.18 29.69 36.43
CA GLN A 78 -21.79 30.64 35.49
C GLN A 78 -21.31 30.34 34.06
N PRO A 79 -22.14 30.68 33.03
CA PRO A 79 -21.79 30.34 31.64
C PRO A 79 -20.39 30.85 31.24
N ASP A 80 -20.02 32.04 31.70
CA ASP A 80 -18.70 32.64 31.45
C ASP A 80 -17.50 31.93 32.18
N ASP A 81 -17.77 30.86 32.94
CA ASP A 81 -16.70 30.09 33.63
C ASP A 81 -16.12 28.90 32.82
N PHE A 82 -16.71 28.65 31.65
CA PHE A 82 -16.13 27.78 30.64
C PHE A 82 -14.67 28.23 30.40
N ALA A 83 -13.71 27.38 30.74
CA ALA A 83 -12.27 27.64 30.61
C ALA A 83 -11.52 26.37 30.94
N THR A 84 -10.20 26.41 30.72
CA THR A 84 -9.25 25.46 31.32
C THR A 84 -8.55 26.14 32.51
N TYR A 85 -8.52 25.45 33.66
CA TYR A 85 -7.92 25.99 34.88
C TYR A 85 -6.65 25.25 35.19
N TYR A 86 -5.58 26.00 35.47
CA TYR A 86 -4.29 25.37 35.80
C TYR A 86 -3.83 25.80 37.18
N CYS A 87 -3.35 24.84 37.97
CA CYS A 87 -2.55 25.23 39.12
C CYS A 87 -1.09 25.50 38.70
N PHE A 88 -0.40 26.27 39.52
CA PHE A 88 0.96 26.73 39.27
C PHE A 88 1.70 26.86 40.59
N GLN A 89 2.88 26.23 40.69
CA GLN A 89 3.78 26.52 41.81
C GLN A 89 4.99 27.39 41.35
N GLY A 90 5.33 28.39 42.13
CA GLY A 90 6.55 29.19 41.91
C GLY A 90 7.46 29.22 43.14
N SER A 91 7.28 28.23 44.00
CA SER A 91 8.04 28.10 45.26
C SER A 91 9.51 27.69 45.05
N GLY A 92 9.77 26.96 43.98
CA GLY A 92 11.12 26.48 43.67
C GLY A 92 11.25 26.23 42.20
N TYR A 93 12.49 26.30 41.71
CA TYR A 93 12.82 26.04 40.31
C TYR A 93 12.96 24.55 40.03
N PRO A 94 12.49 24.06 38.88
CA PRO A 94 11.79 24.83 37.85
C PRO A 94 10.35 25.18 38.27
N PHE A 95 9.80 26.30 37.80
CA PHE A 95 8.36 26.58 37.97
C PHE A 95 7.54 25.54 37.22
N THR A 96 6.38 25.17 37.77
CA THR A 96 5.58 24.12 37.12
C THR A 96 4.08 24.38 37.12
N PHE A 97 3.38 23.83 36.15
CA PHE A 97 1.93 23.96 35.99
C PHE A 97 1.34 22.56 36.08
N GLY A 98 0.17 22.42 36.70
CA GLY A 98 -0.61 21.19 36.63
C GLY A 98 -1.07 20.86 35.21
N GLY A 99 -1.64 19.68 35.01
CA GLY A 99 -2.10 19.25 33.66
C GLY A 99 -3.31 20.01 33.11
N GLY A 100 -4.03 20.74 33.95
CA GLY A 100 -5.22 21.47 33.50
C GLY A 100 -6.54 20.74 33.76
N THR A 101 -7.60 21.50 34.01
CA THR A 101 -8.95 20.97 34.12
C THR A 101 -9.83 21.85 33.25
N LYS A 102 -10.52 21.23 32.30
CA LYS A 102 -11.43 21.95 31.43
C LYS A 102 -12.86 21.87 31.96
N VAL A 103 -13.46 23.03 32.18
CA VAL A 103 -14.80 23.06 32.76
C VAL A 103 -15.73 23.42 31.63
N GLU A 104 -16.75 22.58 31.38
CA GLU A 104 -17.82 22.89 30.43
C GLU A 104 -19.16 23.03 31.14
N ILE A 105 -20.08 23.81 30.58
CA ILE A 105 -21.39 24.08 31.17
C ILE A 105 -22.42 23.07 30.62
N LYS A 106 -23.10 22.37 31.53
CA LYS A 106 -24.25 21.55 31.16
C LYS A 106 -25.50 22.45 31.04
N ARG A 107 -26.23 22.29 29.93
CA ARG A 107 -27.37 23.12 29.57
C ARG A 107 -28.49 22.17 29.12
N THR A 108 -29.71 22.69 28.96
CA THR A 108 -30.80 21.93 28.33
C THR A 108 -30.50 21.71 26.84
N VAL A 109 -31.03 20.61 26.30
CA VAL A 109 -30.91 20.24 24.88
C VAL A 109 -31.44 21.38 23.98
N ALA A 110 -30.62 21.82 23.00
CA ALA A 110 -31.07 22.69 21.93
C ALA A 110 -30.67 22.14 20.56
N ALA A 111 -31.68 22.08 19.70
CA ALA A 111 -31.58 21.58 18.33
C ALA A 111 -30.74 22.54 17.48
N PRO A 112 -29.88 21.99 16.61
CA PRO A 112 -29.15 22.89 15.68
C PRO A 112 -30.07 23.51 14.62
N SER A 113 -29.80 24.76 14.24
CA SER A 113 -30.34 25.23 12.97
C SER A 113 -29.34 24.82 11.89
N VAL A 114 -29.86 24.36 10.76
CA VAL A 114 -29.04 23.81 9.70
C VAL A 114 -29.07 24.68 8.43
N PHE A 115 -27.88 24.98 7.91
CA PHE A 115 -27.67 25.91 6.80
C PHE A 115 -26.70 25.25 5.81
N ILE A 116 -26.97 25.35 4.51
CA ILE A 116 -26.06 24.83 3.46
C ILE A 116 -25.57 25.96 2.53
N PHE A 117 -24.29 25.90 2.11
CA PHE A 117 -23.75 26.83 1.10
C PHE A 117 -23.09 26.07 -0.06
N PRO A 118 -23.60 26.27 -1.30
CA PRO A 118 -22.91 25.74 -2.49
C PRO A 118 -21.55 26.46 -2.63
N PRO A 119 -20.59 25.88 -3.41
CA PRO A 119 -19.35 26.65 -3.66
C PRO A 119 -19.66 27.96 -4.38
N SER A 120 -18.85 28.99 -4.14
CA SER A 120 -18.92 30.20 -4.93
C SER A 120 -18.45 29.90 -6.36
N ASP A 121 -18.89 30.74 -7.30
CA ASP A 121 -18.33 30.75 -8.65
C ASP A 121 -16.85 31.13 -8.71
N GLU A 122 -16.40 31.97 -7.75
CA GLU A 122 -14.98 32.32 -7.61
C GLU A 122 -14.10 31.11 -7.25
N GLN A 123 -14.55 30.28 -6.31
CA GLN A 123 -13.82 29.04 -6.00
C GLN A 123 -13.78 28.06 -7.18
N LEU A 124 -14.90 27.96 -7.90
CA LEU A 124 -15.04 27.06 -9.03
C LEU A 124 -14.12 27.43 -10.19
N LYS A 125 -13.98 28.74 -10.47
CA LYS A 125 -12.97 29.24 -11.42
C LYS A 125 -11.53 28.88 -11.00
N SER A 126 -11.21 29.02 -9.72
CA SER A 126 -9.90 28.64 -9.17
C SER A 126 -9.64 27.10 -9.09
N GLY A 127 -10.63 26.30 -9.49
CA GLY A 127 -10.46 24.85 -9.69
C GLY A 127 -10.90 23.85 -8.64
N THR A 128 -11.42 24.32 -7.50
CA THR A 128 -11.97 23.44 -6.44
C THR A 128 -13.44 23.77 -6.09
N ALA A 129 -14.10 22.87 -5.38
CA ALA A 129 -15.47 23.11 -4.91
C ALA A 129 -15.61 22.65 -3.48
N SER A 130 -15.98 23.58 -2.60
CA SER A 130 -16.19 23.30 -1.18
C SER A 130 -17.67 23.53 -0.86
N VAL A 131 -18.34 22.50 -0.35
CA VAL A 131 -19.74 22.65 0.09
C VAL A 131 -19.77 22.72 1.62
N VAL A 132 -20.35 23.77 2.15
CA VAL A 132 -20.29 23.98 3.58
C VAL A 132 -21.67 23.80 4.19
N CYS A 133 -21.72 22.96 5.21
CA CYS A 133 -22.93 22.79 6.01
C CYS A 133 -22.70 23.33 7.41
N LEU A 134 -23.58 24.23 7.85
CA LEU A 134 -23.48 24.88 9.16
C LEU A 134 -24.60 24.44 10.11
N LEU A 135 -24.19 23.99 11.31
CA LEU A 135 -25.10 23.69 12.40
C LEU A 135 -24.85 24.74 13.43
N ASN A 136 -25.90 25.48 13.79
CA ASN A 136 -25.70 26.62 14.65
C ASN A 136 -26.45 26.49 15.98
N ASN A 137 -25.78 26.91 17.06
CA ASN A 137 -26.36 27.12 18.41
C ASN A 137 -27.12 25.92 19.00
N PHE A 138 -26.39 24.83 19.24
CA PHE A 138 -27.01 23.60 19.67
C PHE A 138 -26.26 23.03 20.89
N TYR A 139 -26.91 22.06 21.55
CA TYR A 139 -26.41 21.39 22.78
C TYR A 139 -27.18 20.07 22.93
N PRO A 140 -26.51 18.94 23.21
CA PRO A 140 -25.04 18.85 23.45
C PRO A 140 -24.17 18.87 22.19
N ARG A 141 -22.85 18.85 22.40
CA ARG A 141 -21.81 18.97 21.37
C ARG A 141 -21.89 17.87 20.31
N GLU A 142 -22.23 16.65 20.75
CA GLU A 142 -22.30 15.46 19.88
C GLU A 142 -23.36 15.63 18.79
N ALA A 143 -22.93 15.43 17.54
CA ALA A 143 -23.78 15.60 16.38
C ALA A 143 -23.19 14.81 15.22
N LYS A 144 -24.05 14.11 14.48
CA LYS A 144 -23.66 13.39 13.27
C LYS A 144 -24.10 14.17 12.03
N VAL A 145 -23.15 14.42 11.13
CA VAL A 145 -23.45 15.05 9.85
C VAL A 145 -22.99 14.10 8.74
N GLN A 146 -23.88 13.83 7.79
CA GLN A 146 -23.58 12.96 6.66
C GLN A 146 -23.86 13.65 5.35
N TRP A 147 -22.94 13.51 4.42
CA TRP A 147 -23.10 14.06 3.11
C TRP A 147 -23.57 12.99 2.17
N LYS A 148 -24.54 13.39 1.36
CA LYS A 148 -25.03 12.59 0.24
C LYS A 148 -24.91 13.34 -1.07
N VAL A 149 -24.33 12.69 -2.07
CA VAL A 149 -24.13 13.32 -3.37
C VAL A 149 -24.73 12.40 -4.40
N ASP A 150 -25.79 12.88 -5.05
CA ASP A 150 -26.61 12.05 -5.95
C ASP A 150 -26.99 10.73 -5.27
N ASN A 151 -27.41 10.85 -4.02
CA ASN A 151 -27.85 9.72 -3.19
C ASN A 151 -26.76 8.69 -2.86
N ALA A 152 -25.48 9.07 -3.08
CA ALA A 152 -24.32 8.29 -2.60
C ALA A 152 -23.79 8.91 -1.31
N LEU A 153 -23.62 8.09 -0.27
CA LEU A 153 -23.03 8.55 0.98
C LEU A 153 -21.54 8.72 0.80
N GLN A 154 -21.05 9.92 1.15
CA GLN A 154 -19.64 10.29 1.02
C GLN A 154 -18.83 9.86 2.22
N SER A 155 -17.56 9.52 1.97
CA SER A 155 -16.59 9.21 3.02
C SER A 155 -15.21 9.74 2.66
N GLY A 156 -14.56 10.36 3.65
CA GLY A 156 -13.16 10.79 3.56
C GLY A 156 -12.84 12.03 2.75
N ASN A 157 -13.87 12.81 2.40
CA ASN A 157 -13.71 14.08 1.68
C ASN A 157 -14.42 15.25 2.40
N SER A 158 -14.84 15.01 3.64
CA SER A 158 -15.47 16.03 4.46
C SER A 158 -14.80 16.17 5.82
N GLN A 159 -14.63 17.41 6.25
CA GLN A 159 -14.03 17.73 7.54
C GLN A 159 -14.97 18.57 8.40
N GLU A 160 -14.86 18.40 9.71
CA GLU A 160 -15.68 19.11 10.67
C GLU A 160 -14.82 20.00 11.51
N SER A 161 -15.42 21.09 11.95
CA SER A 161 -14.80 21.95 12.93
C SER A 161 -15.89 22.48 13.87
N VAL A 162 -15.57 22.58 15.15
CA VAL A 162 -16.59 22.94 16.14
C VAL A 162 -16.06 24.06 17.02
N THR A 163 -16.88 25.10 17.19
CA THR A 163 -16.57 26.21 18.08
C THR A 163 -16.39 25.74 19.52
N GLU A 164 -15.69 26.57 20.27
CA GLU A 164 -15.62 26.39 21.72
C GLU A 164 -16.97 26.81 22.28
N GLN A 165 -17.40 26.16 23.34
CA GLN A 165 -18.69 26.48 23.98
C GLN A 165 -18.86 27.98 24.16
N ASP A 166 -20.03 28.50 23.77
CA ASP A 166 -20.35 29.92 23.83
C ASP A 166 -20.47 30.44 25.28
N SER A 167 -19.78 31.55 25.56
CA SER A 167 -19.63 32.07 26.95
C SER A 167 -20.90 32.71 27.57
N LYS A 168 -21.91 32.99 26.73
CA LYS A 168 -23.22 33.46 27.23
C LYS A 168 -24.32 32.39 27.25
N ASP A 169 -24.49 31.65 26.15
CA ASP A 169 -25.63 30.71 26.04
C ASP A 169 -25.27 29.23 26.11
N SER A 170 -23.97 28.94 26.25
CA SER A 170 -23.42 27.57 26.42
C SER A 170 -23.63 26.59 25.27
N THR A 171 -24.03 27.10 24.10
CA THR A 171 -24.23 26.26 22.91
C THR A 171 -22.98 26.18 22.06
N TYR A 172 -22.96 25.18 21.18
CA TYR A 172 -21.91 24.96 20.20
C TYR A 172 -22.39 25.32 18.80
N SER A 173 -21.44 25.53 17.89
CA SER A 173 -21.71 25.53 16.47
C SER A 173 -20.71 24.64 15.73
N LEU A 174 -21.09 24.12 14.57
CA LEU A 174 -20.26 23.18 13.84
C LEU A 174 -20.28 23.52 12.35
N SER A 175 -19.14 23.32 11.69
CA SER A 175 -19.07 23.40 10.22
C SER A 175 -18.67 22.04 9.74
N SER A 176 -19.37 21.56 8.71
CA SER A 176 -18.93 20.42 7.95
C SER A 176 -18.71 20.83 6.51
N THR A 177 -17.50 20.57 6.02
CA THR A 177 -17.07 21.06 4.74
C THR A 177 -16.76 19.89 3.84
N LEU A 178 -17.50 19.78 2.75
CA LEU A 178 -17.26 18.73 1.78
C LEU A 178 -16.39 19.33 0.68
N THR A 179 -15.26 18.69 0.39
CA THR A 179 -14.39 19.18 -0.68
C THR A 179 -14.28 18.18 -1.82
N LEU A 180 -14.45 18.68 -3.04
CA LEU A 180 -14.25 17.91 -4.27
C LEU A 180 -13.46 18.76 -5.25
N SER A 181 -12.96 18.14 -6.33
CA SER A 181 -12.45 18.91 -7.47
C SER A 181 -13.65 19.48 -8.23
N LYS A 182 -13.41 20.55 -8.99
CA LYS A 182 -14.43 21.13 -9.88
C LYS A 182 -15.05 20.07 -10.82
N ALA A 183 -14.21 19.16 -11.32
CA ALA A 183 -14.64 18.09 -12.22
C ALA A 183 -15.65 17.13 -11.59
N ASP A 184 -15.35 16.67 -10.37
CA ASP A 184 -16.25 15.81 -9.61
C ASP A 184 -17.55 16.54 -9.22
N TYR A 185 -17.45 17.84 -8.89
CA TYR A 185 -18.61 18.64 -8.50
C TYR A 185 -19.63 18.80 -9.63
N GLU A 186 -19.12 19.09 -10.84
CA GLU A 186 -19.95 19.34 -12.02
C GLU A 186 -20.62 18.10 -12.61
N LYS A 187 -20.19 16.92 -12.15
CA LYS A 187 -20.73 15.62 -12.56
C LYS A 187 -22.07 15.29 -11.91
N HIS A 188 -22.37 15.98 -10.81
CA HIS A 188 -23.47 15.61 -9.91
C HIS A 188 -24.48 16.73 -9.67
N LYS A 189 -25.73 16.33 -9.41
CA LYS A 189 -26.83 17.27 -9.22
C LYS A 189 -27.13 17.57 -7.75
N VAL A 190 -27.49 16.54 -6.99
CA VAL A 190 -28.08 16.72 -5.64
C VAL A 190 -27.00 16.64 -4.57
N TYR A 191 -26.85 17.75 -3.82
CA TYR A 191 -25.94 17.83 -2.69
C TYR A 191 -26.72 18.07 -1.41
N ALA A 192 -26.59 17.13 -0.46
CA ALA A 192 -27.40 17.05 0.74
C ALA A 192 -26.54 16.79 1.96
N CYS A 193 -26.78 17.60 2.98
CA CYS A 193 -26.17 17.50 4.29
C CYS A 193 -27.28 17.01 5.23
N GLU A 194 -27.06 15.84 5.85
CA GLU A 194 -28.03 15.22 6.75
C GLU A 194 -27.50 15.19 8.17
N VAL A 195 -28.33 15.69 9.08
CA VAL A 195 -27.92 16.02 10.45
C VAL A 195 -28.73 15.25 11.49
N THR A 196 -28.02 14.52 12.35
CA THR A 196 -28.63 13.79 13.46
C THR A 196 -28.14 14.45 14.74
N HIS A 197 -29.08 14.65 15.67
CA HIS A 197 -28.81 15.26 16.97
C HIS A 197 -29.90 14.88 17.97
N GLN A 198 -29.57 14.93 19.25
CA GLN A 198 -30.49 14.66 20.36
C GLN A 198 -31.76 15.54 20.29
N GLY A 199 -31.61 16.80 19.92
CA GLY A 199 -32.72 17.75 19.87
C GLY A 199 -33.65 17.68 18.67
N LEU A 200 -33.35 16.78 17.73
CA LEU A 200 -34.19 16.53 16.56
C LEU A 200 -34.68 15.09 16.64
N SER A 201 -36.00 14.91 16.67
CA SER A 201 -36.62 13.57 16.77
C SER A 201 -36.34 12.64 15.56
N SER A 202 -36.19 13.25 14.39
CA SER A 202 -35.68 12.56 13.19
C SER A 202 -34.59 13.43 12.53
N PRO A 203 -33.63 12.81 11.81
CA PRO A 203 -32.61 13.54 11.02
C PRO A 203 -33.15 14.71 10.18
N VAL A 204 -32.38 15.79 10.06
CA VAL A 204 -32.74 16.96 9.23
C VAL A 204 -31.80 17.04 8.01
N THR A 205 -32.38 17.22 6.82
CA THR A 205 -31.62 17.33 5.56
C THR A 205 -31.79 18.71 4.92
N LYS A 206 -30.68 19.38 4.62
CA LYS A 206 -30.68 20.54 3.74
C LYS A 206 -29.92 20.15 2.48
N SER A 207 -30.48 20.52 1.34
CA SER A 207 -29.92 20.10 0.06
C SER A 207 -30.19 21.14 -0.98
N PHE A 208 -29.40 21.11 -2.04
CA PHE A 208 -29.59 21.96 -3.20
C PHE A 208 -29.32 21.16 -4.46
N ASN A 209 -29.84 21.64 -5.58
CA ASN A 209 -29.49 21.13 -6.88
C ASN A 209 -28.46 22.05 -7.48
N ARG A 210 -27.34 21.46 -7.91
CA ARG A 210 -26.24 22.20 -8.52
C ARG A 210 -26.70 22.96 -9.77
N GLY A 211 -26.42 24.26 -9.81
CA GLY A 211 -26.70 25.10 -10.98
C GLY A 211 -27.89 26.04 -10.89
N GLU A 212 -28.81 25.77 -9.97
CA GLU A 212 -29.98 26.63 -9.75
C GLU A 212 -29.64 27.83 -8.87
N CYS A 213 -30.53 28.84 -8.88
CA CYS A 213 -30.40 30.06 -8.07
C CYS A 213 -30.55 29.77 -6.57
N VAL B 2 0.79 47.98 32.87
CA VAL B 2 1.82 46.98 32.57
C VAL B 2 1.36 46.16 31.36
N THR B 3 2.18 46.11 30.31
CA THR B 3 1.82 45.39 29.07
C THR B 3 3.05 44.66 28.58
N LEU B 4 2.86 43.53 27.90
CA LEU B 4 3.97 42.79 27.27
C LEU B 4 3.45 42.24 25.95
N ARG B 5 4.33 42.12 24.97
CA ARG B 5 3.95 41.70 23.63
C ARG B 5 5.09 40.86 23.06
N GLU B 6 4.76 39.65 22.59
CA GLU B 6 5.73 38.72 22.00
C GLU B 6 5.76 38.93 20.51
N SER B 7 6.96 38.81 19.93
CA SER B 7 7.15 38.86 18.49
C SER B 7 8.18 37.81 18.09
N GLY B 8 8.09 37.37 16.84
CA GLY B 8 9.02 36.43 16.31
C GLY B 8 8.42 35.81 15.07
N PRO B 9 9.18 34.95 14.38
CA PRO B 9 8.65 34.30 13.19
C PRO B 9 7.51 33.31 13.50
N ALA B 10 6.52 33.27 12.64
CA ALA B 10 5.45 32.24 12.68
C ALA B 10 5.92 30.82 12.34
N LEU B 11 7.02 30.74 11.62
CA LEU B 11 7.47 29.51 10.98
C LEU B 11 8.98 29.35 11.18
N VAL B 12 9.41 28.19 11.62
CA VAL B 12 10.85 27.86 11.68
C VAL B 12 11.02 26.44 11.13
N LYS B 13 12.13 26.21 10.44
CA LYS B 13 12.44 24.92 9.90
C LYS B 13 13.05 24.07 11.00
N PRO B 14 12.80 22.74 10.96
CA PRO B 14 13.45 21.77 11.82
C PRO B 14 14.99 21.94 11.82
N THR B 15 15.60 21.89 13.01
CA THR B 15 17.07 22.09 13.28
C THR B 15 17.53 23.57 13.35
N GLN B 16 16.67 24.49 12.93
CA GLN B 16 16.99 25.92 12.97
C GLN B 16 16.72 26.50 14.36
N THR B 17 17.22 27.71 14.57
CA THR B 17 17.06 28.45 15.81
C THR B 17 15.84 29.37 15.75
N LEU B 18 15.14 29.46 16.87
CA LEU B 18 14.06 30.41 17.05
C LEU B 18 14.49 31.55 17.94
N THR B 19 14.21 32.76 17.50
CA THR B 19 14.42 33.93 18.29
C THR B 19 13.11 34.66 18.53
N LEU B 20 12.75 34.78 19.81
CA LEU B 20 11.55 35.49 20.24
C LEU B 20 11.95 36.69 21.05
N THR B 21 11.22 37.78 20.86
CA THR B 21 11.38 38.99 21.61
C THR B 21 10.07 39.36 22.33
N CYS B 22 10.22 39.72 23.60
CA CYS B 22 9.17 40.26 24.40
C CYS B 22 9.44 41.75 24.61
N THR B 23 8.52 42.60 24.15
CA THR B 23 8.62 44.04 24.39
C THR B 23 7.57 44.41 25.42
N PHE B 24 8.04 45.10 26.46
CA PHE B 24 7.19 45.43 27.60
C PHE B 24 7.17 46.92 27.87
N SER B 25 6.08 47.40 28.46
CA SER B 25 6.02 48.75 29.02
C SER B 25 5.17 48.78 30.29
N GLY B 26 5.17 49.94 30.95
CA GLY B 26 4.46 50.14 32.22
C GLY B 26 5.28 49.65 33.40
N PHE B 27 6.46 49.11 33.11
CA PHE B 27 7.44 48.71 34.14
C PHE B 27 8.84 48.64 33.52
N SER B 28 9.86 48.63 34.37
CA SER B 28 11.25 48.55 33.95
C SER B 28 11.95 47.32 34.52
N LEU B 29 12.78 46.67 33.71
CA LEU B 29 13.55 45.52 34.17
C LEU B 29 14.93 45.92 34.76
N SER B 30 15.08 47.18 35.13
CA SER B 30 16.19 47.60 36.00
C SER B 30 15.69 47.79 37.43
N THR B 31 14.36 47.78 37.61
CA THR B 31 13.75 48.00 38.92
C THR B 31 14.00 46.76 39.77
N ALA B 32 14.53 46.96 40.98
CA ALA B 32 14.86 45.85 41.88
C ALA B 32 13.63 44.97 42.11
N GLY B 33 13.81 43.65 41.95
CA GLY B 33 12.73 42.67 42.18
C GLY B 33 11.96 42.18 40.96
N MET B 34 12.26 42.77 39.80
CA MET B 34 11.53 42.52 38.56
C MET B 34 12.10 41.35 37.74
N SER B 35 11.21 40.58 37.12
CA SER B 35 11.53 39.44 36.30
C SER B 35 10.56 39.37 35.10
N VAL B 36 11.07 38.85 33.98
CA VAL B 36 10.22 38.49 32.85
C VAL B 36 10.47 37.00 32.60
N GLY B 37 9.40 36.26 32.32
CA GLY B 37 9.48 34.82 32.12
C GLY B 37 8.88 34.39 30.81
N TRP B 38 9.34 33.24 30.30
CA TRP B 38 8.78 32.66 29.11
C TRP B 38 8.05 31.33 29.40
N ILE B 39 6.84 31.23 28.86
CA ILE B 39 5.97 30.04 29.05
C ILE B 39 5.47 29.62 27.66
N ARG B 40 5.43 28.32 27.38
CA ARG B 40 4.82 27.86 26.13
C ARG B 40 3.67 26.89 26.33
N GLN B 41 2.92 26.66 25.24
CA GLN B 41 1.77 25.81 25.21
C GLN B 41 1.57 25.19 23.84
N PRO B 42 1.89 23.89 23.71
CA PRO B 42 1.61 23.15 22.50
C PRO B 42 0.10 23.10 22.23
N PRO B 43 -0.31 23.00 20.95
CA PRO B 43 -1.73 22.94 20.62
C PRO B 43 -2.53 21.96 21.50
N GLY B 44 -3.40 22.50 22.36
CA GLY B 44 -4.27 21.72 23.26
C GLY B 44 -3.59 20.92 24.37
N LYS B 45 -2.37 21.31 24.74
CA LYS B 45 -1.64 20.64 25.83
C LYS B 45 -1.45 21.62 27.01
N ALA B 46 -0.73 21.21 28.04
CA ALA B 46 -0.58 22.02 29.25
C ALA B 46 0.48 23.10 29.06
N LEU B 47 0.36 24.16 29.85
CA LEU B 47 1.36 25.22 29.91
C LEU B 47 2.65 24.61 30.40
N GLU B 48 3.79 25.06 29.86
CA GLU B 48 5.12 24.60 30.28
C GLU B 48 6.03 25.83 30.45
N TRP B 49 6.58 26.03 31.64
CA TRP B 49 7.54 27.12 31.91
C TRP B 49 8.90 26.82 31.27
N LEU B 50 9.49 27.84 30.65
CA LEU B 50 10.75 27.65 29.90
C LEU B 50 11.93 28.33 30.57
N ALA B 51 11.80 29.61 30.81
CA ALA B 51 12.91 30.42 31.33
C ALA B 51 12.46 31.67 32.03
N ASP B 52 13.37 32.24 32.82
CA ASP B 52 13.19 33.58 33.30
C ASP B 52 14.52 34.33 33.44
N ILE B 53 14.40 35.66 33.46
CA ILE B 53 15.50 36.56 33.72
C ILE B 53 15.08 37.59 34.77
N TRP B 54 16.06 38.01 35.59
CA TRP B 54 15.85 38.96 36.69
C TRP B 54 16.63 40.29 36.51
N TRP B 55 16.22 41.33 37.24
CA TRP B 55 16.83 42.68 37.14
C TRP B 55 18.35 42.64 37.32
N ASP B 56 18.85 41.66 38.10
CA ASP B 56 20.28 41.50 38.39
C ASP B 56 21.00 40.55 37.42
N ASP B 57 20.29 40.20 36.34
CA ASP B 57 20.75 39.29 35.28
C ASP B 57 20.87 37.80 35.68
N LYS B 58 20.36 37.44 36.87
CA LYS B 58 20.20 36.01 37.23
C LYS B 58 19.24 35.38 36.21
N LYS B 59 19.61 34.22 35.69
CA LYS B 59 18.79 33.44 34.75
C LYS B 59 18.45 32.07 35.31
N HIS B 60 17.27 31.54 34.93
CA HIS B 60 16.88 30.17 35.23
C HIS B 60 16.24 29.55 34.00
N TYR B 61 16.44 28.25 33.85
CA TYR B 61 15.95 27.46 32.75
C TYR B 61 15.24 26.19 33.22
N ASN B 62 14.25 25.79 32.46
CA ASN B 62 13.65 24.48 32.62
C ASN B 62 14.73 23.42 32.27
N PRO B 63 15.00 22.48 33.20
CA PRO B 63 16.13 21.55 33.08
C PRO B 63 16.06 20.63 31.86
N SER B 64 14.85 20.27 31.42
CA SER B 64 14.73 19.43 30.22
C SER B 64 15.16 20.12 28.91
N LEU B 65 15.02 21.44 28.88
CA LEU B 65 15.34 22.26 27.71
C LEU B 65 16.63 23.10 27.85
N LYS B 66 17.25 23.07 29.04
CA LYS B 66 18.39 23.97 29.37
C LYS B 66 19.49 24.08 28.30
N ASP B 67 19.84 22.94 27.69
CA ASP B 67 20.90 22.89 26.69
C ASP B 67 20.56 23.65 25.41
N ARG B 68 19.29 23.95 25.22
CA ARG B 68 18.78 24.53 23.99
C ARG B 68 18.35 26.00 24.12
N LEU B 69 18.27 26.51 25.36
CA LEU B 69 17.74 27.85 25.67
C LEU B 69 18.80 28.87 26.09
N THR B 70 18.58 30.13 25.69
CA THR B 70 19.35 31.28 26.18
C THR B 70 18.39 32.46 26.29
N ILE B 71 18.33 33.04 27.49
CA ILE B 71 17.52 34.21 27.77
C ILE B 71 18.46 35.41 27.94
N SER B 72 18.06 36.56 27.40
CA SER B 72 18.89 37.76 27.48
C SER B 72 18.00 39.00 27.64
N LYS B 73 18.56 40.08 28.18
CA LYS B 73 17.81 41.32 28.37
C LYS B 73 18.53 42.49 27.75
N ASP B 74 17.75 43.43 27.22
CA ASP B 74 18.20 44.78 26.90
C ASP B 74 17.28 45.79 27.60
N THR B 75 17.66 46.17 28.84
CA THR B 75 16.95 47.19 29.65
C THR B 75 16.65 48.45 28.83
N SER B 76 17.67 48.88 28.07
CA SER B 76 17.66 50.09 27.23
C SER B 76 16.59 50.13 26.13
N LYS B 77 16.02 48.98 25.78
CA LYS B 77 14.96 48.88 24.76
C LYS B 77 13.67 48.21 25.31
N ASN B 78 13.63 47.98 26.62
CA ASN B 78 12.55 47.26 27.30
C ASN B 78 12.21 45.92 26.57
N GLN B 79 13.26 45.12 26.41
CA GLN B 79 13.18 43.88 25.66
C GLN B 79 13.86 42.72 26.35
N VAL B 80 13.24 41.54 26.25
CA VAL B 80 13.85 40.29 26.67
C VAL B 80 13.80 39.34 25.46
N VAL B 81 14.92 38.64 25.20
CA VAL B 81 14.99 37.69 24.10
C VAL B 81 15.15 36.25 24.60
N LEU B 82 14.46 35.31 23.94
CA LEU B 82 14.68 33.90 24.16
C LEU B 82 15.10 33.29 22.83
N LYS B 83 16.21 32.55 22.87
CA LYS B 83 16.72 31.76 21.77
C LYS B 83 16.51 30.30 22.11
N VAL B 84 15.89 29.57 21.18
CA VAL B 84 15.69 28.14 21.27
C VAL B 84 16.42 27.52 20.07
N THR B 85 17.47 26.73 20.32
CA THR B 85 18.23 26.08 19.23
C THR B 85 17.61 24.72 18.90
N ASN B 86 17.90 24.25 17.68
CA ASN B 86 17.60 22.90 17.21
C ASN B 86 16.09 22.60 17.33
N MET B 87 15.27 23.49 16.79
CA MET B 87 13.82 23.38 16.84
C MET B 87 13.34 22.11 16.16
N ASP B 88 12.37 21.45 16.78
CA ASP B 88 11.81 20.20 16.24
C ASP B 88 10.26 20.22 16.37
N PRO B 89 9.53 19.23 15.81
CA PRO B 89 8.06 19.34 15.83
C PRO B 89 7.39 19.53 17.21
N ALA B 90 7.98 18.95 18.26
CA ALA B 90 7.53 19.16 19.66
C ALA B 90 7.63 20.60 20.14
N ASP B 91 8.43 21.44 19.46
CA ASP B 91 8.51 22.86 19.83
C ASP B 91 7.43 23.74 19.18
N THR B 92 6.54 23.15 18.37
CA THR B 92 5.39 23.91 17.82
C THR B 92 4.48 24.25 19.00
N ALA B 93 4.18 25.54 19.17
CA ALA B 93 3.42 26.00 20.37
C ALA B 93 3.09 27.47 20.27
N THR B 94 2.23 27.94 21.17
CA THR B 94 2.07 29.33 21.47
C THR B 94 3.09 29.71 22.56
N TYR B 95 3.88 30.75 22.32
CA TYR B 95 4.93 31.24 23.25
C TYR B 95 4.50 32.53 23.96
N TYR B 96 4.54 32.49 25.30
CA TYR B 96 4.10 33.62 26.11
C TYR B 96 5.23 34.21 26.92
N CYS B 97 5.32 35.53 26.91
CA CYS B 97 6.11 36.20 27.92
C CYS B 97 5.19 36.74 29.00
N ALA B 98 5.70 36.81 30.21
CA ALA B 98 4.94 37.24 31.42
C ALA B 98 5.81 37.91 32.44
N ARG B 99 5.20 38.76 33.25
CA ARG B 99 5.94 39.48 34.29
C ARG B 99 5.82 38.77 35.62
N ASP B 100 6.95 38.66 36.33
CA ASP B 100 7.03 38.15 37.69
C ASP B 100 7.81 39.15 38.56
N MET B 101 7.51 39.14 39.85
CA MET B 101 8.18 39.97 40.85
C MET B 101 8.67 39.14 42.04
N ILE B 102 9.72 39.63 42.68
CA ILE B 102 10.33 38.93 43.80
C ILE B 102 9.34 38.84 44.99
N PHE B 103 8.33 39.69 44.96
CA PHE B 103 7.32 39.71 46.00
C PHE B 103 6.28 38.61 45.77
N ASN B 104 6.23 38.11 44.54
CA ASN B 104 5.16 37.22 44.08
C ASN B 104 5.58 35.78 43.82
N PHE B 105 6.57 35.61 42.95
CA PHE B 105 6.87 34.31 42.33
C PHE B 105 5.63 33.68 41.72
N TYR B 106 4.90 34.53 40.99
CA TYR B 106 3.86 34.06 40.10
C TYR B 106 3.71 35.08 38.97
N PHE B 107 3.28 34.62 37.80
CA PHE B 107 3.13 35.51 36.65
C PHE B 107 1.80 36.27 36.73
N ASP B 108 1.87 37.58 36.92
CA ASP B 108 0.66 38.39 37.12
C ASP B 108 0.11 39.05 35.85
N VAL B 109 1.02 39.41 34.94
CA VAL B 109 0.64 40.04 33.66
C VAL B 109 1.34 39.25 32.56
N TRP B 110 0.58 38.93 31.52
CA TRP B 110 1.01 38.07 30.40
C TRP B 110 0.86 38.86 29.13
N GLY B 111 1.71 38.56 28.14
CA GLY B 111 1.48 38.97 26.79
C GLY B 111 0.38 38.12 26.17
N GLN B 112 0.06 38.40 24.91
CA GLN B 112 -1.07 37.71 24.22
C GLN B 112 -0.67 36.38 23.56
N GLY B 113 0.63 36.15 23.45
CA GLY B 113 1.15 34.92 22.93
C GLY B 113 1.51 35.09 21.46
N THR B 114 2.55 34.40 21.04
CA THR B 114 2.85 34.34 19.60
C THR B 114 2.90 32.90 19.18
N THR B 115 2.23 32.58 18.08
CA THR B 115 2.21 31.20 17.55
C THR B 115 3.43 30.86 16.66
N VAL B 116 4.14 29.79 16.99
CA VAL B 116 5.29 29.28 16.22
C VAL B 116 5.01 27.86 15.72
N THR B 117 5.26 27.62 14.43
CA THR B 117 5.16 26.29 13.86
C THR B 117 6.53 25.91 13.31
N VAL B 118 6.95 24.71 13.65
CA VAL B 118 8.20 24.12 13.15
C VAL B 118 7.83 23.19 12.01
N SER B 119 8.20 23.58 10.79
CA SER B 119 7.79 22.84 9.64
C SER B 119 8.73 23.11 8.49
N SER B 120 8.85 22.10 7.64
CA SER B 120 9.54 22.19 6.35
C SER B 120 8.79 23.03 5.30
N ALA B 121 7.46 23.08 5.42
CA ALA B 121 6.57 23.65 4.40
C ALA B 121 6.68 25.16 4.28
N SER B 122 6.42 25.63 3.07
CA SER B 122 6.53 27.03 2.69
C SER B 122 5.28 27.80 3.13
N THR B 123 5.48 29.08 3.46
CA THR B 123 4.39 30.02 3.73
C THR B 123 3.47 30.15 2.52
N LYS B 124 2.16 30.18 2.74
CA LYS B 124 1.18 30.32 1.66
C LYS B 124 -0.01 31.16 2.12
N GLY B 125 -0.34 32.20 1.37
CA GLY B 125 -1.49 33.07 1.66
C GLY B 125 -2.84 32.42 1.38
N PRO B 126 -3.87 32.76 2.16
CA PRO B 126 -5.20 32.16 1.92
C PRO B 126 -5.90 32.64 0.67
N SER B 127 -6.73 31.77 0.11
CA SER B 127 -7.77 32.19 -0.81
C SER B 127 -9.03 32.46 0.02
N VAL B 128 -9.75 33.54 -0.28
CA VAL B 128 -10.93 33.92 0.51
C VAL B 128 -12.18 33.92 -0.39
N PHE B 129 -13.16 33.11 -0.03
CA PHE B 129 -14.37 32.94 -0.83
C PHE B 129 -15.61 33.26 0.00
N PRO B 130 -16.61 33.95 -0.61
CA PRO B 130 -17.83 34.26 0.15
C PRO B 130 -18.75 33.03 0.29
N LEU B 131 -19.48 32.98 1.41
CA LEU B 131 -20.51 31.97 1.60
C LEU B 131 -21.77 32.79 1.57
N ALA B 132 -22.34 32.91 0.38
CA ALA B 132 -23.37 33.91 0.13
C ALA B 132 -24.68 33.49 0.81
N PRO B 133 -25.38 34.43 1.47
CA PRO B 133 -26.68 33.99 1.97
C PRO B 133 -27.66 33.72 0.80
N SER B 134 -28.53 32.73 0.98
CA SER B 134 -29.62 32.41 0.05
C SER B 134 -30.74 31.78 0.87
N SER B 135 -31.81 31.36 0.20
CA SER B 135 -32.90 30.59 0.85
C SER B 135 -32.41 29.33 1.58
N LYS B 136 -31.41 28.67 1.01
CA LYS B 136 -30.77 27.45 1.56
C LYS B 136 -29.95 27.67 2.84
N SER B 137 -29.49 28.91 3.07
CA SER B 137 -28.82 29.30 4.30
C SER B 137 -29.71 30.20 5.12
N THR B 138 -30.92 29.69 5.31
CA THR B 138 -31.98 30.30 6.07
C THR B 138 -32.62 29.15 6.85
N SER B 139 -32.84 29.35 8.14
CA SER B 139 -33.44 28.34 9.00
C SER B 139 -34.30 29.12 10.00
N GLY B 140 -35.61 28.84 9.96
CA GLY B 140 -36.60 29.66 10.65
C GLY B 140 -36.54 31.04 10.04
N GLY B 141 -36.47 32.05 10.91
CA GLY B 141 -36.27 33.43 10.46
C GLY B 141 -34.82 33.88 10.53
N THR B 142 -33.89 32.91 10.62
CA THR B 142 -32.44 33.21 10.65
C THR B 142 -31.76 33.01 9.29
N ALA B 143 -30.96 33.99 8.88
CA ALA B 143 -30.07 33.90 7.70
C ALA B 143 -28.61 33.70 8.14
N ALA B 144 -27.87 32.90 7.37
CA ALA B 144 -26.44 32.77 7.62
C ALA B 144 -25.66 33.22 6.41
N LEU B 145 -24.56 33.90 6.65
CA LEU B 145 -23.59 34.20 5.60
C LEU B 145 -22.20 33.99 6.16
N GLY B 146 -21.17 33.98 5.31
CA GLY B 146 -19.80 33.79 5.82
C GLY B 146 -18.70 33.92 4.80
N CYS B 147 -17.48 33.53 5.21
CA CYS B 147 -16.28 33.54 4.35
C CYS B 147 -15.54 32.24 4.59
N LEU B 148 -15.14 31.58 3.49
CA LEU B 148 -14.32 30.38 3.58
C LEU B 148 -12.87 30.84 3.37
N VAL B 149 -12.01 30.52 4.32
CA VAL B 149 -10.61 30.95 4.29
C VAL B 149 -9.77 29.69 4.05
N LYS B 150 -9.31 29.54 2.81
CA LYS B 150 -8.84 28.25 2.32
C LYS B 150 -7.37 28.27 1.93
N ASP B 151 -6.67 27.19 2.30
CA ASP B 151 -5.35 26.80 1.76
C ASP B 151 -4.22 27.76 2.14
N TYR B 152 -4.07 27.97 3.44
CA TYR B 152 -3.00 28.78 3.96
C TYR B 152 -2.08 27.95 4.88
N PHE B 153 -0.91 28.51 5.13
CA PHE B 153 0.13 27.91 5.96
C PHE B 153 1.18 29.01 6.31
N PRO B 154 1.64 29.11 7.58
CA PRO B 154 1.09 28.32 8.71
C PRO B 154 -0.03 29.07 9.41
N GLU B 155 -0.39 28.60 10.61
CA GLU B 155 -1.21 29.35 11.55
C GLU B 155 -0.44 30.57 12.11
N PRO B 156 -1.12 31.64 12.57
CA PRO B 156 -2.57 31.80 12.60
C PRO B 156 -3.09 32.71 11.47
N VAL B 157 -4.41 32.74 11.34
CA VAL B 157 -5.10 33.74 10.52
C VAL B 157 -6.13 34.45 11.42
N THR B 158 -6.41 35.72 11.13
CA THR B 158 -7.45 36.46 11.85
C THR B 158 -8.59 36.85 10.92
N VAL B 159 -9.81 36.83 11.45
CA VAL B 159 -10.98 37.18 10.66
C VAL B 159 -11.83 38.06 11.54
N SER B 160 -12.24 39.19 10.98
CA SER B 160 -13.22 40.04 11.63
C SER B 160 -14.24 40.38 10.55
N TRP B 161 -15.35 40.92 10.98
CA TRP B 161 -16.39 41.39 10.10
C TRP B 161 -16.59 42.88 10.33
N ASN B 162 -16.68 43.62 9.22
CA ASN B 162 -16.82 45.09 9.20
C ASN B 162 -15.79 45.76 10.14
N SER B 163 -14.53 45.37 9.96
CA SER B 163 -13.39 45.84 10.76
C SER B 163 -13.55 45.68 12.30
N GLY B 164 -14.28 44.65 12.72
CA GLY B 164 -14.55 44.38 14.15
C GLY B 164 -15.79 45.06 14.74
N ALA B 165 -16.49 45.87 13.94
CA ALA B 165 -17.76 46.51 14.34
C ALA B 165 -18.94 45.53 14.48
N LEU B 166 -18.92 44.49 13.67
CA LEU B 166 -19.93 43.43 13.75
C LEU B 166 -19.36 42.26 14.53
N THR B 167 -19.96 41.95 15.69
CA THR B 167 -19.41 40.95 16.61
C THR B 167 -20.38 39.86 17.08
N SER B 168 -21.67 40.20 17.16
CA SER B 168 -22.65 39.24 17.68
C SER B 168 -23.13 38.30 16.58
N GLY B 169 -23.37 37.04 16.96
CA GLY B 169 -23.78 36.02 16.00
C GLY B 169 -22.64 35.61 15.05
N VAL B 170 -21.43 36.08 15.35
CA VAL B 170 -20.22 35.70 14.61
C VAL B 170 -19.67 34.37 15.18
N HIS B 171 -19.43 33.39 14.31
CA HIS B 171 -18.74 32.15 14.67
C HIS B 171 -17.56 31.89 13.74
N THR B 172 -16.34 32.13 14.24
CA THR B 172 -15.12 31.82 13.49
C THR B 172 -14.59 30.46 13.91
N PHE B 173 -14.67 29.47 13.02
CA PHE B 173 -14.30 28.09 13.36
C PHE B 173 -12.77 27.92 13.52
N PRO B 174 -12.33 27.01 14.43
CA PRO B 174 -10.88 26.77 14.49
C PRO B 174 -10.43 26.12 13.20
N ALA B 175 -9.25 26.54 12.76
CA ALA B 175 -8.58 26.00 11.57
C ALA B 175 -8.42 24.48 11.64
N VAL B 176 -8.66 23.79 10.51
CA VAL B 176 -8.31 22.38 10.36
C VAL B 176 -7.18 22.21 9.36
N LEU B 177 -6.12 21.51 9.75
CA LEU B 177 -5.13 21.05 8.77
C LEU B 177 -5.72 20.00 7.82
N GLN B 178 -5.88 20.38 6.55
CA GLN B 178 -6.39 19.51 5.51
C GLN B 178 -5.39 18.42 5.13
N SER B 179 -5.91 17.38 4.49
CA SER B 179 -5.09 16.27 3.97
C SER B 179 -3.96 16.74 3.04
N SER B 180 -4.20 17.84 2.32
CA SER B 180 -3.17 18.51 1.48
C SER B 180 -2.04 19.17 2.28
N GLY B 181 -2.21 19.26 3.60
CA GLY B 181 -1.22 19.90 4.46
C GLY B 181 -1.27 21.41 4.59
N LEU B 182 -2.36 21.99 4.11
CA LEU B 182 -2.65 23.41 4.23
C LEU B 182 -3.89 23.55 5.11
N TYR B 183 -4.01 24.68 5.80
CA TYR B 183 -5.14 24.99 6.69
C TYR B 183 -6.32 25.59 5.95
N SER B 184 -7.51 25.33 6.49
CA SER B 184 -8.76 25.92 6.07
C SER B 184 -9.67 26.18 7.28
N LEU B 185 -10.50 27.22 7.19
CA LEU B 185 -11.53 27.51 8.21
C LEU B 185 -12.61 28.35 7.53
N SER B 186 -13.81 28.34 8.12
CA SER B 186 -14.87 29.28 7.76
C SER B 186 -15.11 30.22 8.93
N SER B 187 -15.57 31.43 8.61
CA SER B 187 -16.17 32.30 9.59
C SER B 187 -17.56 32.66 9.09
N VAL B 188 -18.54 32.58 9.97
CA VAL B 188 -19.94 32.76 9.62
C VAL B 188 -20.56 33.77 10.56
N VAL B 189 -21.58 34.47 10.05
CA VAL B 189 -22.39 35.34 10.89
C VAL B 189 -23.87 35.01 10.67
N THR B 190 -24.60 34.97 11.77
CA THR B 190 -26.04 34.77 11.73
C THR B 190 -26.74 36.09 12.03
N VAL B 191 -27.81 36.33 11.28
CA VAL B 191 -28.70 37.50 11.41
C VAL B 191 -30.15 37.11 11.07
N PRO B 192 -31.16 37.73 11.74
CA PRO B 192 -32.55 37.54 11.27
C PRO B 192 -32.66 37.98 9.80
N SER B 193 -33.37 37.18 9.01
CA SER B 193 -33.38 37.32 7.55
C SER B 193 -33.93 38.67 7.16
N SER B 194 -34.93 39.12 7.91
CA SER B 194 -35.58 40.41 7.68
C SER B 194 -34.75 41.57 8.27
N SER B 195 -33.62 41.25 8.88
CA SER B 195 -32.70 42.24 9.44
C SER B 195 -31.42 42.42 8.60
N LEU B 196 -31.27 41.59 7.56
CA LEU B 196 -30.04 41.54 6.74
C LEU B 196 -29.63 42.89 6.15
N GLY B 197 -30.61 43.64 5.63
CA GLY B 197 -30.38 44.99 5.07
C GLY B 197 -29.92 46.11 6.01
N THR B 198 -29.73 45.81 7.28
CA THR B 198 -29.23 46.79 8.26
C THR B 198 -27.78 47.26 7.99
N GLN B 199 -26.98 46.41 7.34
CA GLN B 199 -25.57 46.71 6.96
C GLN B 199 -25.09 45.87 5.77
N THR B 200 -23.98 46.24 5.13
CA THR B 200 -23.24 45.35 4.20
C THR B 200 -22.36 44.42 5.04
N TYR B 201 -21.85 43.37 4.44
CA TYR B 201 -21.00 42.41 5.14
C TYR B 201 -19.66 42.28 4.44
N ILE B 202 -18.59 42.64 5.16
CA ILE B 202 -17.21 42.49 4.69
C ILE B 202 -16.41 41.65 5.70
N CYS B 203 -15.84 40.53 5.27
CA CYS B 203 -14.91 39.83 6.15
C CYS B 203 -13.48 40.29 5.84
N ASN B 204 -12.80 40.77 6.88
CA ASN B 204 -11.40 41.19 6.80
C ASN B 204 -10.55 40.03 7.30
N VAL B 205 -9.72 39.52 6.42
CA VAL B 205 -8.89 38.34 6.69
C VAL B 205 -7.45 38.83 6.73
N ASN B 206 -6.70 38.38 7.72
CA ASN B 206 -5.28 38.74 7.80
C ASN B 206 -4.43 37.53 8.16
N HIS B 207 -3.55 37.17 7.24
CA HIS B 207 -2.52 36.17 7.45
C HIS B 207 -1.17 36.90 7.53
N LYS B 208 -0.79 37.26 8.73
CA LYS B 208 0.47 37.98 8.96
C LYS B 208 1.72 37.19 8.52
N PRO B 209 1.69 35.83 8.53
CA PRO B 209 2.90 35.12 8.06
C PRO B 209 3.20 35.27 6.56
N SER B 210 2.17 35.48 5.74
CA SER B 210 2.38 35.73 4.32
C SER B 210 2.16 37.19 3.94
N ASN B 211 1.98 38.06 4.94
CA ASN B 211 1.72 39.51 4.76
C ASN B 211 0.47 39.80 3.89
N THR B 212 -0.49 38.88 3.92
CA THR B 212 -1.71 38.95 3.09
C THR B 212 -2.87 39.54 3.89
N LYS B 213 -3.60 40.43 3.22
CA LYS B 213 -4.73 41.12 3.82
C LYS B 213 -5.79 41.22 2.73
N VAL B 214 -6.91 40.54 2.93
CA VAL B 214 -8.02 40.48 1.97
C VAL B 214 -9.31 40.97 2.66
N ASP B 215 -10.04 41.83 1.97
CA ASP B 215 -11.43 42.17 2.28
C ASP B 215 -12.38 41.56 1.25
N LYS B 216 -13.41 40.87 1.72
CA LYS B 216 -14.37 40.23 0.83
C LYS B 216 -15.79 40.60 1.20
N ARG B 217 -16.50 41.14 0.21
CA ARG B 217 -17.91 41.47 0.31
C ARG B 217 -18.70 40.19 0.16
N VAL B 218 -19.71 40.03 1.02
CA VAL B 218 -20.57 38.86 0.99
C VAL B 218 -22.00 39.39 0.82
N GLU B 219 -22.54 39.17 -0.38
CA GLU B 219 -23.88 39.64 -0.77
C GLU B 219 -24.72 38.44 -1.16
N PRO B 220 -26.07 38.59 -1.19
CA PRO B 220 -26.87 37.54 -1.84
C PRO B 220 -26.57 37.39 -3.33
N LYS B 221 -26.65 36.16 -3.85
CA LYS B 221 -26.50 35.92 -5.28
C LYS B 221 -27.79 36.31 -6.00
N SER B 222 -27.67 36.60 -7.31
CA SER B 222 -28.82 36.93 -8.16
C SER B 222 -28.99 35.86 -9.26
N CYS B 223 -29.85 36.12 -10.25
CA CYS B 223 -30.11 35.18 -11.35
C CYS B 223 -29.73 35.74 -12.73
N ASP C 1 -8.82 9.74 35.57
CA ASP C 1 -8.43 10.83 36.50
C ASP C 1 -7.28 10.49 37.47
N ILE C 2 -6.96 9.20 37.65
CA ILE C 2 -5.79 8.81 38.43
C ILE C 2 -4.53 9.06 37.59
N GLN C 3 -3.65 9.92 38.09
CA GLN C 3 -2.39 10.25 37.43
C GLN C 3 -1.26 10.17 38.44
N MET C 4 -0.07 9.99 37.89
CA MET C 4 1.13 9.77 38.68
C MET C 4 2.22 10.73 38.24
N THR C 5 2.94 11.18 39.25
CA THR C 5 4.09 12.03 39.14
C THR C 5 5.27 11.15 39.58
N GLN C 6 6.39 11.23 38.87
CA GLN C 6 7.61 10.50 39.21
C GLN C 6 8.70 11.48 39.60
N SER C 7 9.49 11.07 40.57
CA SER C 7 10.62 11.86 41.02
C SER C 7 11.80 10.92 41.33
N PRO C 8 13.02 11.31 40.93
CA PRO C 8 13.27 12.48 40.07
C PRO C 8 12.92 12.20 38.62
N SER C 9 12.91 13.23 37.77
CA SER C 9 12.68 13.03 36.33
C SER C 9 13.86 12.43 35.58
N THR C 10 15.07 12.78 36.01
CA THR C 10 16.29 12.22 35.44
C THR C 10 17.23 11.95 36.59
N LEU C 11 18.09 10.96 36.43
CA LEU C 11 18.94 10.51 37.51
C LEU C 11 20.24 10.04 36.89
N SER C 12 21.37 10.37 37.53
CA SER C 12 22.69 9.89 37.12
C SER C 12 23.42 9.25 38.33
N ALA C 13 23.87 8.01 38.20
CA ALA C 13 24.55 7.34 39.32
C ALA C 13 25.56 6.32 38.83
N SER C 14 26.53 5.98 39.68
CA SER C 14 27.63 5.09 39.30
C SER C 14 27.24 3.62 39.45
N VAL C 15 27.93 2.76 38.68
CA VAL C 15 27.86 1.30 38.86
C VAL C 15 27.99 0.97 40.35
N GLY C 16 27.04 0.18 40.83
CA GLY C 16 27.01 -0.30 42.20
C GLY C 16 26.27 0.58 43.21
N ASP C 17 25.79 1.75 42.77
CA ASP C 17 25.04 2.68 43.63
C ASP C 17 23.61 2.21 43.86
N ARG C 18 23.05 2.57 45.00
CA ARG C 18 21.65 2.32 45.31
C ARG C 18 20.87 3.42 44.64
N VAL C 19 19.83 3.06 43.87
CA VAL C 19 18.99 4.05 43.19
C VAL C 19 17.54 3.85 43.62
N THR C 20 16.88 4.95 44.01
CA THR C 20 15.46 4.95 44.38
C THR C 20 14.69 5.91 43.48
N ILE C 21 13.59 5.44 42.89
CA ILE C 21 12.68 6.32 42.14
C ILE C 21 11.31 6.28 42.81
N THR C 22 10.61 7.41 42.82
CA THR C 22 9.37 7.58 43.57
C THR C 22 8.24 7.87 42.61
N CYS C 23 7.15 7.12 42.73
CA CYS C 23 5.89 7.40 42.03
C CYS C 23 4.83 7.89 43.04
N SER C 24 4.21 9.05 42.76
CA SER C 24 3.09 9.59 43.58
C SER C 24 1.78 9.73 42.80
N ALA C 25 0.78 8.96 43.22
CA ALA C 25 -0.50 8.91 42.56
C ALA C 25 -1.47 9.93 43.14
N SER C 26 -2.28 10.50 42.27
CA SER C 26 -3.28 11.48 42.67
C SER C 26 -4.42 10.85 43.54
N SER C 27 -4.75 9.57 43.32
CA SER C 27 -5.73 8.86 44.16
C SER C 27 -5.17 7.50 44.50
N ARG C 28 -5.80 6.80 45.45
CA ARG C 28 -5.30 5.46 45.86
C ARG C 28 -5.49 4.45 44.72
N VAL C 29 -4.60 3.48 44.66
CA VAL C 29 -4.75 2.38 43.70
C VAL C 29 -4.54 1.06 44.47
N GLY C 30 -4.94 -0.07 43.87
CA GLY C 30 -4.74 -1.39 44.50
C GLY C 30 -3.28 -1.82 44.53
N TYR C 31 -2.57 -1.45 43.46
CA TYR C 31 -1.15 -1.80 43.29
C TYR C 31 -0.55 -0.83 42.31
N MET C 32 0.78 -0.64 42.37
CA MET C 32 1.49 0.10 41.33
C MET C 32 2.37 -0.89 40.57
N HIS C 33 2.47 -0.69 39.26
CA HIS C 33 3.30 -1.56 38.39
C HIS C 33 4.38 -0.68 37.73
N TRP C 34 5.50 -1.28 37.35
CA TRP C 34 6.67 -0.52 36.81
C TRP C 34 7.17 -1.16 35.52
N TYR C 35 7.43 -0.31 34.52
CA TYR C 35 7.98 -0.72 33.24
C TYR C 35 9.37 -0.15 33.01
N GLN C 36 10.21 -0.92 32.31
CA GLN C 36 11.54 -0.45 31.89
C GLN C 36 11.56 -0.39 30.38
N GLN C 37 11.87 0.79 29.81
CA GLN C 37 11.92 0.94 28.35
C GLN C 37 13.31 1.37 27.96
N LYS C 38 13.94 0.55 27.13
CA LYS C 38 15.22 0.87 26.51
C LYS C 38 14.89 1.46 25.15
N PRO C 39 15.59 2.55 24.74
CA PRO C 39 15.15 3.34 23.58
C PRO C 39 15.01 2.52 22.28
N GLY C 40 14.03 2.87 21.47
CA GLY C 40 13.68 2.12 20.25
C GLY C 40 13.02 0.76 20.49
N LYS C 41 12.75 0.41 21.75
CA LYS C 41 12.16 -0.89 22.12
C LYS C 41 10.82 -0.71 22.85
N ALA C 42 10.01 -1.76 22.87
CA ALA C 42 8.78 -1.82 23.67
C ALA C 42 9.04 -1.77 25.19
N PRO C 43 8.17 -1.09 25.95
CA PRO C 43 8.33 -1.14 27.41
C PRO C 43 8.29 -2.59 27.91
N LYS C 44 9.15 -2.89 28.86
CA LYS C 44 9.22 -4.23 29.49
C LYS C 44 8.69 -4.19 30.91
N LEU C 45 7.85 -5.16 31.27
CA LEU C 45 7.32 -5.20 32.62
C LEU C 45 8.44 -5.69 33.52
N LEU C 46 8.72 -4.89 34.55
CA LEU C 46 9.79 -5.11 35.50
C LEU C 46 9.27 -5.55 36.88
N ILE C 47 8.32 -4.80 37.43
CA ILE C 47 7.72 -5.07 38.73
C ILE C 47 6.21 -4.96 38.57
N TYR C 48 5.51 -6.01 38.99
CA TYR C 48 4.05 -6.01 39.02
C TYR C 48 3.47 -6.19 40.44
N ASP C 49 2.22 -5.77 40.63
CA ASP C 49 1.59 -5.79 41.97
C ASP C 49 2.49 -5.23 43.07
N THR C 50 3.02 -4.03 42.81
CA THR C 50 3.83 -3.27 43.76
C THR C 50 5.26 -3.77 44.03
N SER C 51 5.42 -5.06 44.29
CA SER C 51 6.67 -5.58 44.82
C SER C 51 7.11 -6.91 44.21
N LYS C 52 6.36 -7.40 43.23
CA LYS C 52 6.65 -8.68 42.63
C LYS C 52 7.52 -8.53 41.39
N LEU C 53 8.66 -9.23 41.37
CA LEU C 53 9.52 -9.26 40.17
C LEU C 53 8.92 -10.08 39.02
N ALA C 54 8.77 -9.49 37.83
CA ALA C 54 8.42 -10.32 36.65
C ALA C 54 9.49 -11.38 36.41
N SER C 55 9.08 -12.50 35.84
CA SER C 55 10.01 -13.61 35.57
C SER C 55 11.20 -13.17 34.72
N GLY C 56 12.41 -13.52 35.17
CA GLY C 56 13.63 -13.18 34.45
C GLY C 56 14.32 -11.88 34.83
N VAL C 57 13.58 -10.95 35.43
CA VAL C 57 14.12 -9.65 35.91
C VAL C 57 15.20 -9.89 36.96
N PRO C 58 16.36 -9.17 36.87
CA PRO C 58 17.38 -9.31 37.89
C PRO C 58 16.93 -8.96 39.29
N SER C 59 17.50 -9.66 40.25
CA SER C 59 17.12 -9.57 41.65
C SER C 59 17.48 -8.24 42.30
N ARG C 60 18.39 -7.47 41.68
CA ARG C 60 18.75 -6.13 42.14
C ARG C 60 17.58 -5.10 42.11
N PHE C 61 16.55 -5.37 41.32
CA PHE C 61 15.34 -4.53 41.27
C PHE C 61 14.38 -4.94 42.39
N SER C 62 13.79 -3.93 43.03
CA SER C 62 12.70 -4.14 44.01
C SER C 62 11.68 -3.00 43.98
N GLY C 63 10.53 -3.26 44.61
CA GLY C 63 9.44 -2.32 44.59
C GLY C 63 8.80 -2.39 45.95
N SER C 64 8.31 -1.23 46.38
CA SER C 64 7.63 -1.01 47.68
C SER C 64 6.53 0.02 47.58
N GLY C 65 5.71 0.10 48.63
CA GLY C 65 4.77 1.19 48.77
C GLY C 65 3.34 0.74 48.92
N SER C 66 2.45 1.71 49.06
CA SER C 66 1.01 1.43 49.15
C SER C 66 0.23 2.73 49.05
N GLY C 67 -1.05 2.58 48.73
CA GLY C 67 -1.99 3.68 48.62
C GLY C 67 -1.66 4.51 47.40
N THR C 68 -0.92 5.58 47.63
CA THR C 68 -0.58 6.54 46.57
C THR C 68 0.93 6.72 46.39
N GLU C 69 1.73 6.14 47.29
CA GLU C 69 3.18 6.39 47.30
C GLU C 69 3.94 5.10 47.10
N PHE C 70 4.69 5.02 45.99
CA PHE C 70 5.42 3.83 45.63
C PHE C 70 6.85 4.15 45.23
N THR C 71 7.73 3.17 45.45
CA THR C 71 9.16 3.29 45.12
C THR C 71 9.63 2.11 44.27
N LEU C 72 10.54 2.43 43.36
CA LEU C 72 11.26 1.42 42.64
C LEU C 72 12.69 1.55 43.12
N THR C 73 13.31 0.45 43.57
CA THR C 73 14.69 0.50 44.05
C THR C 73 15.57 -0.43 43.23
N ILE C 74 16.71 0.09 42.78
CA ILE C 74 17.79 -0.74 42.21
C ILE C 74 18.91 -0.76 43.26
N SER C 75 19.25 -1.94 43.76
CA SER C 75 20.13 -2.00 44.93
C SER C 75 21.60 -1.82 44.58
N SER C 76 21.98 -2.26 43.37
CA SER C 76 23.34 -2.16 42.83
C SER C 76 23.29 -1.85 41.32
N LEU C 77 23.42 -0.57 40.98
CA LEU C 77 23.19 -0.13 39.61
C LEU C 77 24.20 -0.77 38.65
N GLN C 78 23.69 -1.37 37.58
CA GLN C 78 24.53 -2.06 36.59
C GLN C 78 24.50 -1.31 35.24
N PRO C 79 25.55 -1.45 34.38
CA PRO C 79 25.53 -0.65 33.12
C PRO C 79 24.31 -0.90 32.21
N ASP C 80 23.74 -2.10 32.25
CA ASP C 80 22.56 -2.42 31.45
C ASP C 80 21.21 -1.88 31.99
N ASP C 81 21.27 -1.14 33.10
CA ASP C 81 20.09 -0.53 33.74
C ASP C 81 19.74 0.84 33.20
N PHE C 82 20.54 1.32 32.24
CA PHE C 82 20.21 2.53 31.51
C PHE C 82 18.86 2.35 30.80
N ALA C 83 17.92 3.28 31.02
CA ALA C 83 16.52 3.17 30.54
C ALA C 83 15.66 4.31 31.07
N THR C 84 14.42 4.36 30.60
CA THR C 84 13.41 5.24 31.17
C THR C 84 12.46 4.34 31.93
N TYR C 85 12.14 4.67 33.18
CA TYR C 85 11.28 3.80 34.01
C TYR C 85 9.95 4.51 34.24
N TYR C 86 8.85 3.80 34.03
CA TYR C 86 7.51 4.36 34.14
C TYR C 86 6.69 3.53 35.12
N CYS C 87 6.00 4.18 36.03
CA CYS C 87 4.95 3.50 36.81
C CYS C 87 3.64 3.45 36.04
N PHE C 88 2.79 2.48 36.37
CA PHE C 88 1.54 2.27 35.65
C PHE C 88 0.44 1.80 36.62
N GLN C 89 -0.74 2.43 36.52
CA GLN C 89 -1.90 1.96 37.28
C GLN C 89 -2.96 1.42 36.38
N GLY C 90 -3.42 0.22 36.75
CA GLY C 90 -4.60 -0.39 36.12
C GLY C 90 -5.85 -0.53 36.99
N SER C 91 -5.92 0.29 38.03
CA SER C 91 -6.96 0.22 39.06
C SER C 91 -8.21 0.99 38.64
N GLY C 92 -8.06 2.00 37.81
CA GLY C 92 -9.17 2.84 37.39
C GLY C 92 -9.01 3.27 35.94
N TYR C 93 -10.13 3.38 35.24
CA TYR C 93 -10.11 3.97 33.89
C TYR C 93 -10.08 5.52 33.92
N PRO C 94 -9.32 6.17 33.04
CA PRO C 94 -8.37 5.57 32.09
C PRO C 94 -7.12 5.05 32.79
N PHE C 95 -6.57 3.96 32.28
CA PHE C 95 -5.29 3.43 32.72
C PHE C 95 -4.25 4.51 32.42
N THR C 96 -3.30 4.72 33.31
CA THR C 96 -2.33 5.81 33.11
C THR C 96 -0.92 5.37 33.44
N PHE C 97 0.06 6.13 32.92
CA PHE C 97 1.47 5.93 33.17
C PHE C 97 1.99 7.21 33.82
N GLY C 98 3.01 7.07 34.68
CA GLY C 98 3.72 8.26 35.20
C GLY C 98 4.53 8.94 34.08
N GLY C 99 5.06 10.15 34.34
CA GLY C 99 5.89 10.86 33.31
C GLY C 99 7.22 10.19 32.95
N GLY C 100 7.69 9.28 33.81
CA GLY C 100 8.87 8.49 33.51
C GLY C 100 10.11 9.04 34.19
N THR C 101 11.04 8.14 34.52
CA THR C 101 12.33 8.54 35.08
C THR C 101 13.45 7.96 34.18
N LYS C 102 14.32 8.84 33.69
CA LYS C 102 15.43 8.40 32.83
C LYS C 102 16.66 8.20 33.70
N VAL C 103 17.19 6.98 33.69
CA VAL C 103 18.34 6.56 34.51
C VAL C 103 19.60 6.49 33.64
N GLU C 104 20.60 7.30 33.99
CA GLU C 104 21.90 7.33 33.30
C GLU C 104 22.99 6.75 34.22
N ILE C 105 24.02 6.14 33.62
CA ILE C 105 25.14 5.57 34.37
C ILE C 105 26.32 6.57 34.43
N LYS C 106 26.75 6.92 35.65
CA LYS C 106 27.98 7.71 35.89
C LYS C 106 29.22 6.83 35.82
N ARG C 107 30.23 7.30 35.11
CA ARG C 107 31.41 6.53 34.77
C ARG C 107 32.60 7.50 34.83
N THR C 108 33.82 6.96 34.86
CA THR C 108 35.04 7.74 34.69
C THR C 108 35.06 8.40 33.32
N VAL C 109 35.74 9.54 33.27
CA VAL C 109 35.94 10.30 32.04
C VAL C 109 36.63 9.43 31.00
N ALA C 110 36.19 9.59 29.75
CA ALA C 110 36.80 8.90 28.61
C ALA C 110 36.80 9.85 27.43
N ALA C 111 37.99 10.01 26.82
CA ALA C 111 38.23 10.92 25.70
C ALA C 111 37.63 10.36 24.39
N PRO C 112 37.10 11.24 23.53
CA PRO C 112 36.60 10.71 22.25
C PRO C 112 37.73 10.28 21.33
N SER C 113 37.44 9.30 20.49
CA SER C 113 38.24 9.02 19.31
C SER C 113 37.58 9.83 18.19
N VAL C 114 38.36 10.63 17.46
CA VAL C 114 37.76 11.55 16.45
C VAL C 114 38.09 11.10 15.01
N PHE C 115 37.07 11.16 14.13
CA PHE C 115 37.18 10.75 12.72
C PHE C 115 36.41 11.77 11.86
N ILE C 116 36.97 12.11 10.71
CA ILE C 116 36.28 12.98 9.75
C ILE C 116 36.07 12.22 8.45
N PHE C 117 34.92 12.44 7.82
CA PHE C 117 34.58 11.77 6.57
C PHE C 117 34.20 12.80 5.52
N PRO C 118 34.96 12.85 4.40
CA PRO C 118 34.58 13.73 3.30
C PRO C 118 33.30 13.26 2.64
N PRO C 119 32.58 14.17 1.95
CA PRO C 119 31.45 13.70 1.17
C PRO C 119 31.94 12.87 -0.01
N SER C 120 31.17 11.84 -0.35
CA SER C 120 31.43 10.98 -1.48
C SER C 120 31.14 11.71 -2.79
N ASP C 121 31.82 11.26 -3.86
CA ASP C 121 31.62 11.75 -5.22
C ASP C 121 30.17 11.62 -5.68
N GLU C 122 29.59 10.45 -5.38
CA GLU C 122 28.17 10.16 -5.59
C GLU C 122 27.23 11.27 -5.04
N GLN C 123 27.42 11.67 -3.79
CA GLN C 123 26.57 12.72 -3.19
C GLN C 123 26.73 14.09 -3.86
N LEU C 124 27.97 14.53 -4.06
CA LEU C 124 28.26 15.78 -4.78
C LEU C 124 27.48 15.89 -6.10
N LYS C 125 27.42 14.79 -6.85
CA LYS C 125 26.60 14.70 -8.08
C LYS C 125 25.13 15.07 -7.88
N SER C 126 24.57 14.76 -6.71
CA SER C 126 23.19 15.15 -6.35
C SER C 126 23.05 16.64 -6.01
N GLY C 127 24.17 17.31 -5.72
CA GLY C 127 24.19 18.76 -5.50
C GLY C 127 24.37 19.17 -4.06
N THR C 128 24.67 18.19 -3.21
CA THR C 128 24.81 18.39 -1.76
C THR C 128 26.08 17.69 -1.28
N ALA C 129 26.75 18.32 -0.33
CA ALA C 129 27.88 17.73 0.36
C ALA C 129 27.50 17.59 1.83
N SER C 130 27.75 16.43 2.40
CA SER C 130 27.64 16.26 3.83
C SER C 130 28.99 15.84 4.28
N VAL C 131 29.56 16.62 5.21
CA VAL C 131 30.81 16.26 5.84
C VAL C 131 30.45 15.75 7.23
N VAL C 132 30.94 14.57 7.57
CA VAL C 132 30.62 13.96 8.87
C VAL C 132 31.81 13.93 9.78
N CYS C 133 31.64 14.42 11.01
CA CYS C 133 32.63 14.27 12.07
C CYS C 133 32.11 13.30 13.13
N LEU C 134 32.91 12.29 13.45
CA LEU C 134 32.52 11.24 14.40
C LEU C 134 33.34 11.27 15.66
N LEU C 135 32.67 11.45 16.80
CA LEU C 135 33.29 11.28 18.13
C LEU C 135 32.88 9.94 18.70
N ASN C 136 33.85 9.07 18.93
CA ASN C 136 33.53 7.71 19.33
C ASN C 136 33.93 7.39 20.75
N ASN C 137 33.00 6.75 21.47
CA ASN C 137 33.23 6.11 22.79
C ASN C 137 33.79 7.06 23.87
N PHE C 138 33.02 8.09 24.21
CA PHE C 138 33.45 9.07 25.20
C PHE C 138 32.50 9.17 26.39
N TYR C 139 33.01 9.73 27.51
CA TYR C 139 32.18 10.11 28.67
C TYR C 139 32.85 11.32 29.35
N PRO C 140 32.11 12.37 29.75
CA PRO C 140 30.63 12.47 29.68
C PRO C 140 30.05 12.88 28.33
N ARG C 141 28.72 12.97 28.28
CA ARG C 141 27.98 13.30 27.05
C ARG C 141 28.35 14.65 26.44
N GLU C 142 28.71 15.62 27.28
CA GLU C 142 28.93 16.99 26.81
C GLU C 142 30.24 17.07 26.03
N ALA C 143 30.18 17.67 24.84
CA ALA C 143 31.32 17.91 23.96
C ALA C 143 30.98 19.04 23.00
N LYS C 144 31.94 19.93 22.76
CA LYS C 144 31.75 20.97 21.74
C LYS C 144 32.36 20.52 20.41
N VAL C 145 31.55 20.59 19.37
CA VAL C 145 32.02 20.39 17.99
C VAL C 145 31.92 21.70 17.21
N GLN C 146 33.05 22.15 16.69
CA GLN C 146 33.11 23.37 15.88
C GLN C 146 33.58 23.04 14.47
N TRP C 147 32.81 23.47 13.48
CA TRP C 147 33.20 23.33 12.08
C TRP C 147 33.98 24.54 11.57
N LYS C 148 35.16 24.27 11.03
CA LYS C 148 35.97 25.29 10.38
C LYS C 148 36.17 24.98 8.90
N VAL C 149 35.74 25.91 8.06
CA VAL C 149 35.90 25.81 6.62
C VAL C 149 36.75 27.00 6.18
N ASP C 150 38.00 26.70 5.79
CA ASP C 150 39.03 27.69 5.47
C ASP C 150 39.22 28.62 6.68
N ASN C 151 39.32 28.00 7.86
CA ASN C 151 39.41 28.68 9.18
C ASN C 151 38.30 29.69 9.53
N ALA C 152 37.24 29.73 8.72
CA ALA C 152 36.02 30.47 9.06
C ALA C 152 35.04 29.54 9.79
N LEU C 153 34.77 29.85 11.06
CA LEU C 153 33.82 29.10 11.89
C LEU C 153 32.43 29.11 11.26
N GLN C 154 31.76 27.97 11.32
CA GLN C 154 30.44 27.79 10.71
C GLN C 154 29.32 27.88 11.74
N SER C 155 28.19 28.46 11.32
CA SER C 155 26.98 28.57 12.15
C SER C 155 25.74 28.22 11.34
N GLY C 156 24.83 27.47 11.96
CA GLY C 156 23.48 27.24 11.45
C GLY C 156 23.34 26.28 10.27
N ASN C 157 24.35 25.43 10.08
CA ASN C 157 24.38 24.46 8.97
C ASN C 157 24.96 23.08 9.40
N SER C 158 25.11 22.87 10.71
CA SER C 158 25.50 21.55 11.24
C SER C 158 24.51 21.00 12.26
N GLN C 159 24.34 19.69 12.24
CA GLN C 159 23.46 19.04 13.22
C GLN C 159 24.19 17.93 13.91
N GLU C 160 23.79 17.70 15.15
CA GLU C 160 24.39 16.66 15.95
C GLU C 160 23.40 15.54 16.23
N SER C 161 23.94 14.34 16.36
CA SER C 161 23.17 13.24 16.88
C SER C 161 24.07 12.41 17.79
N VAL C 162 23.51 11.99 18.92
CA VAL C 162 24.24 11.25 19.93
C VAL C 162 23.55 9.91 20.14
N THR C 163 24.33 8.85 20.38
CA THR C 163 23.76 7.56 20.69
C THR C 163 23.26 7.57 22.11
N GLU C 164 22.33 6.65 22.40
CA GLU C 164 21.98 6.35 23.76
C GLU C 164 23.21 5.69 24.41
N GLN C 165 23.42 5.96 25.69
CA GLN C 165 24.50 5.37 26.47
C GLN C 165 24.70 3.87 26.19
N ASP C 166 25.96 3.45 26.05
CA ASP C 166 26.27 2.05 25.73
C ASP C 166 25.97 1.15 26.92
N SER C 167 25.26 0.05 26.65
CA SER C 167 24.82 -0.87 27.70
C SER C 167 25.94 -1.72 28.33
N LYS C 168 27.10 -1.79 27.67
CA LYS C 168 28.27 -2.50 28.20
C LYS C 168 29.27 -1.59 28.94
N ASP C 169 29.71 -0.50 28.29
CA ASP C 169 30.79 0.33 28.86
C ASP C 169 30.39 1.75 29.27
N SER C 170 29.10 2.07 29.12
CA SER C 170 28.51 3.36 29.48
C SER C 170 29.00 4.59 28.71
N THR C 171 29.52 4.40 27.49
CA THR C 171 30.06 5.53 26.72
C THR C 171 29.05 6.02 25.69
N TYR C 172 29.27 7.23 25.18
CA TYR C 172 28.43 7.79 24.12
C TYR C 172 29.22 7.89 22.80
N SER C 173 28.52 8.03 21.69
CA SER C 173 29.16 8.39 20.43
C SER C 173 28.32 9.49 19.84
N LEU C 174 28.97 10.36 19.05
CA LEU C 174 28.32 11.56 18.53
C LEU C 174 28.73 11.74 17.09
N SER C 175 27.76 12.12 16.26
CA SER C 175 28.05 12.55 14.92
C SER C 175 27.70 14.01 14.78
N SER C 176 28.55 14.74 14.07
CA SER C 176 28.23 16.10 13.67
C SER C 176 28.28 16.11 12.17
N THR C 177 27.23 16.63 11.54
CA THR C 177 27.09 16.64 10.10
C THR C 177 26.96 18.06 9.57
N LEU C 178 27.89 18.41 8.68
CA LEU C 178 27.92 19.72 8.02
C LEU C 178 27.32 19.63 6.62
N THR C 179 26.33 20.47 6.33
CA THR C 179 25.60 20.37 5.06
C THR C 179 25.76 21.62 4.22
N LEU C 180 26.20 21.43 2.97
CA LEU C 180 26.41 22.55 2.04
C LEU C 180 25.94 22.19 0.64
N SER C 181 25.49 23.19 -0.12
CA SER C 181 25.37 23.02 -1.57
C SER C 181 26.75 22.59 -2.13
N LYS C 182 26.72 21.80 -3.20
CA LYS C 182 27.92 21.40 -3.97
C LYS C 182 28.78 22.61 -4.34
N ALA C 183 28.13 23.64 -4.88
CA ALA C 183 28.74 24.92 -5.25
C ALA C 183 29.55 25.51 -4.11
N ASP C 184 28.92 25.64 -2.93
CA ASP C 184 29.58 26.17 -1.73
C ASP C 184 30.77 25.31 -1.29
N TYR C 185 30.60 23.99 -1.39
CA TYR C 185 31.63 23.06 -0.99
C TYR C 185 32.89 23.20 -1.86
N GLU C 186 32.68 23.24 -3.18
CA GLU C 186 33.77 23.42 -4.15
C GLU C 186 34.37 24.84 -4.18
N LYS C 187 33.79 25.77 -3.43
CA LYS C 187 34.36 27.12 -3.25
C LYS C 187 35.46 27.20 -2.17
N HIS C 188 35.74 26.09 -1.47
CA HIS C 188 36.67 26.10 -0.34
C HIS C 188 37.59 24.88 -0.33
N LYS C 189 38.62 24.90 0.52
CA LYS C 189 39.62 23.83 0.55
C LYS C 189 39.64 22.99 1.85
N VAL C 190 39.94 23.62 3.00
CA VAL C 190 40.16 22.87 4.25
C VAL C 190 38.85 22.77 5.01
N TYR C 191 38.52 21.54 5.39
CA TYR C 191 37.32 21.24 6.15
C TYR C 191 37.75 20.61 7.44
N ALA C 192 37.46 21.29 8.56
CA ALA C 192 37.99 20.94 9.88
C ALA C 192 36.88 20.74 10.93
N CYS C 193 37.09 19.74 11.77
CA CYS C 193 36.22 19.46 12.89
C CYS C 193 37.03 19.66 14.18
N GLU C 194 36.66 20.66 14.97
CA GLU C 194 37.34 20.90 16.25
C GLU C 194 36.52 20.43 17.48
N VAL C 195 37.16 19.61 18.31
CA VAL C 195 36.45 18.89 19.36
C VAL C 195 36.95 19.25 20.77
N THR C 196 36.09 19.93 21.54
CA THR C 196 36.36 20.20 22.97
C THR C 196 35.70 19.13 23.85
N HIS C 197 36.52 18.38 24.61
CA HIS C 197 35.98 17.43 25.60
C HIS C 197 36.82 17.36 26.85
N GLN C 198 36.13 17.18 27.99
CA GLN C 198 36.74 17.02 29.32
C GLN C 198 37.89 15.98 29.37
N GLY C 199 37.81 14.95 28.55
CA GLY C 199 38.88 13.96 28.44
C GLY C 199 40.11 14.45 27.67
N LEU C 200 39.97 15.61 27.03
CA LEU C 200 41.02 16.18 26.20
C LEU C 200 41.63 17.42 26.87
N SER C 201 42.93 17.33 27.17
CA SER C 201 43.69 18.43 27.75
C SER C 201 43.65 19.68 26.87
N SER C 202 43.78 19.48 25.56
CA SER C 202 43.65 20.52 24.53
C SER C 202 42.73 20.03 23.41
N PRO C 203 42.00 20.95 22.73
CA PRO C 203 41.08 20.54 21.64
C PRO C 203 41.73 19.69 20.54
N VAL C 204 40.99 18.72 20.01
CA VAL C 204 41.47 17.85 18.91
C VAL C 204 40.86 18.32 17.58
N THR C 205 41.68 18.31 16.53
CA THR C 205 41.25 18.66 15.17
C THR C 205 41.54 17.55 14.17
N LYS C 206 40.50 17.21 13.41
CA LYS C 206 40.63 16.41 12.20
C LYS C 206 40.15 17.29 11.05
N SER C 207 40.83 17.17 9.92
CA SER C 207 40.57 17.99 8.74
C SER C 207 40.91 17.19 7.50
N PHE C 208 40.45 17.69 6.36
CA PHE C 208 40.87 17.17 5.04
C PHE C 208 40.80 18.30 4.03
N ASN C 209 41.61 18.19 2.96
CA ASN C 209 41.59 19.08 1.80
C ASN C 209 40.87 18.42 0.62
N ARG C 210 39.89 19.11 0.02
CA ARG C 210 39.12 18.53 -1.08
C ARG C 210 39.92 18.38 -2.38
N GLY C 211 39.82 17.20 -2.99
CA GLY C 211 40.60 16.85 -4.18
C GLY C 211 41.78 15.94 -3.89
N GLU C 212 42.12 15.80 -2.60
CA GLU C 212 43.27 15.01 -2.15
C GLU C 212 42.85 13.65 -1.56
N CYS C 213 43.75 12.68 -1.66
CA CYS C 213 43.49 11.30 -1.24
C CYS C 213 43.66 11.07 0.27
N VAL D 2 3.15 -16.42 24.18
CA VAL D 2 2.25 -15.30 23.95
C VAL D 2 3.04 -14.28 23.11
N THR D 3 2.52 -13.94 21.94
CA THR D 3 3.11 -12.91 21.07
C THR D 3 1.99 -12.04 20.53
N LEU D 4 2.28 -10.75 20.35
CA LEU D 4 1.37 -9.83 19.69
C LEU D 4 2.15 -9.07 18.62
N ARG D 5 1.46 -8.68 17.57
CA ARG D 5 2.09 -7.97 16.45
C ARG D 5 1.15 -6.90 15.89
N GLU D 6 1.60 -5.65 15.91
CA GLU D 6 0.85 -4.53 15.32
C GLU D 6 1.17 -4.39 13.86
N SER D 7 0.18 -3.97 13.08
CA SER D 7 0.42 -3.54 11.71
C SER D 7 -0.53 -2.42 11.30
N GLY D 8 -0.07 -1.66 10.31
CA GLY D 8 -0.88 -0.56 9.74
C GLY D 8 0.05 0.34 8.95
N PRO D 9 -0.47 1.48 8.44
CA PRO D 9 0.38 2.30 7.58
C PRO D 9 1.41 3.08 8.36
N ALA D 10 2.56 3.30 7.72
CA ALA D 10 3.56 4.13 8.35
C ALA D 10 3.22 5.61 8.17
N LEU D 11 2.33 5.90 7.20
CA LEU D 11 2.00 7.28 6.90
C LEU D 11 0.51 7.50 6.73
N VAL D 12 -0.01 8.58 7.30
CA VAL D 12 -1.43 8.94 7.17
C VAL D 12 -1.57 10.46 7.05
N LYS D 13 -2.48 10.88 6.18
CA LYS D 13 -2.71 12.31 5.97
C LYS D 13 -3.58 12.91 7.07
N PRO D 14 -3.32 14.19 7.43
CA PRO D 14 -4.22 14.88 8.34
C PRO D 14 -5.67 14.74 7.90
N THR D 15 -6.54 14.56 8.90
CA THR D 15 -8.00 14.33 8.75
C THR D 15 -8.39 12.91 8.34
N GLN D 16 -7.48 12.09 7.82
CA GLN D 16 -7.85 10.72 7.43
C GLN D 16 -7.91 9.82 8.67
N THR D 17 -8.35 8.58 8.46
CA THR D 17 -8.52 7.59 9.51
C THR D 17 -7.36 6.63 9.53
N LEU D 18 -6.83 6.33 10.72
CA LEU D 18 -5.80 5.29 10.90
C LEU D 18 -6.46 3.99 11.32
N THR D 19 -6.19 2.91 10.59
CA THR D 19 -6.57 1.58 11.05
C THR D 19 -5.35 0.76 11.47
N LEU D 20 -5.32 0.41 12.74
CA LEU D 20 -4.32 -0.51 13.26
C LEU D 20 -4.93 -1.88 13.57
N THR D 21 -4.15 -2.91 13.26
CA THR D 21 -4.47 -4.30 13.56
C THR D 21 -3.42 -4.89 14.50
N CYS D 22 -3.90 -5.62 15.52
CA CYS D 22 -3.05 -6.41 16.41
C CYS D 22 -3.36 -7.86 16.12
N THR D 23 -2.32 -8.63 15.78
CA THR D 23 -2.46 -10.05 15.53
C THR D 23 -1.68 -10.73 16.64
N PHE D 24 -2.33 -11.65 17.34
CA PHE D 24 -1.72 -12.30 18.49
C PHE D 24 -1.82 -13.79 18.39
N SER D 25 -0.98 -14.49 19.13
CA SER D 25 -1.03 -15.94 19.21
C SER D 25 -0.59 -16.36 20.61
N GLY D 26 -0.86 -17.61 20.94
CA GLY D 26 -0.43 -18.20 22.22
C GLY D 26 -1.39 -17.91 23.35
N PHE D 27 -2.46 -17.16 23.07
CA PHE D 27 -3.59 -17.01 23.98
C PHE D 27 -4.80 -16.77 23.12
N SER D 28 -5.99 -16.88 23.71
CA SER D 28 -7.20 -16.61 22.96
C SER D 28 -8.06 -15.56 23.63
N LEU D 29 -8.65 -14.70 22.81
CA LEU D 29 -9.56 -13.68 23.27
C LEU D 29 -11.01 -14.22 23.47
N SER D 30 -11.14 -15.53 23.33
CA SER D 30 -12.36 -16.23 23.70
C SER D 30 -12.24 -16.75 25.14
N THR D 31 -11.02 -16.77 25.66
CA THR D 31 -10.76 -17.22 27.02
C THR D 31 -11.21 -16.18 28.01
N ALA D 32 -12.07 -16.62 28.94
CA ALA D 32 -12.58 -15.79 30.04
C ALA D 32 -11.45 -15.07 30.76
N GLY D 33 -11.61 -13.75 30.86
CA GLY D 33 -10.63 -12.93 31.54
C GLY D 33 -9.52 -12.36 30.68
N MET D 34 -9.45 -12.68 29.39
CA MET D 34 -8.41 -12.12 28.50
C MET D 34 -8.77 -10.74 27.94
N SER D 35 -7.74 -9.91 27.72
CA SER D 35 -7.91 -8.57 27.15
C SER D 35 -6.74 -8.21 26.23
N VAL D 36 -7.00 -7.35 25.25
CA VAL D 36 -5.93 -6.67 24.50
C VAL D 36 -6.16 -5.21 24.60
N GLY D 37 -5.07 -4.48 24.90
CA GLY D 37 -5.05 -3.05 25.03
C GLY D 37 -4.15 -2.37 23.98
N TRP D 38 -4.38 -1.08 23.76
CA TRP D 38 -3.57 -0.25 22.84
C TRP D 38 -2.95 0.92 23.60
N ILE D 39 -1.69 1.22 23.30
CA ILE D 39 -0.90 2.21 24.05
C ILE D 39 -0.10 2.93 22.95
N ARG D 40 0.12 4.25 23.09
CA ARG D 40 0.96 4.97 22.09
C ARG D 40 1.99 5.82 22.80
N GLN D 41 3.04 6.17 22.07
CA GLN D 41 4.09 7.00 22.65
C GLN D 41 4.61 7.88 21.51
N PRO D 42 4.25 9.18 21.51
CA PRO D 42 4.82 10.17 20.57
C PRO D 42 6.34 10.30 20.79
N PRO D 43 7.09 10.81 19.77
CA PRO D 43 8.55 10.87 19.92
C PRO D 43 8.96 11.66 21.15
N GLY D 44 9.77 11.05 22.00
CA GLY D 44 10.31 11.70 23.20
C GLY D 44 9.31 11.97 24.31
N LYS D 45 8.14 11.32 24.27
CA LYS D 45 7.06 11.60 25.23
C LYS D 45 6.66 10.36 26.06
N ALA D 46 5.83 10.55 27.09
CA ALA D 46 5.38 9.45 27.94
C ALA D 46 4.45 8.51 27.17
N LEU D 47 4.36 7.28 27.63
CA LEU D 47 3.36 6.33 27.17
C LEU D 47 1.93 6.79 27.50
N GLU D 48 0.98 6.58 26.59
CA GLU D 48 -0.42 6.99 26.85
C GLU D 48 -1.32 5.83 26.53
N TRP D 49 -2.12 5.35 27.49
CA TRP D 49 -3.07 4.21 27.15
C TRP D 49 -4.23 4.77 26.29
N LEU D 50 -4.65 4.02 25.28
CA LEU D 50 -5.71 4.46 24.35
C LEU D 50 -7.07 3.80 24.54
N ALA D 51 -7.05 2.46 24.57
CA ALA D 51 -8.26 1.60 24.53
C ALA D 51 -8.00 0.20 24.98
N ASP D 52 -9.05 -0.49 25.45
CA ASP D 52 -8.92 -1.92 25.55
C ASP D 52 -10.22 -2.62 25.16
N ILE D 53 -10.14 -3.92 24.98
CA ILE D 53 -11.29 -4.78 24.65
C ILE D 53 -11.06 -6.08 25.44
N TRP D 54 -12.15 -6.66 25.95
CA TRP D 54 -12.13 -7.84 26.81
C TRP D 54 -12.86 -9.01 26.11
N TRP D 55 -12.69 -10.21 26.66
CA TRP D 55 -13.28 -11.46 26.11
C TRP D 55 -14.79 -11.35 25.87
N ASP D 56 -15.46 -10.60 26.76
CA ASP D 56 -16.91 -10.47 26.78
C ASP D 56 -17.38 -9.25 25.96
N ASP D 57 -16.47 -8.71 25.11
CA ASP D 57 -16.73 -7.56 24.24
C ASP D 57 -16.99 -6.22 24.98
N LYS D 58 -16.62 -6.16 26.27
CA LYS D 58 -16.55 -4.86 26.95
C LYS D 58 -15.36 -4.03 26.41
N LYS D 59 -15.64 -2.79 26.03
CA LYS D 59 -14.64 -1.86 25.49
C LYS D 59 -14.47 -0.71 26.43
N HIS D 60 -13.22 -0.24 26.55
CA HIS D 60 -12.93 1.04 27.24
C HIS D 60 -12.05 1.93 26.37
N TYR D 61 -12.27 3.24 26.43
CA TYR D 61 -11.52 4.24 25.64
C TYR D 61 -11.03 5.34 26.53
N ASN D 62 -9.85 5.87 26.23
CA ASN D 62 -9.36 7.07 26.91
C ASN D 62 -10.24 8.30 26.55
N PRO D 63 -10.81 9.01 27.57
CA PRO D 63 -11.63 10.20 27.27
C PRO D 63 -10.90 11.30 26.42
N SER D 64 -9.56 11.35 26.48
CA SER D 64 -8.78 12.38 25.77
C SER D 64 -8.93 12.27 24.25
N LEU D 65 -9.46 11.13 23.79
CA LEU D 65 -9.60 10.80 22.37
C LEU D 65 -10.93 10.06 22.07
N LYS D 66 -11.80 9.92 23.10
CA LYS D 66 -12.96 8.99 23.07
C LYS D 66 -13.78 8.95 21.77
N ASP D 67 -14.23 10.13 21.32
CA ASP D 67 -15.07 10.23 20.13
C ASP D 67 -14.35 9.76 18.84
N ARG D 68 -13.04 9.64 18.92
CA ARG D 68 -12.23 9.30 17.74
C ARG D 68 -11.77 7.84 17.68
N LEU D 69 -12.01 7.07 18.76
CA LEU D 69 -11.54 5.68 18.81
C LEU D 69 -12.65 4.64 18.73
N THR D 70 -12.41 3.57 17.95
CA THR D 70 -13.26 2.37 17.92
C THR D 70 -12.38 1.12 17.94
N ILE D 71 -12.58 0.33 19.00
CA ILE D 71 -11.97 -1.00 19.10
C ILE D 71 -12.96 -2.13 18.76
N SER D 72 -12.47 -3.12 18.03
CA SER D 72 -13.28 -4.32 17.73
C SER D 72 -12.40 -5.58 17.77
N LYS D 73 -13.02 -6.74 17.77
CA LYS D 73 -12.23 -7.94 17.83
C LYS D 73 -12.77 -9.00 16.88
N ASP D 74 -11.86 -9.84 16.38
CA ASP D 74 -12.27 -11.00 15.56
C ASP D 74 -11.52 -12.21 16.10
N THR D 75 -12.23 -12.99 16.90
CA THR D 75 -11.60 -14.02 17.72
C THR D 75 -11.15 -15.21 16.88
N SER D 76 -11.76 -15.38 15.71
CA SER D 76 -11.44 -16.51 14.82
C SER D 76 -10.13 -16.31 14.06
N LYS D 77 -9.70 -15.05 13.99
CA LYS D 77 -8.49 -14.62 13.30
C LYS D 77 -7.43 -14.14 14.29
N ASN D 78 -7.74 -14.20 15.59
CA ASN D 78 -6.88 -13.66 16.64
C ASN D 78 -6.44 -12.21 16.34
N GLN D 79 -7.42 -11.36 16.01
CA GLN D 79 -7.13 -9.97 15.69
C GLN D 79 -7.95 -8.96 16.45
N VAL D 80 -7.29 -7.87 16.83
CA VAL D 80 -7.98 -6.73 17.41
C VAL D 80 -7.74 -5.54 16.47
N VAL D 81 -8.81 -4.82 16.12
CA VAL D 81 -8.72 -3.59 15.30
C VAL D 81 -8.98 -2.30 16.08
N LEU D 82 -8.05 -1.34 15.96
CA LEU D 82 -8.26 -0.01 16.50
C LEU D 82 -8.36 1.00 15.34
N LYS D 83 -9.50 1.67 15.26
CA LYS D 83 -9.71 2.79 14.33
C LYS D 83 -9.57 4.14 15.02
N VAL D 84 -8.76 5.02 14.42
CA VAL D 84 -8.60 6.37 14.96
C VAL D 84 -8.97 7.36 13.86
N THR D 85 -10.03 8.13 14.07
CA THR D 85 -10.52 9.04 13.01
C THR D 85 -9.91 10.43 13.18
N ASN D 86 -10.04 11.25 12.13
CA ASN D 86 -9.56 12.62 12.13
C ASN D 86 -8.12 12.74 12.67
N MET D 87 -7.17 12.02 12.08
CA MET D 87 -5.76 12.08 12.56
C MET D 87 -5.21 13.50 12.38
N ASP D 88 -4.36 13.91 13.31
CA ASP D 88 -3.67 15.20 13.22
C ASP D 88 -2.21 15.04 13.67
N PRO D 89 -1.35 16.07 13.45
CA PRO D 89 0.07 15.98 13.81
C PRO D 89 0.40 15.45 15.21
N ALA D 90 -0.43 15.76 16.21
CA ALA D 90 -0.25 15.25 17.55
C ALA D 90 -0.39 13.74 17.70
N ASP D 91 -0.99 13.06 16.69
CA ASP D 91 -1.25 11.60 16.69
C ASP D 91 -0.07 10.82 16.08
N THR D 92 0.99 11.53 15.66
CA THR D 92 2.26 10.92 15.26
C THR D 92 2.86 10.28 16.51
N ALA D 93 3.11 8.97 16.40
CA ALA D 93 3.45 8.12 17.56
C ALA D 93 3.77 6.70 17.14
N THR D 94 4.43 5.95 18.01
CA THR D 94 4.55 4.55 17.85
C THR D 94 3.36 3.97 18.64
N TYR D 95 2.66 3.01 18.03
CA TYR D 95 1.45 2.41 18.56
C TYR D 95 1.72 0.96 18.95
N TYR D 96 1.39 0.62 20.20
CA TYR D 96 1.63 -0.71 20.71
C TYR D 96 0.32 -1.40 21.10
N CYS D 97 0.22 -2.68 20.81
CA CYS D 97 -0.83 -3.49 21.41
C CYS D 97 -0.18 -4.41 22.43
N ALA D 98 -0.97 -4.83 23.44
CA ALA D 98 -0.43 -5.54 24.61
C ALA D 98 -1.58 -6.31 25.26
N ARG D 99 -1.20 -7.40 25.92
CA ARG D 99 -2.13 -8.34 26.56
C ARG D 99 -2.37 -7.95 28.03
N ASP D 100 -3.62 -8.01 28.46
CA ASP D 100 -4.00 -7.78 29.84
C ASP D 100 -4.91 -8.96 30.26
N MET D 101 -4.95 -9.23 31.56
CA MET D 101 -5.74 -10.34 32.10
C MET D 101 -6.48 -9.93 33.35
N ILE D 102 -7.59 -10.62 33.59
CA ILE D 102 -8.43 -10.42 34.75
C ILE D 102 -7.79 -10.17 36.12
N PHE D 103 -6.88 -10.98 36.65
CA PHE D 103 -6.36 -10.47 37.96
C PHE D 103 -5.06 -9.67 37.92
N ASN D 104 -4.62 -9.38 36.70
CA ASN D 104 -3.42 -8.57 36.48
C ASN D 104 -3.75 -7.06 36.43
N PHE D 105 -4.57 -6.65 35.46
CA PHE D 105 -4.80 -5.22 35.21
C PHE D 105 -3.47 -4.48 34.99
N TYR D 106 -2.61 -5.13 34.20
CA TYR D 106 -1.35 -4.54 33.72
C TYR D 106 -1.04 -5.22 32.40
N PHE D 107 -0.20 -4.59 31.60
CA PHE D 107 0.18 -5.19 30.32
C PHE D 107 1.44 -6.01 30.45
N ASP D 108 1.31 -7.33 30.26
CA ASP D 108 2.47 -8.21 30.58
C ASP D 108 3.34 -8.52 29.34
N VAL D 109 2.68 -8.72 28.20
CA VAL D 109 3.37 -8.99 26.90
C VAL D 109 2.89 -7.91 25.92
N TRP D 110 3.83 -7.35 25.15
CA TRP D 110 3.61 -6.23 24.28
C TRP D 110 4.10 -6.57 22.88
N GLY D 111 3.50 -5.96 21.87
CA GLY D 111 4.05 -6.03 20.55
C GLY D 111 5.32 -5.19 20.42
N GLN D 112 5.91 -5.21 19.23
CA GLN D 112 7.12 -4.47 18.95
C GLN D 112 6.84 -3.00 18.74
N GLY D 113 5.62 -2.68 18.31
CA GLY D 113 5.23 -1.30 18.03
C GLY D 113 5.23 -0.96 16.56
N THR D 114 4.30 -0.13 16.11
CA THR D 114 4.35 0.42 14.74
C THR D 114 4.32 1.93 14.72
N THR D 115 5.20 2.47 13.90
CA THR D 115 5.42 3.91 13.92
C THR D 115 4.50 4.49 12.86
N VAL D 116 3.70 5.48 13.27
CA VAL D 116 2.74 6.13 12.37
C VAL D 116 3.05 7.61 12.35
N THR D 117 3.14 8.20 11.15
CA THR D 117 3.42 9.62 11.03
C THR D 117 2.27 10.26 10.26
N VAL D 118 1.79 11.40 10.76
CA VAL D 118 0.65 12.08 10.19
C VAL D 118 1.25 13.23 9.40
N SER D 119 1.15 13.12 8.07
CA SER D 119 1.74 14.15 7.20
C SER D 119 1.07 14.11 5.87
N SER D 120 1.01 15.28 5.24
CA SER D 120 0.60 15.40 3.85
C SER D 120 1.73 14.97 2.89
N ALA D 121 2.97 14.97 3.34
CA ALA D 121 4.10 14.68 2.42
C ALA D 121 4.14 13.23 1.99
N SER D 122 4.65 13.02 0.78
CA SER D 122 4.70 11.72 0.17
C SER D 122 5.86 10.88 0.75
N THR D 123 5.72 9.57 0.70
CA THR D 123 6.82 8.67 1.11
C THR D 123 8.10 8.89 0.22
N LYS D 124 9.30 8.82 0.81
CA LYS D 124 10.56 8.93 0.03
C LYS D 124 11.61 7.98 0.59
N GLY D 125 12.17 7.13 -0.26
CA GLY D 125 13.22 6.18 0.17
C GLY D 125 14.55 6.90 0.30
N PRO D 126 15.51 6.31 1.03
CA PRO D 126 16.78 6.98 1.35
C PRO D 126 17.84 6.89 0.24
N SER D 127 18.73 7.87 0.16
CA SER D 127 19.96 7.72 -0.62
C SER D 127 21.01 7.25 0.36
N VAL D 128 21.83 6.26 -0.02
CA VAL D 128 22.84 5.75 0.92
C VAL D 128 24.21 6.01 0.34
N PHE D 129 25.00 6.82 1.05
CA PHE D 129 26.35 7.20 0.60
C PHE D 129 27.41 6.62 1.50
N PRO D 130 28.58 6.24 0.93
CA PRO D 130 29.61 5.67 1.78
C PRO D 130 30.31 6.71 2.70
N LEU D 131 30.77 6.21 3.84
CA LEU D 131 31.68 6.95 4.70
C LEU D 131 32.96 6.12 4.67
N ALA D 132 33.80 6.44 3.69
CA ALA D 132 34.96 5.62 3.40
C ALA D 132 36.02 5.80 4.48
N PRO D 133 36.63 4.68 4.95
CA PRO D 133 37.73 4.80 5.91
C PRO D 133 38.95 5.42 5.24
N SER D 134 39.53 6.43 5.87
CA SER D 134 40.65 7.18 5.29
C SER D 134 42.02 6.68 5.74
N SER D 135 43.06 7.14 5.02
CA SER D 135 44.45 7.07 5.48
C SER D 135 44.88 8.41 6.09
N LYS D 136 44.00 9.41 5.97
CA LYS D 136 44.13 10.70 6.67
C LYS D 136 43.99 10.54 8.19
N SER D 137 43.07 9.67 8.62
CA SER D 137 42.85 9.40 10.04
C SER D 137 43.17 7.94 10.42
N THR D 138 44.44 7.56 10.22
CA THR D 138 44.97 6.26 10.63
C THR D 138 45.35 6.31 12.12
N SER D 139 44.69 5.48 12.92
CA SER D 139 44.99 5.31 14.34
C SER D 139 46.13 4.29 14.55
N GLY D 140 46.49 3.59 13.47
CA GLY D 140 47.48 2.52 13.50
C GLY D 140 46.83 1.15 13.65
N GLY D 141 45.79 1.10 14.49
CA GLY D 141 45.09 -0.14 14.84
C GLY D 141 43.63 -0.21 14.46
N THR D 142 42.87 0.87 14.72
CA THR D 142 41.41 0.90 14.45
C THR D 142 40.99 1.97 13.44
N ALA D 143 40.27 1.52 12.41
CA ALA D 143 39.67 2.44 11.44
C ALA D 143 38.15 2.51 11.57
N ALA D 144 37.57 3.65 11.19
CA ALA D 144 36.11 3.78 11.12
C ALA D 144 35.58 3.89 9.69
N LEU D 145 34.46 3.22 9.44
CA LEU D 145 33.71 3.39 8.20
C LEU D 145 32.20 3.47 8.46
N GLY D 146 31.44 3.88 7.46
CA GLY D 146 30.00 3.91 7.66
C GLY D 146 29.17 4.11 6.44
N CYS D 147 27.90 4.38 6.67
CA CYS D 147 26.98 4.73 5.63
C CYS D 147 26.15 5.88 6.10
N LEU D 148 26.07 6.90 5.25
CA LEU D 148 25.16 8.01 5.46
C LEU D 148 23.83 7.65 4.79
N VAL D 149 22.75 7.65 5.58
CA VAL D 149 21.40 7.28 5.11
C VAL D 149 20.60 8.56 5.09
N LYS D 150 20.39 9.11 3.89
CA LYS D 150 19.95 10.50 3.79
C LYS D 150 18.66 10.67 3.02
N ASP D 151 17.81 11.58 3.53
CA ASP D 151 16.68 12.15 2.77
C ASP D 151 15.54 11.14 2.56
N TYR D 152 15.06 10.56 3.65
CA TYR D 152 13.97 9.59 3.60
C TYR D 152 12.78 10.08 4.42
N PHE D 153 11.62 9.51 4.15
CA PHE D 153 10.39 9.90 4.84
C PHE D 153 9.35 8.77 4.67
N PRO D 154 8.60 8.36 5.72
CA PRO D 154 8.77 8.78 7.13
C PRO D 154 9.76 7.86 7.86
N GLU D 155 9.84 7.98 9.19
CA GLU D 155 10.51 7.00 10.05
C GLU D 155 9.68 5.71 9.96
N PRO D 156 10.29 4.54 10.17
CA PRO D 156 11.71 4.37 10.50
C PRO D 156 12.56 3.75 9.36
N VAL D 157 13.88 3.80 9.56
CA VAL D 157 14.83 3.02 8.81
C VAL D 157 15.54 2.05 9.77
N THR D 158 15.86 0.86 9.28
CA THR D 158 16.71 -0.09 10.02
C THR D 158 18.03 -0.18 9.27
N VAL D 159 19.14 -0.35 10.00
CA VAL D 159 20.48 -0.50 9.39
C VAL D 159 21.18 -1.71 10.05
N SER D 160 21.69 -2.63 9.23
CA SER D 160 22.56 -3.70 9.73
C SER D 160 23.87 -3.73 8.94
N TRP D 161 24.84 -4.49 9.44
CA TRP D 161 26.10 -4.65 8.77
C TRP D 161 26.35 -6.11 8.52
N ASN D 162 26.77 -6.39 7.27
CA ASN D 162 27.02 -7.74 6.75
C ASN D 162 25.86 -8.72 7.05
N SER D 163 24.65 -8.33 6.63
CA SER D 163 23.41 -9.10 6.89
C SER D 163 23.17 -9.47 8.37
N GLY D 164 23.73 -8.68 9.29
CA GLY D 164 23.60 -8.93 10.72
C GLY D 164 24.75 -9.71 11.34
N ALA D 165 25.73 -10.11 10.53
CA ALA D 165 26.95 -10.81 11.00
C ALA D 165 27.94 -9.89 11.73
N LEU D 166 27.91 -8.60 11.45
CA LEU D 166 28.77 -7.63 12.16
C LEU D 166 27.96 -6.70 13.06
N THR D 167 28.17 -6.81 14.37
CA THR D 167 27.41 -6.05 15.36
C THR D 167 28.34 -5.27 16.27
N SER D 168 29.52 -5.85 16.48
CA SER D 168 30.52 -5.33 17.38
C SER D 168 31.06 -4.03 16.80
N GLY D 169 31.08 -2.99 17.62
CA GLY D 169 31.66 -1.70 17.21
C GLY D 169 30.71 -0.80 16.43
N VAL D 170 29.51 -1.30 16.15
CA VAL D 170 28.49 -0.59 15.33
C VAL D 170 27.82 0.50 16.15
N HIS D 171 27.67 1.68 15.54
CA HIS D 171 26.90 2.79 16.09
C HIS D 171 26.03 3.36 15.00
N THR D 172 24.72 3.25 15.20
CA THR D 172 23.72 3.82 14.32
C THR D 172 23.05 4.94 15.07
N PHE D 173 23.15 6.15 14.53
CA PHE D 173 22.65 7.31 15.23
C PHE D 173 21.15 7.48 15.02
N PRO D 174 20.47 8.09 16.02
CA PRO D 174 19.09 8.48 15.90
C PRO D 174 18.88 9.39 14.69
N ALA D 175 17.84 9.11 13.90
CA ALA D 175 17.43 9.98 12.79
C ALA D 175 17.17 11.42 13.24
N VAL D 176 17.48 12.37 12.36
CA VAL D 176 17.22 13.78 12.65
C VAL D 176 16.32 14.29 11.55
N LEU D 177 15.29 15.02 11.91
CA LEU D 177 14.46 15.69 10.91
C LEU D 177 15.18 16.95 10.45
N GLN D 178 15.56 16.96 9.17
CA GLN D 178 16.36 18.04 8.60
C GLN D 178 15.42 19.19 8.23
N SER D 179 16.01 20.34 7.93
CA SER D 179 15.24 21.55 7.56
C SER D 179 14.37 21.40 6.31
N SER D 180 14.78 20.46 5.45
CA SER D 180 14.09 20.01 4.26
C SER D 180 12.81 19.21 4.54
N GLY D 181 12.65 18.77 5.80
CA GLY D 181 11.51 17.90 6.17
C GLY D 181 11.70 16.44 5.85
N LEU D 182 12.97 16.05 5.66
CA LEU D 182 13.33 14.67 5.46
C LEU D 182 14.30 14.24 6.53
N TYR D 183 14.27 12.95 6.86
CA TYR D 183 15.19 12.38 7.83
C TYR D 183 16.57 11.97 7.29
N SER D 184 17.55 11.96 8.16
CA SER D 184 18.88 11.51 7.85
C SER D 184 19.53 10.94 9.10
N LEU D 185 20.36 9.93 8.91
CA LEU D 185 21.23 9.41 9.97
C LEU D 185 22.45 8.75 9.33
N SER D 186 23.47 8.49 10.16
CA SER D 186 24.60 7.70 9.76
C SER D 186 24.69 6.49 10.65
N SER D 187 25.19 5.40 10.07
CA SER D 187 25.61 4.22 10.84
C SER D 187 27.09 4.00 10.60
N VAL D 188 27.84 3.81 11.69
CA VAL D 188 29.30 3.70 11.62
C VAL D 188 29.76 2.44 12.32
N VAL D 189 30.88 1.90 11.85
CA VAL D 189 31.50 0.76 12.52
C VAL D 189 33.01 0.99 12.63
N THR D 190 33.59 0.60 13.77
CA THR D 190 35.04 0.59 13.96
C THR D 190 35.55 -0.84 13.79
N VAL D 191 36.54 -0.98 12.92
CA VAL D 191 37.11 -2.29 12.53
C VAL D 191 38.65 -2.25 12.58
N PRO D 192 39.31 -3.44 12.70
CA PRO D 192 40.77 -3.49 12.55
C PRO D 192 41.29 -2.94 11.23
N SER D 193 42.36 -2.15 11.31
CA SER D 193 43.00 -1.53 10.14
C SER D 193 43.37 -2.54 9.05
N SER D 194 44.00 -3.64 9.45
CA SER D 194 44.51 -4.65 8.50
C SER D 194 43.44 -5.55 7.86
N SER D 195 42.22 -5.51 8.40
CA SER D 195 41.08 -6.20 7.78
C SER D 195 40.59 -5.51 6.50
N LEU D 196 40.87 -4.20 6.39
CA LEU D 196 40.45 -3.35 5.27
C LEU D 196 40.80 -3.87 3.88
N GLY D 197 41.99 -4.47 3.76
CA GLY D 197 42.44 -5.08 2.51
C GLY D 197 41.54 -6.17 1.97
N THR D 198 41.04 -7.04 2.85
CA THR D 198 40.36 -8.27 2.42
C THR D 198 38.90 -8.49 2.87
N GLN D 199 38.55 -8.01 4.07
CA GLN D 199 37.19 -8.15 4.60
C GLN D 199 36.18 -7.23 3.91
N THR D 200 35.00 -7.76 3.59
CA THR D 200 33.95 -7.00 2.92
C THR D 200 33.01 -6.38 3.97
N TYR D 201 32.70 -5.09 3.83
CA TYR D 201 31.77 -4.41 4.73
C TYR D 201 30.59 -3.89 3.91
N ILE D 202 29.40 -4.39 4.19
CA ILE D 202 28.21 -3.98 3.42
C ILE D 202 27.23 -3.43 4.45
N CYS D 203 26.68 -2.24 4.19
CA CYS D 203 25.58 -1.78 5.02
C CYS D 203 24.24 -2.09 4.37
N ASN D 204 23.36 -2.73 5.14
CA ASN D 204 22.04 -3.15 4.64
C ASN D 204 20.97 -2.20 5.19
N VAL D 205 20.34 -1.43 4.32
CA VAL D 205 19.46 -0.35 4.74
C VAL D 205 18.07 -0.79 4.26
N ASN D 206 17.08 -0.67 5.13
CA ASN D 206 15.72 -1.12 4.84
C ASN D 206 14.80 0.01 5.25
N HIS D 207 14.04 0.51 4.28
CA HIS D 207 13.00 1.52 4.51
C HIS D 207 11.65 0.94 4.05
N LYS D 208 11.04 0.17 4.95
CA LYS D 208 9.70 -0.45 4.75
C LYS D 208 8.60 0.53 4.27
N PRO D 209 8.56 1.78 4.79
CA PRO D 209 7.50 2.68 4.27
C PRO D 209 7.55 2.96 2.76
N SER D 210 8.73 2.87 2.15
CA SER D 210 8.85 3.08 0.69
C SER D 210 9.19 1.81 -0.08
N ASN D 211 9.24 0.68 0.65
CA ASN D 211 9.73 -0.62 0.15
C ASN D 211 11.13 -0.53 -0.52
N THR D 212 12.03 0.28 0.07
CA THR D 212 13.42 0.44 -0.40
C THR D 212 14.33 -0.42 0.45
N LYS D 213 15.16 -1.20 -0.22
CA LYS D 213 16.22 -1.96 0.41
C LYS D 213 17.53 -1.69 -0.34
N VAL D 214 18.52 -1.19 0.38
CA VAL D 214 19.84 -0.86 -0.16
C VAL D 214 20.89 -1.74 0.52
N ASP D 215 21.78 -2.32 -0.28
CA ASP D 215 22.93 -3.08 0.22
C ASP D 215 24.19 -2.47 -0.39
N LYS D 216 24.88 -1.64 0.38
CA LYS D 216 25.96 -0.80 -0.11
C LYS D 216 27.28 -1.26 0.51
N ARG D 217 28.18 -1.74 -0.34
CA ARG D 217 29.52 -2.13 0.06
C ARG D 217 30.33 -0.85 0.24
N VAL D 218 31.11 -0.77 1.32
CA VAL D 218 31.86 0.44 1.68
C VAL D 218 33.34 0.05 1.66
N GLU D 219 34.13 0.77 0.87
CA GLU D 219 35.54 0.44 0.66
C GLU D 219 36.46 1.65 0.80
N PRO D 220 37.76 1.42 1.13
CA PRO D 220 38.68 2.55 0.97
C PRO D 220 38.73 2.93 -0.51
N LYS D 221 38.28 4.14 -0.83
CA LYS D 221 38.27 4.61 -2.21
C LYS D 221 38.94 5.98 -2.32
N SER D 222 40.25 5.94 -2.60
CA SER D 222 41.07 7.14 -2.77
C SER D 222 41.56 7.32 -4.22
N CYS D 223 42.63 6.62 -4.60
CA CYS D 223 43.30 6.76 -5.91
C CYS D 223 44.23 5.59 -6.19
N ASP E 1 6.58 -35.16 -14.69
CA ASP E 1 5.85 -35.24 -13.38
C ASP E 1 4.59 -36.12 -13.43
N ILE E 2 3.71 -36.03 -12.43
CA ILE E 2 2.48 -36.84 -12.40
C ILE E 2 1.27 -36.00 -12.81
N GLN E 3 0.49 -36.49 -13.78
CA GLN E 3 -0.62 -35.73 -14.36
C GLN E 3 -1.86 -36.59 -14.41
N MET E 4 -3.03 -35.94 -14.46
CA MET E 4 -4.31 -36.62 -14.47
C MET E 4 -5.17 -35.97 -15.48
N THR E 5 -5.84 -36.76 -16.30
CA THR E 5 -7.00 -36.27 -17.04
C THR E 5 -8.26 -36.63 -16.25
N GLN E 6 -9.32 -35.85 -16.50
CA GLN E 6 -10.64 -36.08 -15.90
C GLN E 6 -11.71 -36.16 -16.96
N SER E 7 -12.63 -37.11 -16.79
CA SER E 7 -13.66 -37.32 -17.80
C SER E 7 -15.03 -37.59 -17.15
N PRO E 8 -16.09 -36.95 -17.64
CA PRO E 8 -16.00 -35.95 -18.74
C PRO E 8 -15.39 -34.62 -18.24
N SER E 9 -15.20 -33.66 -19.14
CA SER E 9 -14.78 -32.30 -18.71
C SER E 9 -15.99 -31.46 -18.35
N THR E 10 -17.13 -31.73 -18.99
CA THR E 10 -18.36 -31.00 -18.73
C THR E 10 -19.49 -32.00 -18.63
N LEU E 11 -20.37 -31.82 -17.66
CA LEU E 11 -21.41 -32.80 -17.42
C LEU E 11 -22.69 -32.07 -17.10
N SER E 12 -23.79 -32.56 -17.66
CA SER E 12 -25.12 -32.06 -17.34
C SER E 12 -26.03 -33.23 -16.92
N ALA E 13 -26.75 -33.08 -15.80
CA ALA E 13 -27.65 -34.14 -15.30
C ALA E 13 -28.83 -33.62 -14.47
N SER E 14 -29.95 -34.35 -14.50
CA SER E 14 -31.14 -34.02 -13.71
C SER E 14 -30.94 -34.21 -12.19
N VAL E 15 -31.72 -33.47 -11.40
CA VAL E 15 -31.79 -33.64 -9.93
C VAL E 15 -32.20 -35.11 -9.65
N GLY E 16 -31.43 -35.81 -8.80
CA GLY E 16 -31.74 -37.23 -8.49
C GLY E 16 -30.93 -38.23 -9.26
N ASP E 17 -30.30 -37.79 -10.35
CA ASP E 17 -29.49 -38.67 -11.19
C ASP E 17 -28.20 -39.06 -10.51
N ARG E 18 -27.58 -40.12 -11.02
CA ARG E 18 -26.33 -40.64 -10.50
C ARG E 18 -25.20 -40.20 -11.42
N VAL E 19 -24.24 -39.46 -10.86
CA VAL E 19 -23.18 -38.84 -11.63
C VAL E 19 -21.83 -39.47 -11.27
N THR E 20 -21.05 -39.87 -12.28
CA THR E 20 -19.70 -40.38 -12.06
C THR E 20 -18.67 -39.57 -12.84
N ILE E 21 -17.63 -39.13 -12.14
CA ILE E 21 -16.46 -38.51 -12.76
C ILE E 21 -15.26 -39.43 -12.56
N THR E 22 -14.47 -39.57 -13.62
CA THR E 22 -13.28 -40.42 -13.54
C THR E 22 -12.01 -39.57 -13.65
N CYS E 23 -10.97 -39.99 -12.93
CA CYS E 23 -9.68 -39.33 -12.93
C CYS E 23 -8.60 -40.37 -13.24
N SER E 24 -7.81 -40.11 -14.28
CA SER E 24 -6.82 -41.09 -14.75
C SER E 24 -5.42 -40.54 -14.62
N ALA E 25 -4.62 -41.12 -13.73
CA ALA E 25 -3.28 -40.60 -13.48
C ALA E 25 -2.23 -41.23 -14.40
N SER E 26 -1.17 -40.46 -14.69
CA SER E 26 -0.10 -40.86 -15.63
C SER E 26 0.92 -41.77 -14.92
N SER E 27 0.82 -41.86 -13.59
CA SER E 27 1.67 -42.76 -12.84
C SER E 27 0.84 -43.39 -11.72
N ARG E 28 1.33 -44.50 -11.17
CA ARG E 28 0.71 -45.11 -9.97
C ARG E 28 0.89 -44.23 -8.72
N VAL E 29 -0.15 -43.46 -8.41
CA VAL E 29 -0.18 -42.65 -7.18
C VAL E 29 -0.70 -43.43 -5.98
N GLY E 30 -1.56 -44.41 -6.23
CA GLY E 30 -2.13 -45.24 -5.17
C GLY E 30 -3.34 -44.66 -4.46
N TYR E 31 -3.43 -43.34 -4.40
CA TYR E 31 -4.51 -42.64 -3.69
C TYR E 31 -4.78 -41.23 -4.27
N MET E 32 -6.05 -40.83 -4.31
CA MET E 32 -6.50 -39.59 -4.98
C MET E 32 -7.35 -38.79 -4.01
N HIS E 33 -7.31 -37.45 -4.17
CA HIS E 33 -8.11 -36.53 -3.42
C HIS E 33 -8.95 -35.76 -4.42
N TRP E 34 -10.05 -35.17 -3.94
CA TRP E 34 -11.00 -34.44 -4.77
C TRP E 34 -11.40 -33.17 -4.08
N TYR E 35 -11.53 -32.12 -4.90
CA TYR E 35 -11.90 -30.79 -4.47
C TYR E 35 -13.14 -30.35 -5.16
N GLN E 36 -14.00 -29.67 -4.42
CA GLN E 36 -15.17 -29.02 -5.01
C GLN E 36 -14.93 -27.52 -4.99
N GLN E 37 -15.21 -26.87 -6.12
CA GLN E 37 -15.07 -25.40 -6.25
C GLN E 37 -16.34 -24.72 -6.79
N LYS E 38 -17.01 -23.99 -5.91
CA LYS E 38 -18.19 -23.21 -6.29
C LYS E 38 -17.75 -21.85 -6.80
N PRO E 39 -18.57 -21.16 -7.63
CA PRO E 39 -18.29 -19.80 -8.12
C PRO E 39 -17.81 -18.80 -7.06
N GLY E 40 -16.67 -18.15 -7.35
CA GLY E 40 -16.08 -17.13 -6.48
C GLY E 40 -15.47 -17.61 -5.18
N LYS E 41 -15.53 -18.92 -4.93
CA LYS E 41 -15.00 -19.48 -3.68
C LYS E 41 -13.67 -20.22 -3.88
N ALA E 42 -12.90 -20.31 -2.81
CA ALA E 42 -11.79 -21.25 -2.69
C ALA E 42 -12.26 -22.68 -2.91
N PRO E 43 -11.39 -23.56 -3.46
CA PRO E 43 -11.70 -25.00 -3.55
C PRO E 43 -11.82 -25.58 -2.14
N LYS E 44 -12.72 -26.54 -2.00
CA LYS E 44 -13.05 -27.16 -0.73
C LYS E 44 -12.73 -28.64 -0.82
N LEU E 45 -11.98 -29.19 0.15
CA LEU E 45 -11.72 -30.62 0.18
C LEU E 45 -13.05 -31.36 0.32
N LEU E 46 -13.27 -32.30 -0.58
CA LEU E 46 -14.51 -33.06 -0.64
C LEU E 46 -14.27 -34.52 -0.25
N ILE E 47 -13.34 -35.16 -0.95
CA ILE E 47 -12.88 -36.50 -0.56
C ILE E 47 -11.38 -36.57 -0.52
N TYR E 48 -10.85 -37.27 0.48
CA TYR E 48 -9.42 -37.48 0.65
C TYR E 48 -9.14 -38.94 0.84
N ASP E 49 -7.90 -39.36 0.57
CA ASP E 49 -7.48 -40.77 0.61
C ASP E 49 -8.43 -41.70 -0.17
N THR E 50 -8.80 -41.28 -1.38
CA THR E 50 -9.61 -42.10 -2.32
C THR E 50 -11.12 -42.15 -1.98
N SER E 51 -11.48 -42.47 -0.74
CA SER E 51 -12.89 -42.70 -0.37
C SER E 51 -13.37 -42.03 0.94
N LYS E 52 -12.50 -41.28 1.60
CA LYS E 52 -12.89 -40.69 2.90
C LYS E 52 -13.46 -39.30 2.71
N LEU E 53 -14.67 -39.11 3.23
CA LEU E 53 -15.36 -37.82 3.12
C LEU E 53 -14.83 -36.79 4.11
N ALA E 54 -14.60 -35.58 3.63
CA ALA E 54 -14.21 -34.43 4.48
C ALA E 54 -15.41 -33.94 5.31
N SER E 55 -15.14 -33.08 6.29
CA SER E 55 -16.14 -32.58 7.26
C SER E 55 -17.34 -31.85 6.64
N GLY E 56 -18.54 -32.34 6.91
CA GLY E 56 -19.79 -31.76 6.37
C GLY E 56 -19.98 -31.94 4.87
N VAL E 57 -19.34 -32.97 4.30
CA VAL E 57 -19.66 -33.42 2.95
C VAL E 57 -20.81 -34.45 3.06
N PRO E 58 -21.96 -34.16 2.40
CA PRO E 58 -23.18 -35.00 2.35
C PRO E 58 -22.93 -36.42 1.90
N SER E 59 -23.73 -37.35 2.45
CA SER E 59 -23.65 -38.80 2.18
C SER E 59 -23.71 -39.20 0.72
N ARG E 60 -24.38 -38.37 -0.07
CA ARG E 60 -24.49 -38.56 -1.51
C ARG E 60 -23.12 -38.71 -2.23
N PHE E 61 -22.09 -38.05 -1.71
CA PHE E 61 -20.73 -38.11 -2.30
C PHE E 61 -19.96 -39.38 -1.90
N SER E 62 -19.38 -40.08 -2.87
CA SER E 62 -18.41 -41.15 -2.56
C SER E 62 -17.30 -41.14 -3.58
N GLY E 63 -16.23 -41.82 -3.24
CA GLY E 63 -15.10 -41.96 -4.11
C GLY E 63 -14.53 -43.37 -4.03
N SER E 64 -13.92 -43.81 -5.12
CA SER E 64 -13.43 -45.17 -5.21
C SER E 64 -12.21 -45.24 -6.13
N GLY E 65 -11.63 -46.43 -6.23
CA GLY E 65 -10.62 -46.77 -7.23
C GLY E 65 -9.30 -47.13 -6.59
N SER E 66 -8.26 -47.28 -7.42
CA SER E 66 -6.90 -47.64 -6.96
C SER E 66 -5.93 -47.56 -8.12
N GLY E 67 -4.64 -47.54 -7.80
CA GLY E 67 -3.57 -47.55 -8.80
C GLY E 67 -3.47 -46.24 -9.54
N THR E 68 -4.08 -46.20 -10.73
CA THR E 68 -4.08 -44.99 -11.55
C THR E 68 -5.46 -44.45 -11.77
N GLU E 69 -6.48 -45.24 -11.43
CA GLU E 69 -7.88 -44.95 -11.83
C GLU E 69 -8.80 -44.68 -10.65
N PHE E 70 -9.44 -43.52 -10.67
CA PHE E 70 -10.19 -43.07 -9.50
C PHE E 70 -11.48 -42.44 -9.96
N THR E 71 -12.52 -42.57 -9.12
CA THR E 71 -13.84 -42.11 -9.47
C THR E 71 -14.47 -41.36 -8.32
N LEU E 72 -15.22 -40.33 -8.71
CA LEU E 72 -16.05 -39.56 -7.80
C LEU E 72 -17.47 -39.81 -8.20
N THR E 73 -18.30 -40.19 -7.24
CA THR E 73 -19.72 -40.46 -7.52
C THR E 73 -20.61 -39.60 -6.66
N ILE E 74 -21.65 -39.06 -7.29
CA ILE E 74 -22.75 -38.45 -6.57
C ILE E 74 -23.98 -39.33 -6.87
N SER E 75 -24.47 -40.03 -5.84
CA SER E 75 -25.56 -41.02 -6.06
C SER E 75 -26.89 -40.34 -6.45
N SER E 76 -27.17 -39.19 -5.85
CA SER E 76 -28.33 -38.40 -6.19
C SER E 76 -27.93 -36.93 -6.32
N LEU E 77 -27.86 -36.44 -7.56
CA LEU E 77 -27.48 -35.04 -7.83
C LEU E 77 -28.46 -34.05 -7.21
N GLN E 78 -27.91 -33.05 -6.53
CA GLN E 78 -28.73 -31.98 -5.94
C GLN E 78 -28.40 -30.58 -6.53
N PRO E 79 -29.37 -29.61 -6.49
CA PRO E 79 -29.11 -28.29 -7.10
C PRO E 79 -27.87 -27.56 -6.53
N ASP E 80 -27.57 -27.78 -5.25
CA ASP E 80 -26.34 -27.26 -4.63
C ASP E 80 -25.04 -27.98 -5.06
N ASP E 81 -25.14 -28.99 -5.92
CA ASP E 81 -23.95 -29.71 -6.38
C ASP E 81 -23.23 -29.08 -7.56
N PHE E 82 -23.86 -28.06 -8.17
CA PHE E 82 -23.26 -27.26 -9.22
C PHE E 82 -21.91 -26.73 -8.75
N ALA E 83 -20.86 -27.00 -9.53
CA ALA E 83 -19.48 -26.71 -9.11
C ALA E 83 -18.52 -27.31 -10.10
N THR E 84 -17.25 -26.91 -10.00
CA THR E 84 -16.18 -27.60 -10.72
C THR E 84 -15.48 -28.53 -9.76
N TYR E 85 -15.29 -29.78 -10.19
CA TYR E 85 -14.62 -30.79 -9.39
C TYR E 85 -13.21 -31.06 -9.88
N TYR E 86 -12.21 -31.04 -8.97
CA TYR E 86 -10.83 -31.38 -9.36
C TYR E 86 -10.33 -32.56 -8.58
N CYS E 87 -9.66 -33.50 -9.24
CA CYS E 87 -8.86 -34.48 -8.47
C CYS E 87 -7.49 -33.86 -8.22
N PHE E 88 -6.74 -34.44 -7.27
CA PHE E 88 -5.50 -33.88 -6.72
C PHE E 88 -4.65 -35.02 -6.14
N GLN E 89 -3.38 -34.99 -6.46
CA GLN E 89 -2.44 -35.95 -5.88
C GLN E 89 -1.33 -35.22 -5.18
N GLY E 90 -0.93 -35.79 -4.04
CA GLY E 90 0.18 -35.26 -3.27
C GLY E 90 1.17 -36.39 -3.01
N SER E 91 1.03 -37.45 -3.81
CA SER E 91 1.85 -38.63 -3.74
C SER E 91 3.32 -38.34 -4.13
N GLY E 92 3.52 -37.40 -5.04
CA GLY E 92 4.88 -36.97 -5.43
C GLY E 92 4.87 -35.51 -5.82
N TYR E 93 6.01 -34.86 -5.66
CA TYR E 93 6.23 -33.50 -6.12
C TYR E 93 6.58 -33.49 -7.64
N PRO E 94 6.08 -32.51 -8.40
CA PRO E 94 5.18 -31.45 -7.90
C PRO E 94 3.77 -32.00 -7.61
N PHE E 95 3.10 -31.47 -6.59
CA PHE E 95 1.67 -31.78 -6.37
C PHE E 95 0.90 -31.26 -7.57
N THR E 96 -0.07 -32.02 -8.07
CA THR E 96 -0.82 -31.61 -9.25
C THR E 96 -2.31 -31.79 -9.10
N PHE E 97 -3.05 -30.98 -9.87
CA PHE E 97 -4.49 -31.06 -9.98
C PHE E 97 -4.86 -31.60 -11.36
N GLY E 98 -6.02 -32.24 -11.43
CA GLY E 98 -6.60 -32.64 -12.70
C GLY E 98 -7.22 -31.42 -13.35
N GLY E 99 -7.56 -31.54 -14.64
CA GLY E 99 -8.11 -30.41 -15.44
C GLY E 99 -9.47 -29.83 -15.05
N GLY E 100 -10.21 -30.52 -14.19
CA GLY E 100 -11.55 -30.06 -13.81
C GLY E 100 -12.71 -30.64 -14.63
N THR E 101 -13.80 -30.86 -13.91
CA THR E 101 -15.08 -31.26 -14.47
C THR E 101 -16.17 -30.34 -13.94
N LYS E 102 -16.83 -29.65 -14.85
CA LYS E 102 -17.95 -28.77 -14.49
C LYS E 102 -19.28 -29.54 -14.53
N VAL E 103 -19.95 -29.55 -13.39
CA VAL E 103 -21.22 -30.25 -13.25
C VAL E 103 -22.30 -29.18 -13.27
N GLU E 104 -23.23 -29.31 -14.21
CA GLU E 104 -24.40 -28.42 -14.29
C GLU E 104 -25.71 -29.23 -14.16
N ILE E 105 -26.73 -28.58 -13.64
CA ILE E 105 -28.01 -29.23 -13.33
C ILE E 105 -29.01 -28.96 -14.45
N LYS E 106 -29.58 -30.06 -14.94
CA LYS E 106 -30.61 -30.02 -15.96
C LYS E 106 -31.94 -30.01 -15.22
N ARG E 107 -32.82 -29.09 -15.61
CA ARG E 107 -34.17 -29.01 -15.06
C ARG E 107 -35.13 -28.61 -16.19
N THR E 108 -36.39 -28.37 -15.85
CA THR E 108 -37.43 -28.04 -16.83
C THR E 108 -37.19 -26.64 -17.42
N VAL E 109 -37.54 -26.49 -18.70
CA VAL E 109 -37.43 -25.20 -19.39
C VAL E 109 -38.21 -24.12 -18.63
N ALA E 110 -37.56 -22.97 -18.38
CA ALA E 110 -38.23 -21.80 -17.83
C ALA E 110 -37.82 -20.56 -18.62
N ALA E 111 -38.84 -19.81 -19.08
CA ALA E 111 -38.67 -18.57 -19.84
C ALA E 111 -38.09 -17.44 -19.00
N PRO E 112 -37.30 -16.57 -19.65
CA PRO E 112 -36.83 -15.43 -18.87
C PRO E 112 -37.91 -14.38 -18.68
N SER E 113 -37.87 -13.74 -17.54
CA SER E 113 -38.55 -12.46 -17.37
C SER E 113 -37.59 -11.41 -17.87
N VAL E 114 -38.09 -10.53 -18.74
CA VAL E 114 -37.28 -9.50 -19.40
C VAL E 114 -37.60 -8.10 -18.88
N PHE E 115 -36.54 -7.39 -18.49
CA PHE E 115 -36.61 -6.01 -18.00
C PHE E 115 -35.61 -5.12 -18.75
N ILE E 116 -35.97 -3.86 -19.00
CA ILE E 116 -35.05 -2.91 -19.68
C ILE E 116 -34.84 -1.64 -18.84
N PHE E 117 -33.58 -1.20 -18.73
CA PHE E 117 -33.23 0.00 -17.94
C PHE E 117 -32.57 1.03 -18.84
N PRO E 118 -33.25 2.17 -19.07
CA PRO E 118 -32.59 3.30 -19.76
C PRO E 118 -31.43 3.83 -18.91
N PRO E 119 -30.44 4.55 -19.51
CA PRO E 119 -29.38 5.11 -18.65
C PRO E 119 -29.91 6.16 -17.68
N SER E 120 -29.24 6.31 -16.54
CA SER E 120 -29.57 7.39 -15.60
C SER E 120 -29.09 8.71 -16.14
N ASP E 121 -29.78 9.78 -15.73
CA ASP E 121 -29.37 11.16 -15.98
C ASP E 121 -27.93 11.40 -15.53
N GLU E 122 -27.59 10.85 -14.36
CA GLU E 122 -26.23 10.92 -13.82
C GLU E 122 -25.17 10.33 -14.76
N GLN E 123 -25.44 9.19 -15.38
CA GLN E 123 -24.45 8.59 -16.28
C GLN E 123 -24.31 9.42 -17.55
N LEU E 124 -25.44 9.86 -18.10
CA LEU E 124 -25.43 10.78 -19.24
C LEU E 124 -24.60 12.03 -19.03
N LYS E 125 -24.67 12.65 -17.83
CA LYS E 125 -23.77 13.77 -17.49
C LYS E 125 -22.29 13.40 -17.56
N SER E 126 -21.96 12.12 -17.34
CA SER E 126 -20.56 11.65 -17.37
C SER E 126 -20.02 11.32 -18.77
N GLY E 127 -20.85 11.54 -19.80
CA GLY E 127 -20.43 11.38 -21.20
C GLY E 127 -20.79 10.06 -21.84
N THR E 128 -21.41 9.17 -21.07
CA THR E 128 -21.68 7.78 -21.51
C THR E 128 -23.12 7.34 -21.26
N ALA E 129 -23.58 6.39 -22.07
CA ALA E 129 -24.90 5.78 -21.88
C ALA E 129 -24.82 4.26 -21.97
N SER E 130 -25.16 3.60 -20.88
CA SER E 130 -25.34 2.15 -20.92
C SER E 130 -26.80 1.86 -20.83
N VAL E 131 -27.27 1.02 -21.76
CA VAL E 131 -28.65 0.54 -21.73
C VAL E 131 -28.61 -0.92 -21.34
N VAL E 132 -29.29 -1.25 -20.24
CA VAL E 132 -29.22 -2.59 -19.68
C VAL E 132 -30.52 -3.35 -19.93
N CYS E 133 -30.39 -4.50 -20.59
CA CYS E 133 -31.48 -5.46 -20.67
C CYS E 133 -31.14 -6.65 -19.74
N LEU E 134 -32.06 -6.93 -18.82
CA LEU E 134 -31.94 -8.02 -17.87
C LEU E 134 -32.88 -9.19 -18.21
N LEU E 135 -32.33 -10.39 -18.30
CA LEU E 135 -33.10 -11.64 -18.47
C LEU E 135 -32.96 -12.44 -17.19
N ASN E 136 -34.07 -12.54 -16.46
CA ASN E 136 -34.06 -13.07 -15.12
C ASN E 136 -34.65 -14.48 -15.07
N ASN E 137 -33.90 -15.38 -14.43
CA ASN E 137 -34.38 -16.69 -13.96
C ASN E 137 -34.86 -17.66 -15.05
N PHE E 138 -33.93 -18.03 -15.93
CA PHE E 138 -34.25 -18.85 -17.10
C PHE E 138 -33.42 -20.15 -17.21
N TYR E 139 -33.98 -21.12 -17.95
CA TYR E 139 -33.28 -22.36 -18.27
C TYR E 139 -33.80 -22.88 -19.63
N PRO E 140 -32.95 -23.32 -20.56
CA PRO E 140 -31.50 -23.50 -20.39
C PRO E 140 -30.69 -22.23 -20.57
N ARG E 141 -29.38 -22.32 -20.35
CA ARG E 141 -28.45 -21.16 -20.38
C ARG E 141 -28.46 -20.40 -21.73
N GLU E 142 -28.48 -21.15 -22.84
CA GLU E 142 -28.46 -20.58 -24.20
C GLU E 142 -29.64 -19.61 -24.44
N ALA E 143 -29.29 -18.37 -24.73
CA ALA E 143 -30.27 -17.31 -24.94
C ALA E 143 -29.67 -16.32 -25.94
N LYS E 144 -30.50 -15.82 -26.86
CA LYS E 144 -30.05 -14.84 -27.84
C LYS E 144 -30.73 -13.49 -27.58
N VAL E 145 -29.91 -12.45 -27.51
CA VAL E 145 -30.36 -11.09 -27.29
C VAL E 145 -29.83 -10.23 -28.44
N GLN E 146 -30.75 -9.57 -29.13
CA GLN E 146 -30.44 -8.64 -30.22
C GLN E 146 -30.93 -7.25 -29.85
N TRP E 147 -30.07 -6.25 -30.11
CA TRP E 147 -30.43 -4.86 -29.87
C TRP E 147 -30.84 -4.22 -31.17
N LYS E 148 -31.92 -3.47 -31.11
CA LYS E 148 -32.40 -2.75 -32.29
C LYS E 148 -32.55 -1.33 -31.85
N VAL E 149 -32.01 -0.41 -32.65
CA VAL E 149 -31.96 1.00 -32.28
C VAL E 149 -32.58 1.76 -33.46
N ASP E 150 -33.73 2.43 -33.21
CA ASP E 150 -34.59 2.95 -34.30
C ASP E 150 -34.84 1.91 -35.40
N ASN E 151 -35.09 0.68 -34.96
CA ASN E 151 -35.38 -0.48 -35.80
C ASN E 151 -34.17 -1.09 -36.54
N ALA E 152 -32.99 -0.50 -36.35
CA ALA E 152 -31.75 -0.93 -37.01
C ALA E 152 -31.00 -1.92 -36.13
N LEU E 153 -30.71 -3.10 -36.68
CA LEU E 153 -29.99 -4.16 -35.95
C LEU E 153 -28.58 -3.74 -35.59
N GLN E 154 -28.29 -3.81 -34.29
CA GLN E 154 -26.99 -3.46 -33.75
C GLN E 154 -26.06 -4.66 -33.70
N SER E 155 -24.77 -4.36 -33.80
CA SER E 155 -23.71 -5.38 -33.79
C SER E 155 -22.42 -4.75 -33.26
N GLY E 156 -21.64 -5.54 -32.51
CA GLY E 156 -20.35 -5.12 -31.95
C GLY E 156 -20.35 -3.97 -30.94
N ASN E 157 -21.46 -3.74 -30.25
CA ASN E 157 -21.51 -2.67 -29.23
C ASN E 157 -22.27 -3.05 -27.94
N SER E 158 -22.58 -4.35 -27.82
CA SER E 158 -23.23 -4.93 -26.64
C SER E 158 -22.44 -6.13 -26.09
N GLN E 159 -22.52 -6.33 -24.79
CA GLN E 159 -21.83 -7.44 -24.13
C GLN E 159 -22.82 -8.16 -23.21
N GLU E 160 -22.78 -9.48 -23.27
CA GLU E 160 -23.56 -10.33 -22.39
C GLU E 160 -22.73 -10.77 -21.20
N SER E 161 -23.36 -10.82 -20.03
CA SER E 161 -22.71 -11.39 -18.84
C SER E 161 -23.77 -12.28 -18.21
N VAL E 162 -23.40 -13.52 -17.90
CA VAL E 162 -24.33 -14.52 -17.40
C VAL E 162 -23.94 -14.96 -15.98
N THR E 163 -24.93 -15.09 -15.09
CA THR E 163 -24.65 -15.58 -13.73
C THR E 163 -24.30 -17.07 -13.80
N GLU E 164 -23.68 -17.59 -12.76
CA GLU E 164 -23.52 -19.04 -12.66
C GLU E 164 -24.87 -19.61 -12.26
N GLN E 165 -25.08 -20.89 -12.57
CA GLN E 165 -26.31 -21.56 -12.24
C GLN E 165 -26.63 -21.41 -10.76
N ASP E 166 -27.88 -21.04 -10.49
CA ASP E 166 -28.40 -20.88 -9.14
C ASP E 166 -28.36 -22.18 -8.33
N SER E 167 -27.99 -22.06 -7.04
CA SER E 167 -27.82 -23.21 -6.15
C SER E 167 -29.13 -23.74 -5.54
N LYS E 168 -30.25 -23.05 -5.82
CA LYS E 168 -31.58 -23.48 -5.41
C LYS E 168 -32.45 -23.94 -6.59
N ASP E 169 -32.81 -23.01 -7.47
CA ASP E 169 -33.77 -23.29 -8.54
C ASP E 169 -33.12 -23.69 -9.88
N SER E 170 -31.77 -23.68 -9.92
CA SER E 170 -30.98 -24.14 -11.07
C SER E 170 -31.10 -23.26 -12.34
N THR E 171 -31.65 -22.05 -12.18
CA THR E 171 -31.80 -21.05 -13.25
C THR E 171 -30.58 -20.12 -13.34
N TYR E 172 -30.55 -19.35 -14.43
CA TYR E 172 -29.48 -18.43 -14.74
C TYR E 172 -30.14 -17.08 -14.92
N SER E 173 -29.37 -16.03 -14.73
CA SER E 173 -29.79 -14.67 -15.13
C SER E 173 -28.71 -14.09 -16.05
N LEU E 174 -29.09 -13.09 -16.84
CA LEU E 174 -28.22 -12.58 -17.89
C LEU E 174 -28.44 -11.07 -18.06
N SER E 175 -27.33 -10.34 -18.17
CA SER E 175 -27.36 -8.93 -18.49
C SER E 175 -26.84 -8.79 -19.92
N SER E 176 -27.54 -8.00 -20.73
CA SER E 176 -27.03 -7.53 -21.99
C SER E 176 -27.01 -5.99 -21.95
N THR E 177 -25.80 -5.44 -22.09
CA THR E 177 -25.58 -4.02 -21.94
C THR E 177 -25.15 -3.35 -23.27
N LEU E 178 -25.93 -2.37 -23.71
CA LEU E 178 -25.58 -1.57 -24.88
C LEU E 178 -24.85 -0.33 -24.40
N THR E 179 -23.59 -0.22 -24.82
CA THR E 179 -22.73 0.87 -24.38
C THR E 179 -22.56 1.89 -25.51
N LEU E 180 -23.16 3.06 -25.35
CA LEU E 180 -22.95 4.15 -26.29
C LEU E 180 -22.37 5.38 -25.62
N SER E 181 -21.74 6.23 -26.41
CA SER E 181 -21.42 7.59 -25.97
C SER E 181 -22.72 8.41 -25.90
N LYS E 182 -22.68 9.51 -25.13
CA LYS E 182 -23.83 10.42 -24.93
C LYS E 182 -24.40 10.99 -26.25
N ALA E 183 -23.53 11.58 -27.07
CA ALA E 183 -23.88 12.05 -28.41
C ALA E 183 -24.50 10.96 -29.30
N ASP E 184 -23.97 9.74 -29.22
CA ASP E 184 -24.53 8.61 -29.98
C ASP E 184 -25.89 8.12 -29.46
N TYR E 185 -26.03 8.05 -28.14
CA TYR E 185 -27.29 7.69 -27.52
C TYR E 185 -28.42 8.64 -27.93
N GLU E 186 -28.11 9.93 -28.00
CA GLU E 186 -29.08 11.00 -28.29
C GLU E 186 -29.43 11.17 -29.77
N LYS E 187 -28.62 10.54 -30.64
CA LYS E 187 -28.89 10.47 -32.09
C LYS E 187 -30.16 9.71 -32.44
N HIS E 188 -30.62 8.84 -31.53
CA HIS E 188 -31.74 7.95 -31.79
C HIS E 188 -32.80 7.99 -30.67
N LYS E 189 -33.96 7.38 -30.92
CA LYS E 189 -35.13 7.52 -30.06
C LYS E 189 -35.44 6.24 -29.30
N VAL E 190 -35.77 5.17 -30.05
CA VAL E 190 -36.23 3.89 -29.50
C VAL E 190 -35.14 2.83 -29.42
N TYR E 191 -35.06 2.23 -28.23
CA TYR E 191 -34.04 1.23 -27.91
C TYR E 191 -34.73 -0.04 -27.56
N ALA E 192 -34.41 -1.11 -28.28
CA ALA E 192 -35.17 -2.35 -28.14
C ALA E 192 -34.24 -3.55 -27.90
N CYS E 193 -34.55 -4.29 -26.86
CA CYS E 193 -33.92 -5.58 -26.59
C CYS E 193 -34.88 -6.71 -27.01
N GLU E 194 -34.45 -7.56 -27.95
CA GLU E 194 -35.24 -8.69 -28.49
C GLU E 194 -34.62 -10.01 -28.01
N VAL E 195 -35.44 -10.83 -27.35
CA VAL E 195 -34.98 -12.03 -26.66
C VAL E 195 -35.54 -13.30 -27.30
N THR E 196 -34.65 -14.18 -27.74
CA THR E 196 -35.00 -15.52 -28.22
C THR E 196 -34.58 -16.53 -27.16
N HIS E 197 -35.54 -17.39 -26.80
CA HIS E 197 -35.29 -18.46 -25.83
C HIS E 197 -36.24 -19.65 -26.06
N GLN E 198 -35.70 -20.85 -25.86
CA GLN E 198 -36.44 -22.13 -25.90
C GLN E 198 -37.79 -22.06 -25.17
N GLY E 199 -37.81 -21.44 -23.99
CA GLY E 199 -39.06 -21.25 -23.22
C GLY E 199 -40.01 -20.15 -23.69
N LEU E 200 -39.68 -19.54 -24.81
CA LEU E 200 -40.53 -18.50 -25.43
C LEU E 200 -40.98 -18.96 -26.81
N SER E 201 -42.31 -18.93 -27.01
CA SER E 201 -42.92 -19.37 -28.27
C SER E 201 -42.53 -18.46 -29.43
N SER E 202 -42.59 -17.15 -29.20
CA SER E 202 -42.10 -16.14 -30.14
C SER E 202 -41.16 -15.20 -29.40
N PRO E 203 -40.13 -14.64 -30.10
CA PRO E 203 -39.23 -13.65 -29.46
C PRO E 203 -39.96 -12.55 -28.70
N VAL E 204 -39.44 -12.17 -27.54
CA VAL E 204 -40.03 -11.11 -26.72
C VAL E 204 -39.16 -9.86 -26.82
N THR E 205 -39.81 -8.75 -27.17
CA THR E 205 -39.15 -7.45 -27.26
C THR E 205 -39.62 -6.58 -26.10
N LYS E 206 -38.63 -5.98 -25.43
CA LYS E 206 -38.85 -4.88 -24.52
C LYS E 206 -38.13 -3.67 -25.12
N SER E 207 -38.82 -2.54 -25.12
CA SER E 207 -38.28 -1.31 -25.67
C SER E 207 -38.68 -0.09 -24.85
N PHE E 208 -37.98 1.03 -25.07
CA PHE E 208 -38.40 2.36 -24.66
C PHE E 208 -37.96 3.40 -25.68
N ASN E 209 -38.75 4.45 -25.80
CA ASN E 209 -38.34 5.71 -26.42
C ASN E 209 -37.74 6.56 -25.30
N ARG E 210 -36.63 7.24 -25.59
CA ARG E 210 -36.02 8.22 -24.66
C ARG E 210 -37.03 9.23 -24.10
N GLY E 211 -36.99 9.41 -22.79
CA GLY E 211 -37.89 10.34 -22.09
C GLY E 211 -39.12 9.70 -21.47
N GLU E 212 -39.33 8.41 -21.76
CA GLU E 212 -40.54 7.67 -21.33
C GLU E 212 -40.71 7.57 -19.80
N CYS E 213 -41.63 8.38 -19.29
CA CYS E 213 -42.03 8.38 -17.88
C CYS E 213 -42.72 7.08 -17.48
N VAL F 2 -8.75 -23.29 12.41
CA VAL F 2 -7.62 -23.07 11.50
C VAL F 2 -8.12 -22.05 10.48
N THR F 3 -7.44 -20.92 10.30
CA THR F 3 -7.77 -20.01 9.18
C THR F 3 -6.44 -19.55 8.54
N LEU F 4 -6.49 -19.16 7.28
CA LEU F 4 -5.32 -18.65 6.56
C LEU F 4 -5.87 -17.50 5.77
N ARG F 5 -5.08 -16.43 5.66
CA ARG F 5 -5.46 -15.26 4.83
C ARG F 5 -4.28 -14.78 4.01
N GLU F 6 -4.48 -14.68 2.71
CA GLU F 6 -3.46 -14.19 1.81
C GLU F 6 -3.52 -12.68 1.78
N SER F 7 -2.37 -12.03 1.77
CA SER F 7 -2.35 -10.60 1.36
C SER F 7 -1.19 -10.25 0.42
N GLY F 8 -1.36 -9.12 -0.30
CA GLY F 8 -0.39 -8.60 -1.27
C GLY F 8 -1.05 -7.57 -2.16
N PRO F 9 -0.33 -7.07 -3.18
CA PRO F 9 -0.95 -6.05 -4.04
C PRO F 9 -1.98 -6.66 -5.00
N ALA F 10 -2.99 -5.88 -5.37
CA ALA F 10 -3.96 -6.36 -6.35
C ALA F 10 -3.38 -6.18 -7.74
N LEU F 11 -2.30 -5.39 -7.85
CA LEU F 11 -1.75 -5.01 -9.13
C LEU F 11 -0.21 -4.94 -9.08
N VAL F 12 0.42 -5.64 -10.02
CA VAL F 12 1.87 -5.70 -10.13
C VAL F 12 2.16 -5.37 -11.58
N LYS F 13 3.21 -4.61 -11.84
CA LYS F 13 3.60 -4.27 -13.21
C LYS F 13 4.41 -5.42 -13.83
N PRO F 14 4.40 -5.56 -15.17
CA PRO F 14 5.24 -6.60 -15.78
C PRO F 14 6.72 -6.41 -15.44
N THR F 15 7.42 -7.52 -15.17
CA THR F 15 8.85 -7.61 -14.72
C THR F 15 9.13 -7.42 -13.22
N GLN F 16 8.14 -6.90 -12.49
CA GLN F 16 8.31 -6.61 -11.07
C GLN F 16 8.09 -7.86 -10.27
N THR F 17 8.35 -7.76 -8.97
CA THR F 17 8.26 -8.92 -8.12
C THR F 17 6.98 -8.87 -7.31
N LEU F 18 6.23 -9.96 -7.32
CA LEU F 18 5.09 -10.09 -6.40
C LEU F 18 5.51 -10.67 -5.05
N THR F 19 5.19 -9.95 -3.97
CA THR F 19 5.34 -10.45 -2.62
C THR F 19 3.96 -10.73 -2.05
N LEU F 20 3.73 -12.00 -1.72
CA LEU F 20 2.51 -12.45 -1.05
C LEU F 20 2.77 -12.95 0.34
N THR F 21 1.82 -12.65 1.23
CA THR F 21 1.97 -13.03 2.62
C THR F 21 0.73 -13.82 3.04
N CYS F 22 0.98 -14.93 3.72
CA CYS F 22 -0.05 -15.76 4.29
C CYS F 22 0.05 -15.68 5.78
N THR F 23 -1.01 -15.18 6.38
CA THR F 23 -1.10 -15.09 7.85
C THR F 23 -2.14 -16.10 8.32
N PHE F 24 -1.73 -16.99 9.24
CA PHE F 24 -2.57 -18.12 9.64
C PHE F 24 -2.83 -18.16 11.16
N SER F 25 -3.89 -18.86 11.55
CA SER F 25 -4.34 -18.98 12.95
C SER F 25 -4.73 -20.42 13.20
N GLY F 26 -4.60 -20.89 14.45
CA GLY F 26 -5.11 -22.23 14.82
C GLY F 26 -4.12 -23.37 14.70
N PHE F 27 -2.95 -23.08 14.12
CA PHE F 27 -1.84 -24.01 14.09
C PHE F 27 -0.55 -23.21 14.05
N SER F 28 0.56 -23.88 14.30
CA SER F 28 1.86 -23.22 14.27
C SER F 28 2.77 -23.96 13.30
N LEU F 29 3.63 -23.21 12.61
CA LEU F 29 4.75 -23.84 11.88
C LEU F 29 5.94 -24.26 12.76
N SER F 30 5.79 -24.15 14.07
CA SER F 30 6.72 -24.76 15.02
C SER F 30 6.32 -26.20 15.36
N THR F 31 5.07 -26.55 15.05
CA THR F 31 4.53 -27.88 15.31
C THR F 31 5.03 -28.86 14.26
N ALA F 32 5.69 -29.91 14.75
CA ALA F 32 6.14 -31.03 13.91
C ALA F 32 5.01 -31.59 13.04
N GLY F 33 5.26 -31.67 11.73
CA GLY F 33 4.30 -32.15 10.79
C GLY F 33 3.54 -31.11 9.97
N MET F 34 3.64 -29.84 10.35
CA MET F 34 2.81 -28.80 9.75
C MET F 34 3.44 -28.21 8.50
N SER F 35 2.60 -27.76 7.58
CA SER F 35 3.10 -27.15 6.34
C SER F 35 2.10 -26.12 5.81
N VAL F 36 2.61 -25.07 5.16
CA VAL F 36 1.79 -24.15 4.32
C VAL F 36 2.22 -24.28 2.84
N GLY F 37 1.23 -24.43 1.95
CA GLY F 37 1.46 -24.47 0.51
C GLY F 37 0.74 -23.32 -0.17
N TRP F 38 1.18 -23.01 -1.39
CA TRP F 38 0.58 -21.97 -2.26
C TRP F 38 0.10 -22.58 -3.59
N ILE F 39 -1.09 -22.13 -4.03
CA ILE F 39 -1.76 -22.64 -5.19
C ILE F 39 -2.36 -21.45 -5.96
N ARG F 40 -2.27 -21.44 -7.29
CA ARG F 40 -2.88 -20.32 -8.02
C ARG F 40 -3.87 -20.79 -9.05
N GLN F 41 -4.69 -19.86 -9.53
CA GLN F 41 -5.72 -20.18 -10.50
C GLN F 41 -5.92 -18.97 -11.41
N PRO F 42 -5.41 -19.05 -12.67
CA PRO F 42 -5.74 -17.99 -13.63
C PRO F 42 -7.23 -18.02 -13.96
N PRO F 43 -7.85 -16.87 -14.32
CA PRO F 43 -9.32 -16.84 -14.47
C PRO F 43 -9.88 -17.86 -15.48
N GLY F 44 -10.83 -18.70 -15.04
CA GLY F 44 -11.45 -19.74 -15.87
C GLY F 44 -10.58 -20.94 -16.18
N LYS F 45 -9.45 -21.08 -15.48
CA LYS F 45 -8.55 -22.19 -15.72
C LYS F 45 -8.32 -23.05 -14.48
N ALA F 46 -7.54 -24.09 -14.65
CA ALA F 46 -7.26 -25.02 -13.55
C ALA F 46 -6.33 -24.45 -12.46
N LEU F 47 -6.29 -25.16 -11.33
CA LEU F 47 -5.48 -24.84 -10.17
C LEU F 47 -4.06 -25.36 -10.38
N GLU F 48 -3.07 -24.56 -9.96
CA GLU F 48 -1.68 -24.94 -10.14
C GLU F 48 -0.94 -24.79 -8.82
N TRP F 49 -0.37 -25.89 -8.31
CA TRP F 49 0.46 -25.82 -7.10
C TRP F 49 1.78 -25.12 -7.43
N LEU F 50 2.17 -24.22 -6.55
CA LEU F 50 3.34 -23.39 -6.73
C LEU F 50 4.49 -23.83 -5.84
N ALA F 51 4.27 -23.85 -4.54
CA ALA F 51 5.33 -24.03 -3.56
C ALA F 51 4.76 -24.51 -2.24
N ASP F 52 5.60 -25.18 -1.44
CA ASP F 52 5.27 -25.34 -0.01
C ASP F 52 6.48 -25.18 0.89
N ILE F 53 6.22 -25.02 2.18
CA ILE F 53 7.25 -25.03 3.20
C ILE F 53 6.83 -25.88 4.40
N TRP F 54 7.79 -26.57 5.02
CA TRP F 54 7.47 -27.39 6.18
C TRP F 54 8.05 -26.81 7.46
N TRP F 55 7.55 -27.29 8.60
CA TRP F 55 7.97 -26.83 9.92
C TRP F 55 9.49 -26.84 10.12
N ASP F 56 10.17 -27.76 9.43
CA ASP F 56 11.61 -27.93 9.53
C ASP F 56 12.37 -27.18 8.42
N ASP F 57 11.65 -26.32 7.68
CA ASP F 57 12.26 -25.42 6.68
C ASP F 57 12.63 -26.12 5.35
N LYS F 58 12.18 -27.37 5.19
CA LYS F 58 12.13 -28.01 3.86
C LYS F 58 11.13 -27.23 2.97
N LYS F 59 11.57 -26.92 1.74
CA LYS F 59 10.80 -26.16 0.78
C LYS F 59 10.67 -26.96 -0.50
N HIS F 60 9.51 -26.89 -1.14
CA HIS F 60 9.30 -27.49 -2.48
C HIS F 60 8.70 -26.50 -3.49
N TYR F 61 9.08 -26.63 -4.76
CA TYR F 61 8.70 -25.65 -5.78
C TYR F 61 8.18 -26.34 -7.02
N ASN F 62 7.24 -25.73 -7.72
CA ASN F 62 6.81 -26.30 -8.99
C ASN F 62 7.98 -26.04 -9.97
N PRO F 63 8.48 -27.12 -10.63
CA PRO F 63 9.67 -27.04 -11.49
C PRO F 63 9.55 -25.98 -12.60
N SER F 64 8.35 -25.81 -13.15
CA SER F 64 8.13 -24.82 -14.22
C SER F 64 8.31 -23.36 -13.78
N LEU F 65 8.21 -23.12 -12.47
CA LEU F 65 8.35 -21.79 -11.89
C LEU F 65 9.57 -21.63 -10.97
N LYS F 66 10.25 -22.73 -10.64
CA LYS F 66 11.23 -22.79 -9.53
C LYS F 66 12.19 -21.61 -9.44
N ASP F 67 12.75 -21.24 -10.60
CA ASP F 67 13.73 -20.17 -10.74
C ASP F 67 13.16 -18.81 -10.31
N ARG F 68 11.84 -18.68 -10.33
CA ARG F 68 11.23 -17.38 -10.00
C ARG F 68 10.56 -17.35 -8.60
N LEU F 69 10.54 -18.49 -7.92
CA LEU F 69 9.84 -18.60 -6.61
C LEU F 69 10.77 -18.69 -5.45
N THR F 70 10.49 -17.96 -4.35
CA THR F 70 11.12 -18.20 -3.05
C THR F 70 10.01 -18.16 -1.99
N ILE F 71 9.95 -19.22 -1.20
CA ILE F 71 9.07 -19.31 -0.05
C ILE F 71 9.90 -19.22 1.23
N SER F 72 9.32 -18.61 2.24
CA SER F 72 9.96 -18.48 3.55
C SER F 72 8.90 -18.37 4.63
N LYS F 73 9.31 -18.70 5.84
CA LYS F 73 8.45 -18.61 7.01
C LYS F 73 9.03 -17.74 8.14
N ASP F 74 8.13 -17.13 8.91
CA ASP F 74 8.48 -16.50 10.17
C ASP F 74 7.51 -17.04 11.22
N THR F 75 8.02 -17.96 12.03
CA THR F 75 7.15 -18.76 12.86
C THR F 75 6.62 -17.94 14.05
N SER F 76 7.41 -16.95 14.44
CA SER F 76 7.03 -16.02 15.49
C SER F 76 5.88 -15.10 15.04
N LYS F 77 5.79 -14.88 13.72
CA LYS F 77 4.76 -14.01 13.18
C LYS F 77 3.52 -14.77 12.67
N ASN F 78 3.61 -16.10 12.65
CA ASN F 78 2.66 -17.01 11.95
C ASN F 78 2.39 -16.55 10.52
N GLN F 79 3.49 -16.33 9.78
CA GLN F 79 3.43 -15.79 8.44
C GLN F 79 4.36 -16.56 7.55
N VAL F 80 3.87 -16.89 6.37
CA VAL F 80 4.65 -17.46 5.26
C VAL F 80 4.66 -16.47 4.11
N VAL F 81 5.83 -16.25 3.53
CA VAL F 81 5.98 -15.31 2.43
C VAL F 81 6.29 -16.07 1.14
N LEU F 82 5.58 -15.76 0.05
CA LEU F 82 5.98 -16.22 -1.28
C LEU F 82 6.39 -15.07 -2.22
N LYS F 83 7.58 -15.19 -2.82
CA LYS F 83 8.08 -14.15 -3.71
C LYS F 83 8.17 -14.70 -5.14
N VAL F 84 7.52 -14.01 -6.07
CA VAL F 84 7.50 -14.42 -7.46
C VAL F 84 8.11 -13.28 -8.29
N THR F 85 9.34 -13.50 -8.73
CA THR F 85 10.10 -12.46 -9.48
C THR F 85 9.65 -12.48 -10.95
N ASN F 86 9.93 -11.40 -11.69
CA ASN F 86 9.66 -11.33 -13.15
C ASN F 86 8.23 -11.68 -13.56
N MET F 87 7.27 -11.11 -12.84
CA MET F 87 5.86 -11.27 -13.21
C MET F 87 5.58 -10.94 -14.69
N ASP F 88 4.80 -11.80 -15.32
CA ASP F 88 4.32 -11.60 -16.69
C ASP F 88 2.79 -11.80 -16.78
N PRO F 89 2.13 -11.37 -17.90
CA PRO F 89 0.65 -11.47 -17.93
C PRO F 89 0.08 -12.86 -17.66
N ALA F 90 0.85 -13.91 -17.91
CA ALA F 90 0.43 -15.27 -17.58
C ALA F 90 0.34 -15.54 -16.06
N ASP F 91 0.90 -14.66 -15.24
CA ASP F 91 0.85 -14.81 -13.77
C ASP F 91 -0.37 -14.12 -13.15
N THR F 92 -1.17 -13.43 -13.96
CA THR F 92 -2.42 -12.89 -13.50
C THR F 92 -3.30 -14.07 -13.03
N ALA F 93 -3.67 -14.04 -11.76
CA ALA F 93 -4.41 -15.17 -11.13
C ALA F 93 -4.90 -14.84 -9.74
N THR F 94 -5.78 -15.69 -9.22
CA THR F 94 -6.13 -15.66 -7.79
C THR F 94 -5.11 -16.59 -7.08
N TYR F 95 -4.43 -16.10 -6.04
CA TYR F 95 -3.44 -16.89 -5.32
C TYR F 95 -4.00 -17.32 -3.97
N TYR F 96 -3.89 -18.61 -3.67
CA TYR F 96 -4.35 -19.17 -2.38
C TYR F 96 -3.20 -19.74 -1.54
N CYS F 97 -3.28 -19.52 -0.22
CA CYS F 97 -2.48 -20.31 0.69
C CYS F 97 -3.38 -21.34 1.44
N ALA F 98 -2.77 -22.39 1.97
CA ALA F 98 -3.53 -23.55 2.42
C ALA F 98 -2.62 -24.35 3.32
N ARG F 99 -3.23 -25.10 4.24
CA ARG F 99 -2.49 -25.91 5.21
C ARG F 99 -2.37 -27.35 4.77
N ASP F 100 -1.20 -27.93 5.00
CA ASP F 100 -0.92 -29.33 4.74
C ASP F 100 -0.29 -29.89 6.00
N MET F 101 -0.44 -31.20 6.16
CA MET F 101 0.09 -31.91 7.32
C MET F 101 0.80 -33.19 6.88
N ILE F 102 1.79 -33.58 7.69
CA ILE F 102 2.71 -34.68 7.43
C ILE F 102 2.18 -35.93 6.77
N PHE F 103 1.12 -36.57 7.24
CA PHE F 103 0.76 -37.77 6.45
C PHE F 103 -0.39 -37.60 5.49
N ASN F 104 -0.99 -36.41 5.54
CA ASN F 104 -2.05 -36.01 4.59
C ASN F 104 -1.56 -35.84 3.16
N PHE F 105 -0.67 -34.87 2.94
CA PHE F 105 -0.21 -34.51 1.60
C PHE F 105 -1.39 -34.07 0.73
N TYR F 106 -2.34 -33.36 1.36
CA TYR F 106 -3.41 -32.64 0.68
C TYR F 106 -3.71 -31.37 1.47
N PHE F 107 -4.40 -30.45 0.85
CA PHE F 107 -4.72 -29.18 1.47
C PHE F 107 -6.13 -29.24 2.04
N ASP F 108 -6.26 -29.20 3.37
CA ASP F 108 -7.53 -29.36 4.07
C ASP F 108 -8.20 -28.03 4.45
N VAL F 109 -7.42 -26.98 4.71
CA VAL F 109 -8.00 -25.66 4.98
C VAL F 109 -7.31 -24.63 4.06
N TRP F 110 -8.12 -23.78 3.46
CA TRP F 110 -7.68 -22.86 2.41
C TRP F 110 -7.94 -21.43 2.84
N GLY F 111 -7.03 -20.52 2.49
CA GLY F 111 -7.35 -19.08 2.50
C GLY F 111 -8.44 -18.76 1.49
N GLN F 112 -8.99 -17.54 1.54
CA GLN F 112 -10.05 -17.11 0.60
C GLN F 112 -9.48 -16.82 -0.79
N GLY F 113 -8.18 -16.53 -0.86
CA GLY F 113 -7.55 -16.21 -2.15
C GLY F 113 -7.42 -14.73 -2.38
N THR F 114 -6.37 -14.32 -3.07
CA THR F 114 -6.17 -12.91 -3.39
C THR F 114 -5.90 -12.76 -4.90
N THR F 115 -6.62 -11.84 -5.53
CA THR F 115 -6.54 -11.62 -6.98
C THR F 115 -5.35 -10.72 -7.27
N VAL F 116 -4.53 -11.13 -8.23
CA VAL F 116 -3.36 -10.32 -8.61
C VAL F 116 -3.42 -10.18 -10.13
N THR F 117 -3.43 -8.92 -10.59
CA THR F 117 -3.37 -8.63 -12.01
C THR F 117 -1.98 -8.07 -12.34
N VAL F 118 -1.44 -8.52 -13.45
CA VAL F 118 -0.18 -8.00 -13.98
C VAL F 118 -0.54 -7.09 -15.14
N SER F 119 -0.20 -5.80 -14.99
CA SER F 119 -0.58 -4.78 -15.94
C SER F 119 0.22 -3.52 -15.63
N SER F 120 0.56 -2.80 -16.68
CA SER F 120 1.14 -1.46 -16.59
C SER F 120 0.07 -0.41 -16.23
N ALA F 121 -1.19 -0.69 -16.54
CA ALA F 121 -2.27 0.30 -16.25
C ALA F 121 -2.43 0.65 -14.76
N SER F 122 -2.95 1.84 -14.48
CA SER F 122 -3.09 2.34 -13.12
C SER F 122 -4.38 1.86 -12.46
N THR F 123 -4.41 1.89 -11.13
CA THR F 123 -5.64 1.59 -10.39
C THR F 123 -6.70 2.69 -10.64
N LYS F 124 -7.95 2.29 -10.80
CA LYS F 124 -9.05 3.24 -11.01
C LYS F 124 -10.31 2.75 -10.28
N GLY F 125 -10.94 3.63 -9.51
CA GLY F 125 -12.16 3.32 -8.75
C GLY F 125 -13.38 3.39 -9.63
N PRO F 126 -14.43 2.62 -9.31
CA PRO F 126 -15.62 2.51 -10.14
C PRO F 126 -16.48 3.75 -10.05
N SER F 127 -17.25 3.99 -11.10
CA SER F 127 -18.38 4.92 -11.05
C SER F 127 -19.63 4.06 -10.81
N VAL F 128 -20.48 4.48 -9.89
CA VAL F 128 -21.70 3.72 -9.53
C VAL F 128 -22.97 4.51 -9.96
N PHE F 129 -23.81 3.90 -10.80
CA PHE F 129 -25.02 4.52 -11.39
C PHE F 129 -26.27 3.71 -11.07
N PRO F 130 -27.45 4.35 -10.87
CA PRO F 130 -28.59 3.51 -10.44
C PRO F 130 -29.25 2.79 -11.61
N LEU F 131 -29.77 1.57 -11.39
CA LEU F 131 -30.72 1.00 -12.33
C LEU F 131 -32.08 1.13 -11.66
N ALA F 132 -32.70 2.28 -11.89
CA ALA F 132 -33.94 2.63 -11.23
C ALA F 132 -35.09 1.65 -11.55
N PRO F 133 -35.85 1.22 -10.53
CA PRO F 133 -37.06 0.44 -10.83
C PRO F 133 -38.07 1.38 -11.52
N SER F 134 -38.64 0.90 -12.61
CA SER F 134 -39.69 1.61 -13.33
C SER F 134 -40.76 0.64 -13.76
N SER F 135 -41.79 1.18 -14.41
CA SER F 135 -42.82 0.39 -15.09
C SER F 135 -42.21 -0.54 -16.15
N LYS F 136 -41.12 -0.11 -16.77
CA LYS F 136 -40.35 -0.92 -17.75
C LYS F 136 -39.50 -2.03 -17.10
N SER F 137 -39.40 -1.99 -15.77
CA SER F 137 -38.78 -3.08 -15.00
C SER F 137 -39.73 -3.62 -13.92
N THR F 138 -41.02 -3.68 -14.26
CA THR F 138 -42.08 -4.19 -13.37
C THR F 138 -42.84 -5.32 -14.08
N SER F 139 -43.09 -6.40 -13.34
CA SER F 139 -43.70 -7.61 -13.88
C SER F 139 -44.69 -8.23 -12.88
N GLY F 140 -45.83 -7.55 -12.69
CA GLY F 140 -46.95 -8.01 -11.85
C GLY F 140 -46.61 -8.34 -10.40
N GLY F 141 -46.28 -7.30 -9.61
CA GLY F 141 -45.93 -7.46 -8.20
C GLY F 141 -44.44 -7.57 -7.94
N THR F 142 -43.66 -7.89 -8.97
CA THR F 142 -42.20 -7.94 -8.91
C THR F 142 -41.56 -6.79 -9.71
N ALA F 143 -40.74 -5.98 -9.02
CA ALA F 143 -39.93 -4.97 -9.69
C ALA F 143 -38.46 -5.35 -9.63
N ALA F 144 -37.71 -4.95 -10.65
CA ALA F 144 -36.27 -5.15 -10.70
C ALA F 144 -35.54 -3.80 -10.60
N LEU F 145 -34.46 -3.78 -9.84
CA LEU F 145 -33.61 -2.57 -9.72
C LEU F 145 -32.16 -2.95 -9.58
N GLY F 146 -31.27 -1.96 -9.63
CA GLY F 146 -29.86 -2.29 -9.56
C GLY F 146 -28.90 -1.11 -9.50
N CYS F 147 -27.62 -1.44 -9.56
CA CYS F 147 -26.56 -0.46 -9.65
C CYS F 147 -25.63 -0.94 -10.76
N LEU F 148 -25.24 -0.01 -11.62
CA LEU F 148 -24.24 -0.24 -12.64
C LEU F 148 -22.90 0.20 -12.05
N VAL F 149 -21.95 -0.73 -12.02
CA VAL F 149 -20.66 -0.48 -11.43
C VAL F 149 -19.63 -0.47 -12.58
N LYS F 150 -19.22 0.72 -12.98
CA LYS F 150 -18.56 0.91 -14.27
C LYS F 150 -17.15 1.49 -14.16
N ASP F 151 -16.29 1.08 -15.07
CA ASP F 151 -14.97 1.73 -15.33
C ASP F 151 -14.00 1.65 -14.17
N TYR F 152 -13.78 0.44 -13.67
CA TYR F 152 -12.82 0.24 -12.61
C TYR F 152 -11.66 -0.65 -13.05
N PHE F 153 -10.59 -0.64 -12.26
CA PHE F 153 -9.39 -1.46 -12.54
C PHE F 153 -8.48 -1.55 -11.30
N PRO F 154 -7.91 -2.70 -10.93
CA PRO F 154 -8.20 -4.02 -11.49
C PRO F 154 -9.41 -4.63 -10.75
N GLU F 155 -9.69 -5.90 -11.05
CA GLU F 155 -10.52 -6.78 -10.21
C GLU F 155 -9.93 -6.96 -8.80
N PRO F 156 -10.75 -7.19 -7.75
CA PRO F 156 -12.19 -7.43 -7.85
C PRO F 156 -13.00 -6.24 -7.33
N VAL F 157 -14.29 -6.26 -7.63
CA VAL F 157 -15.31 -5.44 -6.96
C VAL F 157 -16.23 -6.37 -6.14
N THR F 158 -16.64 -5.96 -4.94
CA THR F 158 -17.72 -6.68 -4.25
C THR F 158 -18.96 -5.80 -4.12
N VAL F 159 -20.13 -6.43 -4.21
CA VAL F 159 -21.40 -5.71 -4.06
C VAL F 159 -22.34 -6.43 -3.07
N SER F 160 -22.83 -5.69 -2.09
CA SER F 160 -23.94 -6.16 -1.25
C SER F 160 -25.10 -5.16 -1.33
N TRP F 161 -26.24 -5.56 -0.78
CA TRP F 161 -27.42 -4.72 -0.72
C TRP F 161 -27.87 -4.57 0.73
N ASN F 162 -28.13 -3.32 1.11
CA ASN F 162 -28.60 -2.93 2.45
C ASN F 162 -27.70 -3.53 3.53
N SER F 163 -26.38 -3.40 3.32
CA SER F 163 -25.32 -3.85 4.23
C SER F 163 -25.26 -5.35 4.49
N GLY F 164 -25.83 -6.15 3.58
CA GLY F 164 -25.89 -7.59 3.74
C GLY F 164 -27.26 -8.13 4.10
N ALA F 165 -28.14 -7.25 4.58
CA ALA F 165 -29.51 -7.61 4.99
C ALA F 165 -30.38 -8.17 3.86
N LEU F 166 -30.18 -7.69 2.64
CA LEU F 166 -30.93 -8.17 1.47
C LEU F 166 -30.10 -9.10 0.60
N THR F 167 -30.50 -10.37 0.53
CA THR F 167 -29.79 -11.39 -0.26
C THR F 167 -30.67 -12.07 -1.31
N SER F 168 -31.94 -12.30 -0.98
CA SER F 168 -32.88 -12.97 -1.88
C SER F 168 -33.11 -12.17 -3.15
N GLY F 169 -33.10 -12.84 -4.29
CA GLY F 169 -33.33 -12.19 -5.61
C GLY F 169 -32.16 -11.34 -6.13
N VAL F 170 -31.00 -11.39 -5.48
CA VAL F 170 -29.80 -10.60 -5.87
C VAL F 170 -28.97 -11.35 -6.91
N HIS F 171 -28.79 -10.75 -8.08
CA HIS F 171 -27.85 -11.28 -9.08
C HIS F 171 -26.75 -10.27 -9.36
N THR F 172 -25.51 -10.62 -9.01
CA THR F 172 -24.35 -9.77 -9.28
C THR F 172 -23.54 -10.45 -10.40
N PHE F 173 -23.58 -9.85 -11.58
CA PHE F 173 -22.99 -10.41 -12.80
C PHE F 173 -21.47 -10.36 -12.80
N PRO F 174 -20.82 -11.40 -13.34
CA PRO F 174 -19.35 -11.36 -13.50
C PRO F 174 -18.96 -10.06 -14.21
N ALA F 175 -17.84 -9.48 -13.84
CA ALA F 175 -17.30 -8.31 -14.54
C ALA F 175 -16.89 -8.69 -15.98
N VAL F 176 -17.06 -7.75 -16.90
CA VAL F 176 -16.55 -7.86 -18.28
C VAL F 176 -15.42 -6.81 -18.42
N LEU F 177 -14.27 -7.22 -18.94
CA LEU F 177 -13.24 -6.27 -19.37
C LEU F 177 -13.72 -5.57 -20.65
N GLN F 178 -13.92 -4.26 -20.57
CA GLN F 178 -14.42 -3.49 -21.73
C GLN F 178 -13.26 -3.18 -22.70
N SER F 179 -13.60 -2.69 -23.89
CA SER F 179 -12.62 -2.38 -24.94
C SER F 179 -11.65 -1.27 -24.50
N SER F 180 -12.06 -0.45 -23.52
CA SER F 180 -11.19 0.58 -22.93
C SER F 180 -10.16 0.00 -21.93
N GLY F 181 -10.26 -1.30 -21.65
CA GLY F 181 -9.41 -1.98 -20.66
C GLY F 181 -9.78 -1.67 -19.22
N LEU F 182 -10.99 -1.15 -19.02
CA LEU F 182 -11.59 -1.04 -17.68
C LEU F 182 -12.72 -2.10 -17.54
N TYR F 183 -13.04 -2.48 -16.28
CA TYR F 183 -14.03 -3.51 -16.02
C TYR F 183 -15.34 -2.84 -15.70
N SER F 184 -16.44 -3.57 -15.97
CA SER F 184 -17.75 -3.14 -15.59
C SER F 184 -18.66 -4.33 -15.28
N LEU F 185 -19.58 -4.13 -14.35
CA LEU F 185 -20.61 -5.13 -14.03
C LEU F 185 -21.87 -4.44 -13.53
N SER F 186 -22.99 -5.17 -13.61
CA SER F 186 -24.18 -4.73 -12.89
C SER F 186 -24.51 -5.70 -11.75
N SER F 187 -25.23 -5.20 -10.74
CA SER F 187 -25.84 -6.02 -9.69
C SER F 187 -27.30 -5.64 -9.66
N VAL F 188 -28.16 -6.64 -9.82
CA VAL F 188 -29.60 -6.39 -9.84
C VAL F 188 -30.27 -7.15 -8.68
N VAL F 189 -31.43 -6.67 -8.26
CA VAL F 189 -32.25 -7.37 -7.26
C VAL F 189 -33.71 -7.16 -7.63
N THR F 190 -34.49 -8.22 -7.52
CA THR F 190 -35.95 -8.17 -7.73
C THR F 190 -36.65 -8.11 -6.37
N VAL F 191 -37.66 -7.26 -6.26
CA VAL F 191 -38.31 -6.97 -4.98
C VAL F 191 -39.82 -6.81 -5.19
N PRO F 192 -40.62 -6.98 -4.13
CA PRO F 192 -42.05 -6.65 -4.25
C PRO F 192 -42.31 -5.21 -4.68
N SER F 193 -43.17 -5.05 -5.68
CA SER F 193 -43.62 -3.73 -6.19
C SER F 193 -44.16 -2.79 -5.12
N SER F 194 -44.87 -3.35 -4.13
CA SER F 194 -45.44 -2.58 -3.01
C SER F 194 -44.38 -1.95 -2.09
N SER F 195 -43.23 -2.61 -1.96
CA SER F 195 -42.13 -2.15 -1.10
C SER F 195 -41.44 -0.87 -1.61
N LEU F 196 -41.57 -0.60 -2.91
CA LEU F 196 -40.91 0.53 -3.58
C LEU F 196 -41.14 1.91 -2.94
N GLY F 197 -42.33 2.13 -2.40
CA GLY F 197 -42.67 3.41 -1.76
C GLY F 197 -42.11 3.65 -0.36
N THR F 198 -41.70 2.58 0.34
CA THR F 198 -41.30 2.67 1.77
C THR F 198 -39.95 2.03 2.11
N GLN F 199 -39.60 0.93 1.45
CA GLN F 199 -38.35 0.21 1.73
C GLN F 199 -37.14 0.86 1.01
N THR F 200 -36.07 1.07 1.77
CA THR F 200 -34.85 1.70 1.26
C THR F 200 -33.88 0.68 0.67
N TYR F 201 -33.44 0.93 -0.56
CA TYR F 201 -32.52 0.01 -1.23
C TYR F 201 -31.19 0.69 -1.51
N ILE F 202 -30.12 0.16 -0.89
CA ILE F 202 -28.77 0.71 -0.98
C ILE F 202 -27.82 -0.37 -1.51
N CYS F 203 -27.15 -0.11 -2.64
CA CYS F 203 -26.07 -1.00 -3.08
C CYS F 203 -24.72 -0.55 -2.50
N ASN F 204 -24.05 -1.47 -1.82
CA ASN F 204 -22.78 -1.19 -1.18
C ASN F 204 -21.67 -1.75 -2.05
N VAL F 205 -20.90 -0.88 -2.66
CA VAL F 205 -19.86 -1.29 -3.63
C VAL F 205 -18.49 -1.04 -3.00
N ASN F 206 -17.65 -2.08 -2.97
CA ASN F 206 -16.31 -2.04 -2.39
C ASN F 206 -15.20 -2.38 -3.42
N HIS F 207 -14.28 -1.44 -3.66
CA HIS F 207 -13.16 -1.66 -4.59
C HIS F 207 -11.90 -1.45 -3.81
N LYS F 208 -11.48 -2.54 -3.17
CA LYS F 208 -10.31 -2.53 -2.32
C LYS F 208 -9.03 -2.07 -3.05
N PRO F 209 -8.81 -2.50 -4.32
CA PRO F 209 -7.59 -1.99 -4.97
C PRO F 209 -7.44 -0.45 -4.94
N SER F 210 -8.53 0.30 -5.13
CA SER F 210 -8.46 1.76 -5.13
C SER F 210 -8.88 2.42 -3.82
N ASN F 211 -9.10 1.61 -2.77
CA ASN F 211 -9.66 2.06 -1.47
C ASN F 211 -11.01 2.79 -1.53
N THR F 212 -11.80 2.47 -2.57
CA THR F 212 -13.09 3.12 -2.85
C THR F 212 -14.25 2.32 -2.25
N LYS F 213 -15.08 3.01 -1.48
CA LYS F 213 -16.35 2.48 -0.99
C LYS F 213 -17.46 3.43 -1.40
N VAL F 214 -18.47 2.91 -2.08
CA VAL F 214 -19.62 3.72 -2.48
C VAL F 214 -20.88 3.07 -1.91
N ASP F 215 -21.71 3.88 -1.25
CA ASP F 215 -23.02 3.42 -0.76
C ASP F 215 -24.14 4.22 -1.41
N LYS F 216 -24.74 3.63 -2.45
CA LYS F 216 -25.64 4.34 -3.36
C LYS F 216 -27.08 3.87 -3.09
N ARG F 217 -27.95 4.78 -2.69
CA ARG F 217 -29.39 4.50 -2.63
C ARG F 217 -29.99 4.62 -4.01
N VAL F 218 -30.80 3.63 -4.35
CA VAL F 218 -31.48 3.55 -5.64
C VAL F 218 -32.95 3.74 -5.36
N GLU F 219 -33.54 4.76 -5.98
CA GLU F 219 -34.94 5.13 -5.77
C GLU F 219 -35.77 4.98 -7.06
N PRO F 220 -37.09 4.71 -6.93
CA PRO F 220 -37.91 4.83 -8.13
C PRO F 220 -37.93 6.29 -8.60
N LYS F 221 -37.98 6.48 -9.92
CA LYS F 221 -38.26 7.80 -10.53
C LYS F 221 -38.43 7.66 -12.05
N SER F 222 -39.57 8.14 -12.54
CA SER F 222 -39.83 8.29 -13.98
C SER F 222 -40.39 9.69 -14.31
N CYS F 223 -41.00 10.33 -13.31
CA CYS F 223 -41.51 11.70 -13.39
C CYS F 223 -41.23 12.52 -12.12
N ASP G 1 -15.01 -36.35 -24.00
CA ASP G 1 -13.71 -35.83 -24.52
C ASP G 1 -12.59 -36.82 -24.26
N ILE G 2 -11.80 -37.08 -25.28
CA ILE G 2 -10.56 -37.85 -25.13
C ILE G 2 -9.45 -36.83 -24.85
N GLN G 3 -8.74 -37.02 -23.73
CA GLN G 3 -7.63 -36.16 -23.35
C GLN G 3 -6.42 -37.02 -23.08
N MET G 4 -5.26 -36.39 -23.04
CA MET G 4 -4.00 -37.10 -22.87
C MET G 4 -3.10 -36.41 -21.85
N THR G 5 -2.38 -37.20 -21.08
CA THR G 5 -1.27 -36.69 -20.32
C THR G 5 0.01 -37.09 -21.06
N GLN G 6 1.08 -36.33 -20.84
CA GLN G 6 2.37 -36.65 -21.41
C GLN G 6 3.40 -36.68 -20.34
N SER G 7 4.27 -37.67 -20.40
CA SER G 7 5.39 -37.78 -19.44
C SER G 7 6.74 -38.20 -20.08
N PRO G 8 7.87 -37.63 -19.61
CA PRO G 8 7.91 -36.55 -18.60
C PRO G 8 7.50 -35.20 -19.22
N SER G 9 7.36 -34.17 -18.39
CA SER G 9 7.03 -32.82 -18.85
C SER G 9 8.21 -32.10 -19.52
N THR G 10 9.41 -32.39 -19.02
CA THR G 10 10.69 -31.86 -19.49
C THR G 10 11.69 -32.99 -19.41
N LEU G 11 12.68 -32.95 -20.30
CA LEU G 11 13.64 -34.01 -20.50
C LEU G 11 14.96 -33.37 -20.95
N SER G 12 16.06 -33.88 -20.40
CA SER G 12 17.44 -33.46 -20.74
C SER G 12 18.24 -34.74 -20.95
N ALA G 13 18.73 -34.95 -22.17
CA ALA G 13 19.59 -36.09 -22.50
C ALA G 13 20.72 -35.63 -23.40
N SER G 14 21.81 -36.40 -23.43
CA SER G 14 23.02 -36.11 -24.22
C SER G 14 22.85 -36.54 -25.67
N VAL G 15 23.59 -35.90 -26.60
CA VAL G 15 23.70 -36.33 -28.00
C VAL G 15 23.97 -37.85 -28.01
N GLY G 16 23.19 -38.60 -28.78
CA GLY G 16 23.38 -40.07 -28.91
C GLY G 16 22.59 -40.93 -27.92
N ASP G 17 21.92 -40.31 -26.95
CA ASP G 17 21.09 -41.03 -25.97
C ASP G 17 19.74 -41.48 -26.55
N ARG G 18 19.18 -42.55 -26.00
CA ARG G 18 17.80 -42.97 -26.29
C ARG G 18 16.88 -42.13 -25.43
N VAL G 19 15.95 -41.45 -26.08
CA VAL G 19 14.93 -40.59 -25.48
C VAL G 19 13.58 -41.31 -25.66
N THR G 20 12.77 -41.33 -24.60
CA THR G 20 11.46 -41.99 -24.60
C THR G 20 10.43 -41.05 -23.97
N ILE G 21 9.36 -40.79 -24.72
CA ILE G 21 8.26 -39.91 -24.24
C ILE G 21 6.96 -40.71 -24.31
N THR G 22 6.14 -40.63 -23.26
CA THR G 22 4.91 -41.45 -23.27
C THR G 22 3.70 -40.52 -23.27
N CYS G 23 2.61 -40.99 -23.82
CA CYS G 23 1.37 -40.22 -23.86
C CYS G 23 0.30 -41.19 -23.38
N SER G 24 -0.53 -40.74 -22.44
CA SER G 24 -1.56 -41.59 -21.88
C SER G 24 -2.94 -41.01 -22.08
N ALA G 25 -3.78 -41.75 -22.80
CA ALA G 25 -5.11 -41.29 -23.24
C ALA G 25 -6.19 -41.69 -22.25
N SER G 26 -7.23 -40.84 -22.10
CA SER G 26 -8.32 -41.09 -21.10
C SER G 26 -9.24 -42.28 -21.50
N SER G 27 -9.24 -42.64 -22.78
CA SER G 27 -9.89 -43.88 -23.27
C SER G 27 -9.14 -44.30 -24.52
N ARG G 28 -9.54 -45.46 -25.05
CA ARG G 28 -8.82 -46.03 -26.19
C ARG G 28 -8.94 -45.17 -27.46
N VAL G 29 -7.87 -45.07 -28.23
CA VAL G 29 -7.94 -44.30 -29.50
C VAL G 29 -7.26 -45.12 -30.56
N GLY G 30 -7.75 -45.00 -31.79
CA GLY G 30 -7.40 -45.90 -32.86
C GLY G 30 -5.98 -45.65 -33.33
N TYR G 31 -5.58 -44.38 -33.24
CA TYR G 31 -4.24 -43.91 -33.58
C TYR G 31 -3.85 -42.76 -32.66
N MET G 32 -2.55 -42.64 -32.45
CA MET G 32 -1.96 -41.45 -31.89
C MET G 32 -0.97 -40.87 -32.90
N HIS G 33 -0.92 -39.55 -32.96
CA HIS G 33 -0.06 -38.83 -33.88
C HIS G 33 0.86 -37.94 -33.05
N TRP G 34 2.00 -37.55 -33.61
CA TRP G 34 2.95 -36.71 -32.86
C TRP G 34 3.43 -35.53 -33.67
N TYR G 35 3.51 -34.38 -33.01
CA TYR G 35 3.99 -33.14 -33.60
C TYR G 35 5.26 -32.73 -32.89
N GLN G 36 6.20 -32.21 -33.67
CA GLN G 36 7.40 -31.58 -33.14
C GLN G 36 7.33 -30.10 -33.45
N GLN G 37 7.45 -29.25 -32.41
CA GLN G 37 7.44 -27.82 -32.58
C GLN G 37 8.70 -27.16 -31.98
N LYS G 38 9.54 -26.64 -32.86
CA LYS G 38 10.58 -25.69 -32.49
C LYS G 38 9.95 -24.36 -32.08
N PRO G 39 10.49 -23.67 -31.03
CA PRO G 39 9.74 -22.55 -30.43
C PRO G 39 9.52 -21.40 -31.42
N GLY G 40 8.35 -20.77 -31.34
CA GLY G 40 7.93 -19.71 -32.27
C GLY G 40 7.67 -20.12 -33.71
N LYS G 41 7.66 -21.42 -34.00
CA LYS G 41 7.40 -21.94 -35.34
C LYS G 41 6.19 -22.87 -35.33
N ALA G 42 5.61 -23.13 -36.51
CA ALA G 42 4.49 -24.08 -36.61
C ALA G 42 4.91 -25.49 -36.28
N PRO G 43 4.03 -26.23 -35.58
CA PRO G 43 4.24 -27.66 -35.38
C PRO G 43 4.33 -28.39 -36.72
N LYS G 44 5.18 -29.39 -36.76
CA LYS G 44 5.41 -30.18 -37.94
C LYS G 44 4.99 -31.58 -37.55
N LEU G 45 4.22 -32.22 -38.42
CA LEU G 45 3.85 -33.62 -38.22
C LEU G 45 5.12 -34.48 -38.19
N LEU G 46 5.28 -35.28 -37.15
CA LEU G 46 6.50 -36.06 -36.97
C LEU G 46 6.20 -37.54 -37.22
N ILE G 47 5.21 -38.01 -36.46
CA ILE G 47 4.72 -39.41 -36.52
C ILE G 47 3.22 -39.35 -36.66
N TYR G 48 2.69 -40.22 -37.52
CA TYR G 48 1.28 -40.30 -37.76
C TYR G 48 0.88 -41.79 -37.75
N ASP G 49 -0.40 -42.03 -37.53
CA ASP G 49 -0.97 -43.39 -37.39
C ASP G 49 -0.16 -44.28 -36.48
N THR G 50 0.17 -43.74 -35.29
CA THR G 50 0.95 -44.37 -34.22
C THR G 50 2.45 -44.61 -34.53
N SER G 51 2.74 -45.15 -35.69
CA SER G 51 4.06 -45.70 -35.94
C SER G 51 4.67 -45.24 -37.26
N LYS G 52 4.04 -44.32 -37.97
CA LYS G 52 4.52 -44.06 -39.33
C LYS G 52 5.29 -42.74 -39.33
N LEU G 53 6.42 -42.69 -40.04
CA LEU G 53 7.25 -41.44 -40.05
C LEU G 53 6.73 -40.53 -41.14
N ALA G 54 6.52 -39.27 -40.79
CA ALA G 54 6.01 -38.28 -41.74
C ALA G 54 7.11 -37.83 -42.72
N SER G 55 6.72 -37.04 -43.71
CA SER G 55 7.60 -36.52 -44.76
C SER G 55 8.79 -35.81 -44.13
N GLY G 56 9.99 -36.21 -44.55
CA GLY G 56 11.25 -35.62 -44.10
C GLY G 56 11.74 -35.98 -42.70
N VAL G 57 11.07 -36.92 -42.04
CA VAL G 57 11.46 -37.32 -40.67
C VAL G 57 12.50 -38.45 -40.76
N PRO G 58 13.66 -38.32 -40.07
CA PRO G 58 14.67 -39.38 -40.17
C PRO G 58 14.41 -40.57 -39.24
N SER G 59 15.08 -41.66 -39.58
CA SER G 59 14.90 -42.98 -38.99
C SER G 59 15.07 -43.08 -37.47
N ARG G 60 15.81 -42.11 -36.90
CA ARG G 60 15.99 -41.83 -35.48
C ARG G 60 14.65 -41.83 -34.70
N PHE G 61 13.61 -41.20 -35.27
CA PHE G 61 12.27 -41.14 -34.65
C PHE G 61 11.46 -42.44 -34.89
N SER G 62 10.76 -42.93 -33.86
CA SER G 62 9.82 -44.05 -34.00
C SER G 62 8.64 -43.86 -33.07
N GLY G 63 7.52 -44.50 -33.41
CA GLY G 63 6.35 -44.42 -32.56
C GLY G 63 5.76 -45.82 -32.40
N SER G 64 5.19 -46.06 -31.22
CA SER G 64 4.54 -47.34 -30.94
C SER G 64 3.46 -47.13 -29.90
N GLY G 65 2.66 -48.19 -29.69
CA GLY G 65 1.69 -48.21 -28.61
C GLY G 65 0.36 -48.62 -29.19
N SER G 66 -0.64 -48.68 -28.33
CA SER G 66 -2.01 -49.01 -28.69
C SER G 66 -2.90 -48.70 -27.50
N GLY G 67 -4.20 -48.66 -27.75
CA GLY G 67 -5.22 -48.45 -26.71
C GLY G 67 -5.13 -47.06 -26.14
N THR G 68 -4.60 -46.99 -24.93
CA THR G 68 -4.37 -45.71 -24.25
C THR G 68 -2.89 -45.28 -24.19
N GLU G 69 -1.95 -46.22 -24.34
CA GLU G 69 -0.52 -46.02 -24.04
C GLU G 69 0.30 -45.90 -25.31
N PHE G 70 0.97 -44.77 -25.48
CA PHE G 70 1.70 -44.51 -26.76
C PHE G 70 3.07 -43.96 -26.43
N THR G 71 4.05 -44.30 -27.26
CA THR G 71 5.44 -43.95 -26.96
C THR G 71 6.05 -43.29 -28.17
N LEU G 72 6.75 -42.16 -27.97
CA LEU G 72 7.68 -41.62 -28.99
C LEU G 72 9.14 -41.87 -28.57
N THR G 73 9.94 -42.45 -29.48
CA THR G 73 11.33 -42.75 -29.20
C THR G 73 12.24 -42.03 -30.20
N ILE G 74 13.27 -41.38 -29.67
CA ILE G 74 14.43 -40.88 -30.43
C ILE G 74 15.63 -41.77 -30.09
N SER G 75 16.07 -42.61 -31.03
CA SER G 75 17.09 -43.64 -30.69
C SER G 75 18.52 -43.13 -30.46
N SER G 76 18.84 -41.95 -31.02
CA SER G 76 20.16 -41.34 -30.97
C SER G 76 19.89 -39.86 -31.03
N LEU G 77 19.81 -39.21 -29.88
CA LEU G 77 19.35 -37.82 -29.84
C LEU G 77 20.37 -36.88 -30.46
N GLN G 78 19.89 -35.94 -31.28
CA GLN G 78 20.77 -35.03 -32.03
C GLN G 78 20.58 -33.60 -31.58
N PRO G 79 21.64 -32.75 -31.69
CA PRO G 79 21.54 -31.41 -31.14
C PRO G 79 20.34 -30.64 -31.70
N ASP G 80 20.00 -30.85 -32.97
CA ASP G 80 18.86 -30.09 -33.52
C ASP G 80 17.48 -30.63 -33.10
N ASP G 81 17.44 -31.68 -32.28
CA ASP G 81 16.15 -32.29 -31.85
C ASP G 81 15.48 -31.63 -30.66
N PHE G 82 16.12 -30.57 -30.12
CA PHE G 82 15.50 -29.81 -29.03
C PHE G 82 14.24 -29.18 -29.58
N ALA G 83 13.14 -29.40 -28.86
CA ALA G 83 11.79 -29.03 -29.33
C ALA G 83 10.79 -29.39 -28.26
N THR G 84 9.55 -28.89 -28.41
CA THR G 84 8.41 -29.42 -27.67
C THR G 84 7.67 -30.45 -28.53
N TYR G 85 7.52 -31.66 -28.02
CA TYR G 85 6.82 -32.71 -28.73
C TYR G 85 5.42 -32.85 -28.16
N TYR G 86 4.42 -32.90 -29.06
CA TYR G 86 2.99 -33.04 -28.65
C TYR G 86 2.37 -34.27 -29.28
N CYS G 87 1.69 -35.07 -28.48
CA CYS G 87 0.80 -36.10 -29.00
C CYS G 87 -0.53 -35.46 -29.35
N PHE G 88 -1.28 -36.09 -30.27
CA PHE G 88 -2.52 -35.53 -30.83
C PHE G 88 -3.42 -36.70 -31.23
N GLN G 89 -4.69 -36.64 -30.83
CA GLN G 89 -5.71 -37.56 -31.31
C GLN G 89 -6.72 -36.82 -32.19
N GLY G 90 -7.05 -37.44 -33.34
CA GLY G 90 -8.14 -37.03 -34.22
C GLY G 90 -9.18 -38.14 -34.42
N SER G 91 -9.19 -39.12 -33.52
CA SER G 91 -10.14 -40.22 -33.55
C SER G 91 -11.56 -39.80 -33.14
N GLY G 92 -11.69 -38.70 -32.41
CA GLY G 92 -13.03 -38.20 -32.05
C GLY G 92 -13.00 -36.74 -31.71
N TYR G 93 -14.13 -36.05 -31.94
CA TYR G 93 -14.28 -34.65 -31.56
C TYR G 93 -14.57 -34.45 -30.07
N PRO G 94 -14.01 -33.42 -29.42
CA PRO G 94 -13.08 -32.49 -30.07
C PRO G 94 -11.69 -33.11 -30.22
N PHE G 95 -10.98 -32.74 -31.29
CA PHE G 95 -9.56 -33.05 -31.42
C PHE G 95 -8.78 -32.46 -30.24
N THR G 96 -7.79 -33.19 -29.72
CA THR G 96 -7.04 -32.66 -28.55
C THR G 96 -5.55 -33.03 -28.66
N PHE G 97 -4.71 -32.20 -28.05
CA PHE G 97 -3.27 -32.41 -27.95
C PHE G 97 -2.91 -32.77 -26.53
N GLY G 98 -1.83 -33.52 -26.37
CA GLY G 98 -1.20 -33.63 -25.04
C GLY G 98 -0.59 -32.28 -24.60
N GLY G 99 -0.23 -32.21 -23.33
CA GLY G 99 0.41 -31.02 -22.71
C GLY G 99 1.82 -30.68 -23.20
N GLY G 100 2.48 -31.62 -23.87
CA GLY G 100 3.77 -31.34 -24.48
C GLY G 100 4.91 -31.82 -23.63
N THR G 101 5.98 -32.29 -24.28
CA THR G 101 7.22 -32.65 -23.60
C THR G 101 8.34 -31.79 -24.22
N LYS G 102 8.95 -30.98 -23.38
CA LYS G 102 10.13 -30.22 -23.79
C LYS G 102 11.38 -31.04 -23.67
N VAL G 103 12.02 -31.29 -24.80
CA VAL G 103 13.29 -32.00 -24.87
C VAL G 103 14.43 -30.94 -24.93
N GLU G 104 15.44 -31.12 -24.10
CA GLU G 104 16.64 -30.26 -24.02
C GLU G 104 17.87 -31.15 -24.12
N ILE G 105 18.94 -30.65 -24.74
CA ILE G 105 20.14 -31.45 -24.98
C ILE G 105 21.12 -31.18 -23.85
N LYS G 106 21.55 -32.24 -23.17
CA LYS G 106 22.52 -32.18 -22.09
C LYS G 106 23.91 -32.23 -22.72
N ARG G 107 24.84 -31.45 -22.19
CA ARG G 107 26.21 -31.43 -22.68
C ARG G 107 27.15 -31.04 -21.55
N THR G 108 28.45 -31.00 -21.87
CA THR G 108 29.48 -30.59 -20.94
C THR G 108 29.33 -29.11 -20.53
N VAL G 109 29.69 -28.86 -19.28
CA VAL G 109 29.75 -27.52 -18.69
C VAL G 109 30.56 -26.59 -19.64
N ALA G 110 30.00 -25.43 -19.96
CA ALA G 110 30.66 -24.37 -20.73
C ALA G 110 30.45 -23.03 -20.05
N ALA G 111 31.55 -22.37 -19.71
CA ALA G 111 31.53 -21.03 -19.09
C ALA G 111 30.98 -19.95 -20.03
N PRO G 112 30.16 -19.02 -19.50
CA PRO G 112 29.76 -17.85 -20.28
C PRO G 112 30.94 -16.90 -20.56
N SER G 113 30.96 -16.32 -21.75
CA SER G 113 31.76 -15.10 -22.03
C SER G 113 30.87 -13.92 -21.69
N VAL G 114 31.42 -12.92 -20.98
CA VAL G 114 30.64 -11.80 -20.46
C VAL G 114 31.02 -10.51 -21.19
N PHE G 115 30.01 -9.78 -21.66
CA PHE G 115 30.16 -8.50 -22.37
C PHE G 115 29.21 -7.49 -21.75
N ILE G 116 29.68 -6.24 -21.57
CA ILE G 116 28.83 -5.17 -21.07
C ILE G 116 28.68 -4.01 -22.09
N PHE G 117 27.46 -3.48 -22.19
CA PHE G 117 27.15 -2.35 -23.05
C PHE G 117 26.47 -1.25 -22.24
N PRO G 118 27.11 -0.04 -22.20
CA PRO G 118 26.50 1.18 -21.67
C PRO G 118 25.34 1.62 -22.56
N PRO G 119 24.38 2.43 -22.03
CA PRO G 119 23.37 2.99 -22.96
C PRO G 119 23.99 3.92 -23.98
N SER G 120 23.41 3.97 -25.17
CA SER G 120 23.87 4.83 -26.23
C SER G 120 23.47 6.27 -25.92
N ASP G 121 24.23 7.21 -26.46
CA ASP G 121 23.84 8.62 -26.51
C ASP G 121 22.43 8.81 -27.09
N GLU G 122 22.09 8.04 -28.12
CA GLU G 122 20.74 8.03 -28.71
C GLU G 122 19.62 7.80 -27.67
N GLN G 123 19.79 6.79 -26.81
CA GLN G 123 18.76 6.42 -25.81
C GLN G 123 18.60 7.45 -24.68
N LEU G 124 19.71 8.00 -24.21
CA LEU G 124 19.70 9.04 -23.17
C LEU G 124 18.94 10.29 -23.63
N LYS G 125 19.22 10.73 -24.87
CA LYS G 125 18.46 11.79 -25.56
C LYS G 125 16.95 11.56 -25.54
N SER G 126 16.53 10.29 -25.64
CA SER G 126 15.10 9.94 -25.66
C SER G 126 14.47 9.71 -24.27
N GLY G 127 15.25 9.91 -23.20
CA GLY G 127 14.72 9.91 -21.82
C GLY G 127 15.00 8.72 -20.90
N THR G 128 15.55 7.63 -21.45
CA THR G 128 15.78 6.39 -20.67
C THR G 128 17.20 5.82 -20.84
N ALA G 129 17.61 4.94 -19.93
CA ALA G 129 18.90 4.23 -20.04
C ALA G 129 18.76 2.76 -19.70
N SER G 130 19.17 1.91 -20.63
CA SER G 130 19.28 0.49 -20.35
C SER G 130 20.73 0.07 -20.44
N VAL G 131 21.19 -0.70 -19.46
CA VAL G 131 22.53 -1.25 -19.48
C VAL G 131 22.41 -2.75 -19.75
N VAL G 132 23.10 -3.21 -20.81
CA VAL G 132 23.04 -4.61 -21.25
C VAL G 132 24.28 -5.41 -20.89
N CYS G 133 24.04 -6.49 -20.16
CA CYS G 133 25.08 -7.49 -19.91
C CYS G 133 24.72 -8.73 -20.72
N LEU G 134 25.64 -9.16 -21.57
CA LEU G 134 25.51 -10.37 -22.36
C LEU G 134 26.34 -11.53 -21.82
N LEU G 135 25.70 -12.69 -21.65
CA LEU G 135 26.39 -13.93 -21.33
C LEU G 135 26.30 -14.82 -22.57
N ASN G 136 27.45 -15.09 -23.20
CA ASN G 136 27.43 -15.83 -24.48
C ASN G 136 27.89 -17.28 -24.39
N ASN G 137 27.13 -18.16 -25.05
CA ASN G 137 27.49 -19.56 -25.31
C ASN G 137 27.83 -20.41 -24.09
N PHE G 138 26.87 -20.55 -23.17
CA PHE G 138 27.14 -21.25 -21.93
C PHE G 138 26.20 -22.44 -21.70
N TYR G 139 26.63 -23.36 -20.84
CA TYR G 139 25.82 -24.48 -20.40
C TYR G 139 26.32 -24.92 -19.03
N PRO G 140 25.46 -25.16 -18.02
CA PRO G 140 23.98 -25.23 -18.16
C PRO G 140 23.26 -23.89 -18.19
N ARG G 141 21.94 -23.95 -18.35
CA ARG G 141 21.07 -22.77 -18.43
C ARG G 141 21.21 -21.85 -17.20
N GLU G 142 21.40 -22.47 -16.03
CA GLU G 142 21.45 -21.77 -14.74
C GLU G 142 22.60 -20.79 -14.58
N ALA G 143 22.25 -19.51 -14.54
CA ALA G 143 23.23 -18.45 -14.33
C ALA G 143 22.65 -17.40 -13.39
N LYS G 144 23.50 -16.90 -12.49
CA LYS G 144 23.18 -15.79 -11.61
C LYS G 144 23.91 -14.54 -12.13
N VAL G 145 23.14 -13.49 -12.38
CA VAL G 145 23.67 -12.19 -12.79
C VAL G 145 23.26 -11.13 -11.76
N GLN G 146 24.25 -10.47 -11.14
CA GLN G 146 23.95 -9.39 -10.19
C GLN G 146 24.51 -8.07 -10.65
N TRP G 147 23.67 -7.05 -10.55
CA TRP G 147 24.03 -5.70 -10.90
C TRP G 147 24.49 -4.96 -9.66
N LYS G 148 25.65 -4.33 -9.75
CA LYS G 148 26.11 -3.43 -8.70
C LYS G 148 26.28 -2.07 -9.32
N VAL G 149 25.69 -1.05 -8.69
CA VAL G 149 25.75 0.34 -9.15
C VAL G 149 26.33 1.19 -8.03
N ASP G 150 27.50 1.80 -8.28
CA ASP G 150 28.32 2.46 -7.24
C ASP G 150 28.42 1.62 -5.97
N ASN G 151 28.72 0.33 -6.15
CA ASN G 151 28.83 -0.65 -5.09
C ASN G 151 27.54 -0.97 -4.29
N ALA G 152 26.40 -0.44 -4.77
CA ALA G 152 25.06 -0.87 -4.32
C ALA G 152 24.53 -2.05 -5.15
N LEU G 153 24.32 -3.18 -4.48
CA LEU G 153 23.70 -4.35 -5.12
C LEU G 153 22.23 -4.09 -5.49
N GLN G 154 21.92 -4.20 -6.78
CA GLN G 154 20.59 -3.88 -7.30
C GLN G 154 19.63 -5.06 -7.21
N SER G 155 18.36 -4.77 -6.98
CA SER G 155 17.34 -5.82 -6.93
C SER G 155 16.05 -5.38 -7.58
N GLY G 156 15.42 -6.31 -8.29
CA GLY G 156 14.12 -6.07 -8.93
C GLY G 156 14.04 -5.13 -10.13
N ASN G 157 15.13 -4.39 -10.45
CA ASN G 157 15.13 -3.47 -11.61
C ASN G 157 15.90 -4.02 -12.85
N SER G 158 16.30 -5.27 -12.80
CA SER G 158 16.93 -5.94 -13.94
C SER G 158 16.01 -7.05 -14.49
N GLN G 159 16.27 -7.47 -15.74
CA GLN G 159 15.49 -8.51 -16.40
C GLN G 159 16.34 -9.35 -17.34
N GLU G 160 16.15 -10.67 -17.23
CA GLU G 160 16.92 -11.65 -17.98
C GLU G 160 16.11 -12.29 -19.09
N SER G 161 16.73 -12.41 -20.26
CA SER G 161 16.11 -13.10 -21.37
C SER G 161 17.08 -14.08 -21.98
N VAL G 162 16.58 -15.27 -22.34
CA VAL G 162 17.47 -16.35 -22.70
C VAL G 162 17.10 -16.85 -24.07
N THR G 163 18.10 -17.15 -24.89
CA THR G 163 17.86 -17.77 -26.20
C THR G 163 17.50 -19.25 -26.03
N GLU G 164 16.93 -19.83 -27.07
CA GLU G 164 16.82 -21.29 -27.21
C GLU G 164 18.24 -21.86 -27.39
N GLN G 165 18.42 -23.15 -27.13
CA GLN G 165 19.71 -23.82 -27.32
C GLN G 165 20.18 -23.72 -28.75
N ASP G 166 21.49 -23.59 -28.91
CA ASP G 166 22.11 -23.58 -30.23
C ASP G 166 21.94 -24.94 -30.93
N SER G 167 21.29 -24.90 -32.09
CA SER G 167 21.26 -26.00 -33.10
C SER G 167 22.40 -27.01 -33.16
N LYS G 168 23.64 -26.53 -33.01
CA LYS G 168 24.84 -27.37 -33.10
C LYS G 168 25.61 -27.59 -31.80
N ASP G 169 25.87 -26.52 -31.04
CA ASP G 169 26.69 -26.59 -29.83
C ASP G 169 25.92 -26.79 -28.54
N SER G 170 24.59 -26.65 -28.60
CA SER G 170 23.70 -26.86 -27.42
C SER G 170 23.87 -25.87 -26.25
N THR G 171 24.47 -24.70 -26.55
CA THR G 171 24.71 -23.66 -25.55
C THR G 171 23.55 -22.65 -25.56
N TYR G 172 23.43 -21.90 -24.46
CA TYR G 172 22.50 -20.77 -24.30
C TYR G 172 23.26 -19.46 -24.34
N SER G 173 22.55 -18.39 -24.67
CA SER G 173 23.01 -17.05 -24.46
C SER G 173 21.92 -16.31 -23.71
N LEU G 174 22.32 -15.35 -22.89
CA LEU G 174 21.42 -14.66 -21.98
C LEU G 174 21.69 -13.16 -21.96
N SER G 175 20.65 -12.34 -22.06
CA SER G 175 20.77 -10.92 -21.79
C SER G 175 20.20 -10.59 -20.42
N SER G 176 20.94 -9.77 -19.69
CA SER G 176 20.39 -9.12 -18.53
C SER G 176 20.47 -7.63 -18.76
N THR G 177 19.29 -7.01 -18.74
CA THR G 177 19.13 -5.58 -18.96
C THR G 177 18.75 -4.87 -17.65
N LEU G 178 19.57 -3.90 -17.26
CA LEU G 178 19.29 -3.01 -16.12
C LEU G 178 18.67 -1.76 -16.64
N THR G 179 17.46 -1.48 -16.19
CA THR G 179 16.74 -0.33 -16.72
C THR G 179 16.61 0.74 -15.64
N LEU G 180 16.86 1.98 -16.06
CA LEU G 180 16.87 3.16 -15.21
C LEU G 180 16.42 4.35 -16.03
N SER G 181 15.94 5.38 -15.34
CA SER G 181 15.70 6.69 -15.93
C SER G 181 17.04 7.37 -16.25
N LYS G 182 17.00 8.35 -17.16
CA LYS G 182 18.16 9.18 -17.53
C LYS G 182 18.75 9.92 -16.32
N ALA G 183 17.85 10.42 -15.46
CA ALA G 183 18.19 11.03 -14.17
C ALA G 183 19.00 10.08 -13.28
N ASP G 184 18.44 8.90 -13.01
CA ASP G 184 19.04 7.98 -12.06
C ASP G 184 20.32 7.34 -12.58
N TYR G 185 20.41 7.19 -13.90
CA TYR G 185 21.63 6.69 -14.53
C TYR G 185 22.77 7.68 -14.36
N GLU G 186 22.49 8.97 -14.54
CA GLU G 186 23.47 10.06 -14.37
C GLU G 186 23.82 10.40 -12.92
N LYS G 187 23.13 9.79 -11.96
CA LYS G 187 23.46 9.95 -10.53
C LYS G 187 24.75 9.19 -10.16
N HIS G 188 25.14 8.23 -11.00
CA HIS G 188 26.19 7.27 -10.62
C HIS G 188 27.36 7.17 -11.61
N LYS G 189 28.46 6.61 -11.13
CA LYS G 189 29.62 6.37 -11.99
C LYS G 189 29.80 4.89 -12.36
N VAL G 190 29.86 4.00 -11.36
CA VAL G 190 30.34 2.65 -11.64
C VAL G 190 29.16 1.68 -11.88
N TYR G 191 29.20 1.00 -13.03
CA TYR G 191 28.18 -0.01 -13.40
C TYR G 191 28.82 -1.34 -13.62
N ALA G 192 28.44 -2.33 -12.82
CA ALA G 192 29.06 -3.64 -12.86
C ALA G 192 28.06 -4.79 -12.93
N CYS G 193 28.33 -5.68 -13.88
CA CYS G 193 27.60 -6.91 -14.08
C CYS G 193 28.48 -8.03 -13.53
N GLU G 194 27.98 -8.74 -12.52
CA GLU G 194 28.70 -9.84 -11.90
C GLU G 194 27.97 -11.14 -12.17
N VAL G 195 28.70 -12.09 -12.76
CA VAL G 195 28.14 -13.34 -13.23
C VAL G 195 28.68 -14.50 -12.42
N THR G 196 27.76 -15.37 -12.00
CA THR G 196 28.17 -16.63 -11.39
C THR G 196 27.56 -17.77 -12.19
N HIS G 197 28.37 -18.80 -12.38
CA HIS G 197 28.03 -19.95 -13.21
C HIS G 197 28.96 -21.11 -12.85
N GLN G 198 28.43 -22.32 -13.01
CA GLN G 198 29.13 -23.58 -12.75
C GLN G 198 30.50 -23.67 -13.43
N GLY G 199 30.60 -23.18 -14.66
CA GLY G 199 31.85 -23.20 -15.44
C GLY G 199 32.89 -22.14 -15.08
N LEU G 200 32.57 -21.31 -14.10
CA LEU G 200 33.48 -20.30 -13.58
C LEU G 200 33.90 -20.67 -12.16
N SER G 201 35.21 -20.79 -11.93
CA SER G 201 35.76 -21.07 -10.59
C SER G 201 35.51 -19.92 -9.59
N SER G 202 35.47 -18.69 -10.10
CA SER G 202 35.08 -17.51 -9.31
C SER G 202 34.13 -16.60 -10.13
N PRO G 203 33.33 -15.73 -9.44
CA PRO G 203 32.48 -14.76 -10.14
C PRO G 203 33.24 -13.87 -11.11
N VAL G 204 32.68 -13.66 -12.29
CA VAL G 204 33.29 -12.78 -13.28
C VAL G 204 32.52 -11.46 -13.31
N THR G 205 33.23 -10.37 -13.05
CA THR G 205 32.66 -9.03 -13.16
C THR G 205 33.10 -8.35 -14.46
N LYS G 206 32.16 -7.69 -15.13
CA LYS G 206 32.47 -6.69 -16.16
C LYS G 206 31.86 -5.38 -15.74
N SER G 207 32.62 -4.30 -15.87
CA SER G 207 32.20 -3.00 -15.35
C SER G 207 32.78 -1.85 -16.13
N PHE G 208 31.96 -0.80 -16.25
CA PHE G 208 32.42 0.49 -16.75
C PHE G 208 32.11 1.67 -15.83
N ASN G 209 32.80 2.78 -16.11
CA ASN G 209 32.48 4.08 -15.51
C ASN G 209 31.82 4.97 -16.54
N ARG G 210 30.74 5.61 -16.11
CA ARG G 210 29.94 6.47 -16.97
C ARG G 210 30.72 7.65 -17.57
N GLY G 211 30.67 7.79 -18.89
CA GLY G 211 31.28 8.93 -19.59
C GLY G 211 32.67 8.67 -20.15
N GLU G 212 33.49 7.94 -19.39
CA GLU G 212 34.87 7.62 -19.75
C GLU G 212 35.03 6.92 -21.11
N CYS G 213 36.12 7.26 -21.80
CA CYS G 213 36.46 6.66 -23.08
C CYS G 213 37.85 6.03 -23.02
N VAL H 2 1.26 -27.59 -51.56
CA VAL H 2 0.20 -27.34 -50.55
C VAL H 2 0.73 -26.29 -49.58
N THR H 3 0.08 -25.12 -49.54
CA THR H 3 0.45 -24.04 -48.63
C THR H 3 -0.80 -23.42 -48.05
N LEU H 4 -0.67 -22.86 -46.85
CA LEU H 4 -1.73 -22.18 -46.17
C LEU H 4 -1.13 -20.93 -45.52
N ARG H 5 -1.89 -19.85 -45.48
CA ARG H 5 -1.45 -18.62 -44.83
C ARG H 5 -2.58 -17.92 -44.08
N GLU H 6 -2.32 -17.64 -42.80
CA GLU H 6 -3.28 -16.92 -41.95
C GLU H 6 -3.10 -15.40 -42.09
N SER H 7 -4.21 -14.67 -42.09
CA SER H 7 -4.15 -13.22 -41.93
C SER H 7 -5.31 -12.69 -41.07
N GLY H 8 -5.03 -11.55 -40.43
CA GLY H 8 -5.98 -10.82 -39.59
C GLY H 8 -5.19 -9.79 -38.81
N PRO H 9 -5.85 -9.03 -37.90
CA PRO H 9 -5.17 -7.99 -37.11
C PRO H 9 -4.20 -8.56 -36.05
N ALA H 10 -3.09 -7.85 -35.80
CA ALA H 10 -2.17 -8.19 -34.71
C ALA H 10 -2.77 -7.82 -33.35
N LEU H 11 -3.73 -6.91 -33.36
CA LEU H 11 -4.29 -6.39 -32.11
C LEU H 11 -5.82 -6.28 -32.15
N VAL H 12 -6.49 -6.82 -31.13
CA VAL H 12 -7.94 -6.63 -30.98
C VAL H 12 -8.22 -6.22 -29.54
N LYS H 13 -9.24 -5.38 -29.38
CA LYS H 13 -9.62 -4.85 -28.08
C LYS H 13 -10.53 -5.89 -27.40
N PRO H 14 -10.54 -5.95 -26.04
CA PRO H 14 -11.47 -6.86 -25.36
C PRO H 14 -12.91 -6.58 -25.73
N THR H 15 -13.72 -7.66 -25.82
CA THR H 15 -15.12 -7.67 -26.33
C THR H 15 -15.28 -7.56 -27.84
N GLN H 16 -14.21 -7.26 -28.57
CA GLN H 16 -14.31 -7.14 -30.03
C GLN H 16 -14.31 -8.53 -30.67
N THR H 17 -14.68 -8.57 -31.94
CA THR H 17 -14.64 -9.77 -32.72
C THR H 17 -13.34 -9.87 -33.50
N LEU H 18 -12.69 -11.02 -33.38
CA LEU H 18 -11.58 -11.37 -34.25
C LEU H 18 -12.03 -12.09 -35.52
N THR H 19 -11.60 -11.57 -36.67
CA THR H 19 -11.74 -12.26 -37.96
C THR H 19 -10.39 -12.63 -38.54
N LEU H 20 -10.19 -13.95 -38.69
CA LEU H 20 -9.03 -14.53 -39.34
C LEU H 20 -9.41 -15.20 -40.61
N THR H 21 -8.52 -15.06 -41.61
CA THR H 21 -8.68 -15.69 -42.89
C THR H 21 -7.53 -16.65 -43.13
N CYS H 22 -7.85 -17.79 -43.71
CA CYS H 22 -6.84 -18.73 -44.14
C CYS H 22 -6.97 -18.77 -45.65
N THR H 23 -5.88 -18.44 -46.34
CA THR H 23 -5.80 -18.57 -47.81
C THR H 23 -4.88 -19.70 -48.14
N PHE H 24 -5.34 -20.61 -48.99
CA PHE H 24 -4.59 -21.81 -49.30
C PHE H 24 -4.44 -22.07 -50.79
N SER H 25 -3.50 -22.95 -51.12
CA SER H 25 -3.24 -23.33 -52.50
C SER H 25 -2.75 -24.77 -52.47
N GLY H 26 -2.84 -25.44 -53.62
CA GLY H 26 -2.35 -26.79 -53.79
C GLY H 26 -3.42 -27.84 -53.53
N PHE H 27 -4.59 -27.37 -53.10
CA PHE H 27 -5.75 -28.23 -52.90
C PHE H 27 -7.02 -27.40 -52.96
N SER H 28 -8.12 -28.08 -53.15
CA SER H 28 -9.40 -27.46 -53.22
C SER H 28 -10.32 -27.99 -52.12
N LEU H 29 -11.05 -27.08 -51.51
CA LEU H 29 -12.08 -27.44 -50.56
C LEU H 29 -13.42 -27.82 -51.22
N SER H 30 -13.39 -27.96 -52.55
CA SER H 30 -14.42 -28.66 -53.35
C SER H 30 -14.15 -30.16 -53.42
N THR H 31 -12.92 -30.56 -53.13
CA THR H 31 -12.50 -31.95 -53.23
C THR H 31 -13.12 -32.72 -52.08
N ALA H 32 -13.86 -33.78 -52.39
CA ALA H 32 -14.42 -34.67 -51.36
C ALA H 32 -13.33 -35.17 -50.44
N GLY H 33 -13.60 -35.12 -49.14
CA GLY H 33 -12.67 -35.62 -48.11
C GLY H 33 -11.79 -34.52 -47.52
N MET H 34 -11.82 -33.33 -48.14
CA MET H 34 -10.94 -32.22 -47.75
C MET H 34 -11.49 -31.37 -46.60
N SER H 35 -10.59 -30.87 -45.75
CA SER H 35 -10.95 -30.06 -44.59
C SER H 35 -9.83 -29.06 -44.22
N VAL H 36 -10.21 -27.91 -43.65
CA VAL H 36 -9.28 -26.95 -43.02
C VAL H 36 -9.74 -26.78 -41.60
N GLY H 37 -8.78 -26.85 -40.68
CA GLY H 37 -9.04 -26.56 -39.29
C GLY H 37 -8.23 -25.43 -38.71
N TRP H 38 -8.70 -24.94 -37.59
CA TRP H 38 -8.02 -23.91 -36.82
C TRP H 38 -7.50 -24.43 -35.48
N ILE H 39 -6.28 -24.00 -35.17
CA ILE H 39 -5.54 -24.37 -33.96
C ILE H 39 -4.89 -23.12 -33.40
N ARG H 40 -4.92 -22.97 -32.08
CA ARG H 40 -4.21 -21.85 -31.45
C ARG H 40 -3.30 -22.28 -30.32
N GLN H 41 -2.46 -21.35 -29.89
CA GLN H 41 -1.46 -21.62 -28.87
C GLN H 41 -1.16 -20.33 -28.15
N PRO H 42 -1.62 -20.21 -26.88
CA PRO H 42 -1.24 -19.09 -26.05
C PRO H 42 0.26 -19.16 -25.73
N PRO H 43 0.89 -18.00 -25.50
CA PRO H 43 2.33 -17.90 -25.20
C PRO H 43 2.74 -18.88 -24.10
N GLY H 44 3.64 -19.80 -24.42
CA GLY H 44 4.15 -20.76 -23.44
C GLY H 44 3.29 -21.98 -23.13
N LYS H 45 2.09 -22.07 -23.71
CA LYS H 45 1.16 -23.17 -23.36
C LYS H 45 0.93 -24.17 -24.50
N ALA H 46 0.07 -25.16 -24.27
CA ALA H 46 -0.19 -26.22 -25.25
C ALA H 46 -0.99 -25.73 -26.46
N LEU H 47 -0.95 -26.51 -27.53
CA LEU H 47 -1.79 -26.33 -28.69
C LEU H 47 -3.24 -26.69 -28.33
N GLU H 48 -4.18 -25.93 -28.89
CA GLU H 48 -5.64 -26.15 -28.71
C GLU H 48 -6.40 -26.07 -30.05
N TRP H 49 -7.07 -27.17 -30.41
CA TRP H 49 -7.95 -27.20 -31.59
C TRP H 49 -9.20 -26.36 -31.36
N LEU H 50 -9.58 -25.57 -32.37
CA LEU H 50 -10.72 -24.66 -32.28
C LEU H 50 -11.95 -25.09 -33.07
N ALA H 51 -11.75 -25.36 -34.36
CA ALA H 51 -12.80 -25.52 -35.29
C ALA H 51 -12.28 -26.13 -36.57
N ASP H 52 -13.14 -26.86 -37.27
CA ASP H 52 -12.85 -27.31 -38.63
C ASP H 52 -14.08 -27.21 -39.55
N ILE H 53 -13.81 -27.23 -40.85
CA ILE H 53 -14.84 -27.14 -41.88
C ILE H 53 -14.52 -28.14 -42.97
N TRP H 54 -15.53 -28.86 -43.43
CA TRP H 54 -15.36 -29.88 -44.45
C TRP H 54 -15.85 -29.45 -45.83
N TRP H 55 -15.42 -30.17 -46.87
CA TRP H 55 -15.86 -29.91 -48.26
C TRP H 55 -17.38 -29.82 -48.45
N ASP H 56 -18.15 -30.55 -47.63
CA ASP H 56 -19.63 -30.54 -47.78
C ASP H 56 -20.32 -29.57 -46.82
N ASP H 57 -19.53 -28.62 -46.30
CA ASP H 57 -19.97 -27.57 -45.37
C ASP H 57 -20.25 -28.02 -43.92
N LYS H 58 -19.94 -29.26 -43.56
CA LYS H 58 -19.94 -29.70 -42.14
C LYS H 58 -18.88 -28.96 -41.31
N LYS H 59 -19.27 -28.51 -40.13
CA LYS H 59 -18.41 -27.72 -39.25
C LYS H 59 -18.38 -28.35 -37.89
N HIS H 60 -17.22 -28.32 -37.25
CA HIS H 60 -17.12 -28.73 -35.87
C HIS H 60 -16.40 -27.69 -35.05
N TYR H 61 -16.79 -27.64 -33.79
CA TYR H 61 -16.23 -26.66 -32.86
C TYR H 61 -15.74 -27.29 -31.56
N ASN H 62 -14.73 -26.70 -30.95
CA ASN H 62 -14.32 -27.04 -29.61
C ASN H 62 -15.50 -26.63 -28.70
N PRO H 63 -16.07 -27.59 -27.91
CA PRO H 63 -17.23 -27.28 -27.04
C PRO H 63 -17.04 -26.10 -26.08
N SER H 64 -15.85 -25.98 -25.49
CA SER H 64 -15.53 -24.87 -24.60
C SER H 64 -15.54 -23.47 -25.24
N LEU H 65 -15.37 -23.38 -26.56
CA LEU H 65 -15.48 -22.09 -27.25
C LEU H 65 -16.70 -21.95 -28.18
N LYS H 66 -17.35 -23.08 -28.48
CA LYS H 66 -18.44 -23.19 -29.48
C LYS H 66 -19.33 -21.96 -29.68
N ASP H 67 -19.78 -21.38 -28.55
CA ASP H 67 -20.70 -20.25 -28.54
C ASP H 67 -20.13 -19.07 -29.29
N ARG H 68 -18.81 -18.98 -29.25
CA ARG H 68 -18.09 -17.79 -29.68
C ARG H 68 -17.47 -17.91 -31.07
N LEU H 69 -17.54 -19.09 -31.68
CA LEU H 69 -16.87 -19.38 -32.97
C LEU H 69 -17.80 -19.53 -34.15
N THR H 70 -17.41 -18.96 -35.30
CA THR H 70 -18.12 -19.24 -36.54
C THR H 70 -17.06 -19.48 -37.60
N ILE H 71 -17.14 -20.64 -38.23
CA ILE H 71 -16.25 -20.99 -39.36
C ILE H 71 -17.02 -20.97 -40.67
N SER H 72 -16.37 -20.48 -41.74
CA SER H 72 -16.98 -20.43 -43.05
C SER H 72 -15.95 -20.63 -44.18
N LYS H 73 -16.45 -20.98 -45.37
CA LYS H 73 -15.58 -21.20 -46.55
C LYS H 73 -16.07 -20.41 -47.77
N ASP H 74 -15.11 -20.01 -48.60
CA ASP H 74 -15.42 -19.52 -49.94
C ASP H 74 -14.44 -20.19 -50.90
N THR H 75 -14.94 -21.24 -51.55
CA THR H 75 -14.11 -22.12 -52.37
C THR H 75 -13.57 -21.47 -53.65
N SER H 76 -14.30 -20.49 -54.19
CA SER H 76 -13.85 -19.72 -55.35
C SER H 76 -12.67 -18.80 -55.02
N LYS H 77 -12.49 -18.50 -53.74
CA LYS H 77 -11.37 -17.67 -53.28
C LYS H 77 -10.24 -18.46 -52.60
N ASN H 78 -10.42 -19.78 -52.47
CA ASN H 78 -9.58 -20.64 -51.64
C ASN H 78 -9.36 -20.06 -50.22
N GLN H 79 -10.45 -19.68 -49.57
CA GLN H 79 -10.34 -19.03 -48.27
C GLN H 79 -11.30 -19.63 -47.29
N VAL H 80 -10.87 -19.70 -46.04
CA VAL H 80 -11.69 -20.15 -44.91
C VAL H 80 -11.57 -19.05 -43.86
N VAL H 81 -12.71 -18.66 -43.30
CA VAL H 81 -12.74 -17.61 -42.31
C VAL H 81 -13.12 -18.19 -40.95
N LEU H 82 -12.42 -17.75 -39.90
CA LEU H 82 -12.84 -18.02 -38.54
C LEU H 82 -13.19 -16.72 -37.84
N LYS H 83 -14.41 -16.65 -37.29
CA LYS H 83 -14.79 -15.51 -36.45
C LYS H 83 -14.85 -15.90 -35.00
N VAL H 84 -14.25 -15.06 -34.14
CA VAL H 84 -14.20 -15.30 -32.72
C VAL H 84 -14.73 -14.06 -32.01
N THR H 85 -15.96 -14.16 -31.51
CA THR H 85 -16.62 -13.03 -30.84
C THR H 85 -16.13 -12.86 -29.42
N ASN H 86 -16.37 -11.67 -28.86
CA ASN H 86 -16.13 -11.33 -27.44
C ASN H 86 -14.71 -11.72 -26.97
N MET H 87 -13.71 -11.22 -27.70
CA MET H 87 -12.30 -11.54 -27.38
C MET H 87 -11.94 -11.06 -25.96
N ASP H 88 -11.17 -11.87 -25.24
CA ASP H 88 -10.63 -11.44 -23.94
C ASP H 88 -9.16 -11.87 -23.76
N PRO H 89 -8.46 -11.42 -22.70
CA PRO H 89 -7.01 -11.74 -22.53
C PRO H 89 -6.61 -13.22 -22.67
N ALA H 90 -7.53 -14.14 -22.37
CA ALA H 90 -7.35 -15.58 -22.63
C ALA H 90 -7.14 -15.91 -24.11
N ASP H 91 -7.63 -15.05 -24.99
CA ASP H 91 -7.57 -15.31 -26.40
C ASP H 91 -6.28 -14.79 -27.10
N THR H 92 -5.40 -14.15 -26.34
CA THR H 92 -4.06 -13.75 -26.85
C THR H 92 -3.24 -14.99 -27.20
N ALA H 93 -2.97 -15.18 -28.50
CA ALA H 93 -2.34 -16.43 -28.97
C ALA H 93 -1.82 -16.33 -30.37
N THR H 94 -1.04 -17.34 -30.76
CA THR H 94 -0.78 -17.56 -32.19
C THR H 94 -1.87 -18.48 -32.73
N TYR H 95 -2.49 -18.09 -33.85
CA TYR H 95 -3.56 -18.87 -34.51
C TYR H 95 -3.00 -19.48 -35.77
N TYR H 96 -3.24 -20.79 -35.97
CA TYR H 96 -2.82 -21.56 -37.10
C TYR H 96 -4.04 -22.11 -37.78
N CYS H 97 -3.98 -22.09 -39.10
CA CYS H 97 -4.84 -22.91 -39.94
C CYS H 97 -4.05 -24.07 -40.56
N ALA H 98 -4.74 -25.18 -40.83
CA ALA H 98 -4.07 -26.38 -41.31
C ALA H 98 -5.02 -27.29 -42.04
N ARG H 99 -4.48 -28.09 -42.96
CA ARG H 99 -5.28 -28.97 -43.78
C ARG H 99 -5.47 -30.34 -43.14
N ASP H 100 -6.71 -30.85 -43.23
CA ASP H 100 -7.03 -32.20 -42.81
C ASP H 100 -7.70 -32.94 -43.96
N MET H 101 -7.61 -34.25 -43.96
CA MET H 101 -8.28 -35.07 -44.96
C MET H 101 -9.05 -36.20 -44.28
N ILE H 102 -10.15 -36.68 -44.90
CA ILE H 102 -10.99 -37.75 -44.28
C ILE H 102 -10.30 -39.10 -44.09
N PHE H 103 -9.27 -39.36 -44.86
CA PHE H 103 -8.47 -40.56 -44.69
C PHE H 103 -7.46 -40.44 -43.56
N ASN H 104 -7.25 -39.23 -43.04
CA ASN H 104 -6.16 -38.96 -42.10
C ASN H 104 -6.65 -38.66 -40.67
N PHE H 105 -7.55 -37.67 -40.53
CA PHE H 105 -7.87 -37.07 -39.22
C PHE H 105 -6.61 -36.67 -38.43
N TYR H 106 -5.72 -35.98 -39.14
CA TYR H 106 -4.56 -35.34 -38.51
C TYR H 106 -4.18 -34.19 -39.44
N PHE H 107 -3.48 -33.20 -38.94
CA PHE H 107 -3.18 -32.03 -39.77
C PHE H 107 -1.80 -32.21 -40.33
N ASP H 108 -1.71 -32.38 -41.65
CA ASP H 108 -0.46 -32.73 -42.30
C ASP H 108 0.38 -31.50 -42.74
N VAL H 109 -0.29 -30.41 -43.15
CA VAL H 109 0.38 -29.17 -43.56
C VAL H 109 -0.27 -28.02 -42.84
N TRP H 110 0.55 -27.12 -42.33
CA TRP H 110 0.12 -26.02 -41.48
C TRP H 110 0.53 -24.68 -42.08
N GLY H 111 -0.20 -23.62 -41.74
CA GLY H 111 0.24 -22.26 -41.97
C GLY H 111 1.33 -21.90 -41.00
N GLN H 112 1.97 -20.77 -41.29
CA GLN H 112 3.04 -20.27 -40.46
C GLN H 112 2.56 -19.72 -39.10
N GLY H 113 1.27 -19.37 -39.00
CA GLY H 113 0.69 -18.79 -37.78
C GLY H 113 0.65 -17.28 -37.78
N THR H 114 -0.39 -16.73 -37.17
CA THR H 114 -0.47 -15.28 -37.01
C THR H 114 -0.70 -14.97 -35.53
N THR H 115 0.04 -13.98 -35.02
CA THR H 115 0.00 -13.62 -33.62
C THR H 115 -1.07 -12.56 -33.37
N VAL H 116 -1.92 -12.81 -32.37
CA VAL H 116 -3.03 -11.93 -32.06
C VAL H 116 -2.90 -11.64 -30.59
N THR H 117 -2.92 -10.35 -30.28
CA THR H 117 -2.90 -9.87 -28.91
C THR H 117 -4.24 -9.17 -28.61
N VAL H 118 -4.82 -9.47 -27.44
CA VAL H 118 -6.05 -8.80 -26.98
C VAL H 118 -5.70 -7.79 -25.88
N SER H 119 -5.93 -6.50 -26.17
CA SER H 119 -5.45 -5.41 -25.32
C SER H 119 -6.13 -4.13 -25.73
N SER H 120 -6.36 -3.27 -24.74
CA SER H 120 -6.88 -1.92 -24.97
C SER H 120 -5.81 -0.92 -25.45
N ALA H 121 -4.53 -1.30 -25.30
CA ALA H 121 -3.39 -0.43 -25.64
C ALA H 121 -3.24 -0.25 -27.14
N SER H 122 -2.72 0.90 -27.54
CA SER H 122 -2.61 1.19 -28.97
C SER H 122 -1.31 0.63 -29.51
N THR H 123 -1.28 0.46 -30.83
CA THR H 123 -0.08 0.08 -31.56
C THR H 123 1.00 1.16 -31.43
N LYS H 124 2.25 0.76 -31.26
CA LYS H 124 3.36 1.71 -31.22
C LYS H 124 4.55 1.10 -31.94
N GLY H 125 5.19 1.85 -32.83
CA GLY H 125 6.41 1.36 -33.49
C GLY H 125 7.65 1.40 -32.60
N PRO H 126 8.66 0.58 -32.93
CA PRO H 126 9.81 0.48 -32.05
C PRO H 126 10.80 1.65 -32.16
N SER H 127 11.52 1.91 -31.07
CA SER H 127 12.77 2.67 -31.11
C SER H 127 13.95 1.70 -31.12
N VAL H 128 14.97 2.02 -31.92
CA VAL H 128 16.16 1.16 -32.08
C VAL H 128 17.43 1.88 -31.71
N PHE H 129 18.21 1.32 -30.78
CA PHE H 129 19.44 1.95 -30.25
C PHE H 129 20.64 1.01 -30.37
N PRO H 130 21.82 1.58 -30.63
CA PRO H 130 22.98 0.70 -30.88
C PRO H 130 23.56 0.20 -29.58
N LEU H 131 24.03 -1.03 -29.58
CA LEU H 131 24.88 -1.53 -28.49
C LEU H 131 26.30 -1.56 -29.10
N ALA H 132 27.03 -0.47 -28.86
CA ALA H 132 28.30 -0.24 -29.53
C ALA H 132 29.41 -1.17 -29.02
N PRO H 133 30.15 -1.82 -29.94
CA PRO H 133 31.24 -2.66 -29.43
C PRO H 133 32.39 -1.81 -28.84
N SER H 134 33.12 -2.36 -27.88
CA SER H 134 34.21 -1.65 -27.20
C SER H 134 35.04 -2.72 -26.54
N SER H 135 36.11 -2.33 -25.86
CA SER H 135 36.91 -3.28 -25.07
C SER H 135 36.07 -3.92 -23.95
N LYS H 136 35.01 -3.23 -23.53
CA LYS H 136 34.04 -3.73 -22.52
C LYS H 136 33.10 -4.82 -23.06
N SER H 137 32.98 -4.90 -24.37
CA SER H 137 32.28 -6.03 -25.02
C SER H 137 33.26 -6.89 -25.83
N THR H 138 34.37 -7.23 -25.17
CA THR H 138 35.35 -8.18 -25.69
C THR H 138 35.60 -9.18 -24.57
N SER H 139 35.74 -10.44 -24.94
CA SER H 139 36.05 -11.52 -24.01
C SER H 139 36.84 -12.53 -24.82
N GLY H 140 38.13 -12.62 -24.50
CA GLY H 140 39.04 -13.61 -25.09
C GLY H 140 39.08 -13.72 -26.59
N GLY H 141 39.25 -12.58 -27.28
CA GLY H 141 39.37 -12.61 -28.73
C GLY H 141 38.05 -12.59 -29.50
N THR H 142 36.92 -12.59 -28.77
CA THR H 142 35.59 -12.37 -29.38
C THR H 142 35.06 -11.00 -29.03
N ALA H 143 34.52 -10.32 -30.02
CA ALA H 143 33.82 -9.04 -29.84
C ALA H 143 32.28 -9.24 -29.91
N ALA H 144 31.51 -8.44 -29.17
CA ALA H 144 30.04 -8.38 -29.38
C ALA H 144 29.52 -6.96 -29.64
N LEU H 145 28.45 -6.89 -30.40
CA LEU H 145 27.76 -5.66 -30.73
C LEU H 145 26.28 -6.00 -30.87
N GLY H 146 25.41 -5.00 -30.80
CA GLY H 146 24.01 -5.30 -30.97
C GLY H 146 23.15 -4.11 -31.19
N CYS H 147 21.85 -4.36 -31.13
CA CYS H 147 20.83 -3.32 -31.16
C CYS H 147 19.82 -3.62 -30.07
N LEU H 148 19.40 -2.57 -29.37
CA LEU H 148 18.31 -2.59 -28.41
C LEU H 148 17.02 -2.10 -29.11
N VAL H 149 16.03 -2.98 -29.21
CA VAL H 149 14.74 -2.65 -29.82
C VAL H 149 13.73 -2.43 -28.69
N LYS H 150 13.24 -1.20 -28.56
CA LYS H 150 12.55 -0.79 -27.35
C LYS H 150 11.20 -0.16 -27.67
N ASP H 151 10.28 -0.27 -26.74
CA ASP H 151 9.02 0.50 -26.73
C ASP H 151 8.03 0.30 -27.88
N TYR H 152 7.83 -0.95 -28.28
CA TYR H 152 6.86 -1.25 -29.29
C TYR H 152 5.67 -2.10 -28.74
N PHE H 153 4.53 -2.04 -29.44
CA PHE H 153 3.30 -2.82 -29.11
C PHE H 153 2.45 -2.99 -30.34
N PRO H 154 1.87 -4.17 -30.58
CA PRO H 154 2.11 -5.39 -29.80
C PRO H 154 3.29 -6.16 -30.39
N GLU H 155 3.58 -7.35 -29.86
CA GLU H 155 4.28 -8.40 -30.64
C GLU H 155 3.69 -8.67 -32.03
N PRO H 156 4.51 -9.08 -33.02
CA PRO H 156 5.94 -9.34 -32.84
C PRO H 156 6.79 -8.37 -33.68
N VAL H 157 8.10 -8.46 -33.52
CA VAL H 157 9.07 -7.66 -34.26
C VAL H 157 9.94 -8.70 -34.95
N THR H 158 10.37 -8.46 -36.20
CA THR H 158 11.43 -9.27 -36.77
C THR H 158 12.73 -8.47 -36.78
N VAL H 159 13.84 -9.07 -36.34
CA VAL H 159 15.18 -8.43 -36.38
C VAL H 159 16.10 -9.30 -37.25
N SER H 160 16.68 -8.68 -38.27
CA SER H 160 17.78 -9.32 -39.00
C SER H 160 19.02 -8.40 -38.98
N TRP H 161 20.18 -8.91 -39.44
CA TRP H 161 21.41 -8.12 -39.49
C TRP H 161 21.85 -8.14 -40.93
N ASN H 162 22.26 -6.98 -41.44
CA ASN H 162 22.57 -6.78 -42.88
C ASN H 162 21.57 -7.45 -43.84
N SER H 163 20.29 -7.18 -43.60
CA SER H 163 19.16 -7.67 -44.39
C SER H 163 19.11 -9.19 -44.52
N GLY H 164 19.43 -9.89 -43.42
CA GLY H 164 19.51 -11.35 -43.39
C GLY H 164 20.77 -11.96 -44.00
N ALA H 165 21.68 -11.11 -44.54
CA ALA H 165 22.95 -11.60 -45.12
C ALA H 165 23.95 -12.03 -44.08
N LEU H 166 23.72 -11.65 -42.82
CA LEU H 166 24.57 -12.04 -41.72
C LEU H 166 23.76 -12.79 -40.66
N THR H 167 24.08 -14.07 -40.44
CA THR H 167 23.33 -14.92 -39.48
C THR H 167 24.24 -15.56 -38.45
N SER H 168 25.51 -15.76 -38.82
CA SER H 168 26.45 -16.41 -37.92
C SER H 168 26.78 -15.52 -36.71
N GLY H 169 26.76 -16.12 -35.53
CA GLY H 169 26.91 -15.42 -34.26
C GLY H 169 25.77 -14.50 -33.79
N VAL H 170 24.65 -14.46 -34.52
CA VAL H 170 23.47 -13.63 -34.15
C VAL H 170 22.68 -14.33 -33.05
N HIS H 171 22.42 -13.63 -31.94
CA HIS H 171 21.46 -14.07 -30.93
C HIS H 171 20.41 -13.02 -30.74
N THR H 172 19.18 -13.34 -31.15
CA THR H 172 18.09 -12.40 -30.94
C THR H 172 17.23 -12.93 -29.79
N PHE H 173 17.10 -12.14 -28.73
CA PHE H 173 16.46 -12.58 -27.50
C PHE H 173 14.94 -12.46 -27.52
N PRO H 174 14.24 -13.30 -26.74
CA PRO H 174 12.79 -13.16 -26.70
C PRO H 174 12.39 -11.78 -26.16
N ALA H 175 11.36 -11.20 -26.75
CA ALA H 175 10.78 -9.96 -26.23
C ALA H 175 10.25 -10.14 -24.82
N VAL H 176 10.45 -9.12 -23.99
CA VAL H 176 9.96 -9.06 -22.61
C VAL H 176 9.01 -7.85 -22.54
N LEU H 177 7.77 -8.08 -22.09
CA LEU H 177 6.88 -6.93 -21.77
C LEU H 177 7.39 -6.14 -20.57
N GLN H 178 7.68 -4.86 -20.76
CA GLN H 178 8.27 -4.00 -19.71
C GLN H 178 7.16 -3.46 -18.78
N SER H 179 7.59 -2.91 -17.64
CA SER H 179 6.71 -2.30 -16.61
C SER H 179 5.83 -1.17 -17.16
N SER H 180 6.31 -0.54 -18.24
CA SER H 180 5.58 0.47 -19.01
C SER H 180 4.45 -0.10 -19.90
N GLY H 181 4.41 -1.41 -20.09
CA GLY H 181 3.39 -1.99 -20.99
C GLY H 181 3.83 -2.08 -22.45
N LEU H 182 5.11 -1.80 -22.71
CA LEU H 182 5.68 -1.94 -24.05
C LEU H 182 6.76 -2.99 -24.07
N TYR H 183 6.94 -3.67 -25.21
CA TYR H 183 7.91 -4.73 -25.30
C TYR H 183 9.29 -4.17 -25.58
N SER H 184 10.31 -4.91 -25.16
CA SER H 184 11.71 -4.60 -25.43
C SER H 184 12.54 -5.86 -25.63
N LEU H 185 13.51 -5.80 -26.53
CA LEU H 185 14.48 -6.90 -26.69
C LEU H 185 15.79 -6.36 -27.26
N SER H 186 16.86 -7.12 -27.04
CA SER H 186 18.12 -6.92 -27.73
C SER H 186 18.40 -8.03 -28.76
N SER H 187 19.12 -7.64 -29.81
CA SER H 187 19.67 -8.57 -30.75
C SER H 187 21.18 -8.38 -30.73
N VAL H 188 21.95 -9.45 -30.50
CA VAL H 188 23.43 -9.30 -30.48
C VAL H 188 24.07 -10.11 -31.63
N VAL H 189 25.28 -9.73 -32.01
CA VAL H 189 26.07 -10.56 -32.93
C VAL H 189 27.50 -10.62 -32.37
N THR H 190 28.08 -11.81 -32.34
CA THR H 190 29.46 -11.95 -31.89
C THR H 190 30.38 -12.22 -33.10
N VAL H 191 31.54 -11.58 -33.09
CA VAL H 191 32.48 -11.64 -34.23
C VAL H 191 33.89 -11.81 -33.63
N PRO H 192 34.85 -12.49 -34.33
CA PRO H 192 36.21 -12.37 -33.80
C PRO H 192 36.65 -10.90 -33.83
N SER H 193 37.34 -10.47 -32.79
CA SER H 193 37.76 -9.08 -32.62
C SER H 193 38.56 -8.59 -33.83
N SER H 194 39.50 -9.39 -34.31
CA SER H 194 40.23 -9.13 -35.60
C SER H 194 39.37 -9.03 -36.86
N SER H 195 38.11 -9.45 -36.79
CA SER H 195 37.20 -9.37 -37.93
C SER H 195 36.33 -8.12 -37.91
N LEU H 196 36.18 -7.48 -36.75
CA LEU H 196 35.22 -6.40 -36.57
C LEU H 196 35.60 -5.13 -37.34
N GLY H 197 36.72 -4.50 -36.94
CA GLY H 197 37.34 -3.34 -37.65
C GLY H 197 36.45 -2.17 -38.00
N THR H 198 36.14 -2.06 -39.29
CA THR H 198 35.24 -1.02 -39.83
C THR H 198 34.15 -1.64 -40.69
N GLN H 199 33.92 -2.95 -40.50
CA GLN H 199 32.83 -3.67 -41.19
C GLN H 199 31.48 -2.96 -40.97
N THR H 200 30.55 -3.11 -41.90
CA THR H 200 29.26 -2.46 -41.77
C THR H 200 28.32 -3.47 -41.11
N TYR H 201 27.77 -3.07 -39.95
CA TYR H 201 26.75 -3.84 -39.24
C TYR H 201 25.50 -3.00 -39.12
N ILE H 202 24.46 -3.40 -39.85
CA ILE H 202 23.15 -2.75 -39.78
C ILE H 202 22.14 -3.75 -39.18
N CYS H 203 21.45 -3.35 -38.12
CA CYS H 203 20.30 -4.19 -37.68
C CYS H 203 19.01 -3.70 -38.35
N ASN H 204 18.29 -4.61 -39.01
CA ASN H 204 17.04 -4.24 -39.68
C ASN H 204 15.84 -4.75 -38.87
N VAL H 205 14.98 -3.82 -38.47
CA VAL H 205 13.89 -4.09 -37.56
C VAL H 205 12.61 -3.85 -38.33
N ASN H 206 11.72 -4.85 -38.32
CA ASN H 206 10.41 -4.74 -38.97
C ASN H 206 9.29 -5.01 -37.92
N HIS H 207 8.49 -3.98 -37.67
CA HIS H 207 7.27 -4.09 -36.83
C HIS H 207 6.02 -4.04 -37.74
N LYS H 208 5.65 -5.21 -38.24
CA LYS H 208 4.49 -5.29 -39.16
C LYS H 208 3.21 -4.70 -38.54
N PRO H 209 2.95 -4.88 -37.22
CA PRO H 209 1.75 -4.23 -36.63
C PRO H 209 1.63 -2.72 -36.83
N SER H 210 2.74 -1.97 -36.73
CA SER H 210 2.71 -0.53 -37.01
C SER H 210 3.16 -0.18 -38.46
N ASN H 211 3.47 -1.19 -39.25
CA ASN H 211 4.13 -1.05 -40.58
C ASN H 211 5.32 -0.07 -40.50
N THR H 212 6.24 -0.37 -39.59
CA THR H 212 7.44 0.45 -39.38
C THR H 212 8.67 -0.42 -39.54
N LYS H 213 9.60 0.06 -40.37
CA LYS H 213 10.90 -0.56 -40.56
C LYS H 213 11.93 0.46 -40.09
N VAL H 214 12.85 0.02 -39.23
CA VAL H 214 13.94 0.88 -38.73
C VAL H 214 15.23 0.10 -38.96
N ASP H 215 16.21 0.77 -39.57
CA ASP H 215 17.57 0.26 -39.72
C ASP H 215 18.52 1.15 -38.95
N LYS H 216 19.39 0.53 -38.17
CA LYS H 216 20.37 1.28 -37.40
C LYS H 216 21.74 0.68 -37.64
N ARG H 217 22.71 1.55 -37.94
CA ARG H 217 24.07 1.09 -38.11
C ARG H 217 24.81 1.08 -36.78
N VAL H 218 25.54 0.00 -36.53
CA VAL H 218 26.23 -0.22 -35.26
C VAL H 218 27.75 -0.20 -35.48
N GLU H 219 28.40 0.67 -34.72
CA GLU H 219 29.80 1.03 -34.93
C GLU H 219 30.49 1.19 -33.59
N PRO H 220 31.82 0.89 -33.52
CA PRO H 220 32.60 1.13 -32.31
C PRO H 220 32.52 2.61 -31.92
N LYS H 221 32.52 2.86 -30.60
CA LYS H 221 32.36 4.21 -30.07
C LYS H 221 33.74 4.83 -29.79
N SER H 222 34.00 5.99 -30.41
CA SER H 222 35.26 6.73 -30.21
C SER H 222 35.04 7.98 -29.36
N CYS H 223 36.13 8.50 -28.79
CA CYS H 223 36.10 9.64 -27.85
C CYS H 223 35.78 10.96 -28.52
#